data_1DGG
#
_entry.id   1DGG
#
_cell.length_a   83.862
_cell.length_b   140.608
_cell.length_c   231.591
_cell.angle_alpha   90
_cell.angle_beta   90
_cell.angle_gamma   90
#
_symmetry.space_group_name_H-M   'P 21 21 21'
#
loop_
_entity.id
_entity.type
_entity.pdbx_description
1 polymer CATALASE
2 non-polymer 'CYANIDE ION'
3 non-polymer 'PROTOPORPHYRIN IX CONTAINING FE'
4 non-polymer 'NADPH DIHYDRO-NICOTINAMIDE-ADENINE-DINUCLEOTIDE PHOSPHATE'
5 water water
#
_entity_poly.entity_id   1
_entity_poly.type   'polypeptide(L)'
_entity_poly.pdbx_seq_one_letter_code
;RDPASDQMQHWKEQRAAQKADVLTTGAGNPVGDKLNVITVGPRGPLLVQDVVFTDEMAHFDRERIPERVVHAKGAGAFGY
FEVTHDITKYSKAKVFEHIGKKTPIAVRFSTVAGESGSADTVRDPRGFAVKFYTEDGNWDLVGNNTPIFFIRDPILFPSF
IHSQKRNPQTHLKDPDMVWDFWSLRPESLHQVSFLFSDRGIPDGHRHMNGYGSHTFKLVNANGEAVYCKFHYKTDQGIKN
LSVEDAARLSQEDPDYGIRDLFNAIATGKYPSWTFYIQVMTFNQAETFPFNPFDLTKVWPHKDYPLIPVGKLVLNRNPVN
YFAEVEQIAFDPSNMPPGIEASPDKMLQGRLFAYPDTHRHRLGPNYLHIPVNCPYRARVANYQRDGPMCMQDNQGGAPNY
YPNSFGAPEQQPSALEHSIQYSGEVRRFNTANDDNVTQVRAFYVNVLNEEQRKRLCENIAGHLKDAQIFIQKKAVKNFTE
VHPDYGSHIQALLDKYN
;
_entity_poly.pdbx_strand_id   A,B,C,D
#
loop_
_chem_comp.id
_chem_comp.type
_chem_comp.name
_chem_comp.formula
CYN non-polymer 'CYANIDE ION' 'C N -1'
HEM non-polymer 'PROTOPORPHYRIN IX CONTAINING FE' 'C34 H32 Fe N4 O4'
NDP non-polymer 'NADPH DIHYDRO-NICOTINAMIDE-ADENINE-DINUCLEOTIDE PHOSPHATE' 'C21 H30 N7 O17 P3'
#
# COMPACT_ATOMS: atom_id res chain seq x y z
N ARG A 1 -25.79 -32.95 8.55
CA ARG A 1 -26.08 -32.48 7.17
C ARG A 1 -24.84 -32.73 6.30
N ASP A 2 -24.57 -31.81 5.38
CA ASP A 2 -23.40 -31.90 4.49
C ASP A 2 -22.15 -31.45 5.25
N PRO A 3 -20.98 -31.98 4.84
CA PRO A 3 -19.69 -31.64 5.45
C PRO A 3 -19.45 -30.13 5.60
N ALA A 4 -19.78 -29.37 4.56
CA ALA A 4 -19.60 -27.92 4.59
C ALA A 4 -20.28 -27.26 5.79
N SER A 5 -21.54 -27.61 6.01
CA SER A 5 -22.31 -27.04 7.11
C SER A 5 -21.76 -27.43 8.48
N ASP A 6 -21.27 -28.67 8.59
CA ASP A 6 -20.72 -29.19 9.84
C ASP A 6 -19.26 -28.82 10.09
N GLN A 7 -18.78 -27.83 9.35
CA GLN A 7 -17.42 -27.38 9.47
C GLN A 7 -17.03 -27.09 10.91
N MET A 8 -17.77 -26.21 11.57
CA MET A 8 -17.45 -25.86 12.95
C MET A 8 -17.61 -27.01 13.93
N GLN A 9 -18.69 -27.78 13.79
CA GLN A 9 -18.94 -28.91 14.67
C GLN A 9 -17.77 -29.88 14.60
N HIS A 10 -17.29 -30.14 13.39
CA HIS A 10 -16.15 -31.03 13.20
C HIS A 10 -14.88 -30.47 13.81
N TRP A 11 -14.70 -29.15 13.73
CA TRP A 11 -13.52 -28.51 14.28
C TRP A 11 -13.51 -28.70 15.78
N LYS A 12 -14.67 -28.49 16.41
CA LYS A 12 -14.83 -28.64 17.85
C LYS A 12 -14.51 -30.07 18.30
N GLU A 13 -15.06 -31.03 17.55
CA GLU A 13 -14.86 -32.45 17.84
C GLU A 13 -13.39 -32.85 17.75
N GLN A 14 -12.65 -32.26 16.80
CA GLN A 14 -11.23 -32.57 16.66
C GLN A 14 -10.48 -32.14 17.93
N ARG A 15 -10.97 -31.10 18.58
CA ARG A 15 -10.37 -30.59 19.80
C ARG A 15 -10.94 -31.27 21.04
N ALA A 16 -11.63 -32.39 20.82
CA ALA A 16 -12.29 -33.21 21.87
C ALA A 16 -11.75 -32.97 23.29
N ALA A 17 -10.60 -33.55 23.58
CA ALA A 17 -9.95 -33.37 24.87
C ALA A 17 -8.96 -32.25 24.62
N GLN A 18 -9.10 -31.15 25.38
CA GLN A 18 -8.22 -29.99 25.24
C GLN A 18 -8.92 -28.75 25.76
N LYS A 19 -8.22 -28.01 26.61
CA LYS A 19 -8.75 -26.77 27.12
C LYS A 19 -8.63 -25.84 25.91
N ALA A 20 -9.54 -24.89 25.78
CA ALA A 20 -9.48 -23.96 24.67
C ALA A 20 -8.21 -23.15 24.86
N ASP A 21 -7.68 -22.62 23.76
CA ASP A 21 -6.48 -21.80 23.83
C ASP A 21 -6.78 -20.48 24.52
N VAL A 22 -5.75 -19.85 25.08
CA VAL A 22 -5.90 -18.58 25.76
C VAL A 22 -6.03 -17.45 24.72
N LEU A 23 -7.07 -16.64 24.85
CA LEU A 23 -7.33 -15.53 23.95
C LEU A 23 -6.27 -14.45 24.16
N THR A 24 -5.55 -14.10 23.10
CA THR A 24 -4.49 -13.10 23.17
C THR A 24 -4.62 -11.98 22.14
N THR A 25 -3.82 -10.93 22.33
CA THR A 25 -3.79 -9.82 21.41
C THR A 25 -2.86 -10.27 20.30
N GLY A 26 -2.67 -9.43 19.29
CA GLY A 26 -1.78 -9.79 18.20
C GLY A 26 -0.37 -9.99 18.72
N ALA A 27 0.00 -9.23 19.75
CA ALA A 27 1.33 -9.31 20.36
C ALA A 27 1.48 -10.51 21.28
N GLY A 28 0.40 -11.29 21.43
CA GLY A 28 0.43 -12.48 22.28
C GLY A 28 0.17 -12.28 23.76
N ASN A 29 -0.36 -11.13 24.13
CA ASN A 29 -0.67 -10.84 25.52
C ASN A 29 -2.05 -11.37 25.84
N PRO A 30 -2.19 -12.18 26.89
CA PRO A 30 -3.46 -12.76 27.33
C PRO A 30 -4.52 -11.69 27.55
N VAL A 31 -5.74 -11.96 27.10
CA VAL A 31 -6.84 -11.01 27.27
C VAL A 31 -7.74 -11.45 28.41
N GLY A 32 -7.99 -10.55 29.36
CA GLY A 32 -8.83 -10.85 30.50
C GLY A 32 -10.32 -10.73 30.23
N ASP A 33 -10.71 -9.78 29.39
CA ASP A 33 -12.10 -9.55 29.03
C ASP A 33 -12.16 -8.90 27.65
N LYS A 34 -12.65 -9.66 26.67
CA LYS A 34 -12.76 -9.15 25.31
C LYS A 34 -14.23 -9.06 24.93
N LEU A 35 -15.06 -8.75 25.92
CA LEU A 35 -16.50 -8.62 25.69
C LEU A 35 -17.01 -7.25 26.11
N ASN A 36 -16.17 -6.51 26.82
CA ASN A 36 -16.51 -5.16 27.27
C ASN A 36 -15.31 -4.25 27.17
N VAL A 37 -15.52 -3.02 26.72
CA VAL A 37 -14.44 -2.06 26.58
C VAL A 37 -14.25 -1.27 27.87
N ILE A 38 -13.10 -0.60 27.98
CA ILE A 38 -12.78 0.20 29.15
C ILE A 38 -13.41 1.59 29.02
N THR A 39 -14.23 1.95 30.00
CA THR A 39 -14.89 3.26 30.02
C THR A 39 -14.73 3.88 31.41
N VAL A 40 -14.93 5.19 31.50
CA VAL A 40 -14.83 5.86 32.80
C VAL A 40 -16.24 5.85 33.41
N GLY A 41 -16.50 4.83 34.21
CA GLY A 41 -17.80 4.68 34.81
C GLY A 41 -18.69 3.84 33.90
N PRO A 42 -19.83 3.34 34.40
CA PRO A 42 -20.76 2.52 33.62
C PRO A 42 -21.28 3.21 32.38
N ARG A 43 -21.36 4.54 32.42
CA ARG A 43 -21.84 5.29 31.28
C ARG A 43 -20.88 6.38 30.84
N GLY A 44 -19.60 6.07 30.86
CA GLY A 44 -18.59 7.05 30.45
C GLY A 44 -17.99 6.71 29.09
N PRO A 45 -17.22 7.64 28.49
CA PRO A 45 -16.57 7.45 27.19
C PRO A 45 -15.43 6.44 27.21
N LEU A 46 -15.02 6.02 26.02
CA LEU A 46 -13.97 5.02 25.83
C LEU A 46 -12.54 5.55 25.97
N LEU A 47 -11.68 4.74 26.57
CA LEU A 47 -10.29 5.12 26.80
C LEU A 47 -9.33 4.51 25.81
N VAL A 48 -8.25 5.25 25.54
CA VAL A 48 -7.21 4.82 24.63
C VAL A 48 -6.44 3.65 25.25
N GLN A 49 -6.47 3.55 26.58
CA GLN A 49 -5.79 2.47 27.31
C GLN A 49 -6.28 1.12 26.88
N ASP A 50 -7.49 1.06 26.34
CA ASP A 50 -8.04 -0.20 25.90
C ASP A 50 -7.36 -0.58 24.59
N VAL A 51 -6.15 -1.10 24.69
CA VAL A 51 -5.42 -1.50 23.50
C VAL A 51 -5.97 -2.82 22.99
N VAL A 52 -6.63 -3.57 23.86
CA VAL A 52 -7.22 -4.85 23.47
C VAL A 52 -8.21 -4.57 22.36
N PHE A 53 -9.05 -3.53 22.56
CA PHE A 53 -10.04 -3.13 21.56
C PHE A 53 -9.41 -2.62 20.28
N THR A 54 -8.52 -1.65 20.40
CA THR A 54 -7.87 -1.08 19.23
C THR A 54 -7.13 -2.14 18.43
N ASP A 55 -6.37 -3.00 19.12
CA ASP A 55 -5.62 -4.05 18.48
C ASP A 55 -6.53 -4.89 17.58
N GLU A 56 -7.64 -5.39 18.14
CA GLU A 56 -8.58 -6.19 17.38
C GLU A 56 -9.31 -5.40 16.31
N MET A 57 -9.82 -4.23 16.68
CA MET A 57 -10.56 -3.38 15.74
C MET A 57 -9.69 -2.93 14.58
N ALA A 58 -8.46 -2.56 14.86
CA ALA A 58 -7.57 -2.11 13.81
C ALA A 58 -7.29 -3.21 12.79
N HIS A 59 -7.25 -4.45 13.24
CA HIS A 59 -6.98 -5.55 12.31
C HIS A 59 -8.23 -5.87 11.51
N PHE A 60 -9.38 -5.71 12.13
CA PHE A 60 -10.64 -5.96 11.45
C PHE A 60 -10.71 -4.94 10.32
N ASP A 61 -10.38 -3.70 10.66
CA ASP A 61 -10.40 -2.59 9.71
C ASP A 61 -9.52 -2.82 8.49
N ARG A 62 -8.60 -3.78 8.60
CA ARG A 62 -7.68 -4.07 7.51
C ARG A 62 -7.82 -5.45 6.89
N GLU A 63 -8.92 -6.14 7.21
CA GLU A 63 -9.12 -7.47 6.68
C GLU A 63 -9.13 -7.61 5.16
N ARG A 64 -9.67 -6.62 4.46
CA ARG A 64 -9.78 -6.68 3.01
C ARG A 64 -8.62 -6.25 2.14
N ILE A 65 -8.44 -7.02 1.06
CA ILE A 65 -7.43 -6.76 0.05
C ILE A 65 -8.20 -6.64 -1.28
N PRO A 66 -7.58 -6.04 -2.31
CA PRO A 66 -8.27 -5.89 -3.59
C PRO A 66 -8.61 -7.25 -4.18
N GLU A 67 -9.81 -7.39 -4.74
CA GLU A 67 -10.18 -8.67 -5.37
C GLU A 67 -9.48 -8.71 -6.72
N ARG A 68 -9.33 -9.92 -7.28
CA ARG A 68 -8.67 -10.06 -8.57
C ARG A 68 -9.44 -9.21 -9.57
N VAL A 69 -8.70 -8.41 -10.36
CA VAL A 69 -9.33 -7.54 -11.35
C VAL A 69 -10.31 -8.33 -12.25
N VAL A 70 -10.02 -9.61 -12.43
CA VAL A 70 -10.88 -10.52 -13.19
C VAL A 70 -10.85 -11.85 -12.46
N HIS A 71 -11.90 -12.64 -12.61
CA HIS A 71 -12.00 -13.94 -11.93
C HIS A 71 -12.03 -13.81 -10.43
N ALA A 72 -12.55 -12.70 -9.93
CA ALA A 72 -12.62 -12.46 -8.49
C ALA A 72 -13.38 -13.52 -7.69
N LYS A 73 -14.48 -14.06 -8.25
CA LYS A 73 -15.30 -15.06 -7.58
C LYS A 73 -14.84 -16.48 -7.91
N GLY A 74 -14.33 -17.20 -6.90
CA GLY A 74 -13.87 -18.55 -7.15
C GLY A 74 -13.82 -19.55 -6.00
N ALA A 75 -13.28 -20.73 -6.31
CA ALA A 75 -13.14 -21.82 -5.35
C ALA A 75 -11.80 -22.51 -5.55
N GLY A 76 -11.20 -22.96 -4.45
CA GLY A 76 -9.92 -23.63 -4.55
C GLY A 76 -9.87 -25.02 -3.95
N ALA A 77 -8.84 -25.77 -4.31
CA ALA A 77 -8.65 -27.12 -3.82
C ALA A 77 -7.21 -27.55 -4.12
N PHE A 78 -6.80 -28.65 -3.52
CA PHE A 78 -5.43 -29.13 -3.69
C PHE A 78 -5.39 -30.62 -3.99
N GLY A 79 -4.28 -31.06 -4.57
CA GLY A 79 -4.13 -32.45 -4.90
C GLY A 79 -2.77 -32.72 -5.49
N TYR A 80 -2.74 -33.50 -6.56
CA TYR A 80 -1.48 -33.84 -7.20
C TYR A 80 -1.67 -34.13 -8.68
N PHE A 81 -0.53 -34.22 -9.37
CA PHE A 81 -0.48 -34.52 -10.79
C PHE A 81 0.36 -35.79 -10.91
N GLU A 82 -0.20 -36.80 -11.55
CA GLU A 82 0.51 -38.05 -11.73
C GLU A 82 0.74 -38.30 -13.21
N VAL A 83 2.01 -38.52 -13.58
CA VAL A 83 2.37 -38.78 -14.97
C VAL A 83 1.95 -40.20 -15.33
N THR A 84 1.18 -40.34 -16.40
CA THR A 84 0.72 -41.67 -16.84
C THR A 84 1.45 -42.16 -18.09
N HIS A 85 1.85 -41.23 -18.96
CA HIS A 85 2.55 -41.60 -20.17
C HIS A 85 3.84 -40.82 -20.31
N ASP A 86 4.75 -41.34 -21.13
CA ASP A 86 6.06 -40.72 -21.34
C ASP A 86 6.08 -39.77 -22.54
N ILE A 87 6.20 -38.48 -22.26
CA ILE A 87 6.27 -37.48 -23.33
C ILE A 87 7.59 -36.74 -23.23
N THR A 88 8.61 -37.40 -22.70
CA THR A 88 9.92 -36.79 -22.55
C THR A 88 10.57 -36.51 -23.90
N LYS A 89 10.07 -37.15 -24.95
CA LYS A 89 10.60 -36.93 -26.29
C LYS A 89 10.26 -35.50 -26.72
N TYR A 90 9.24 -34.90 -26.10
CA TYR A 90 8.81 -33.54 -26.41
C TYR A 90 9.29 -32.51 -25.42
N SER A 91 9.31 -32.88 -24.14
CA SER A 91 9.74 -31.97 -23.10
C SER A 91 10.65 -32.60 -22.05
N LYS A 92 11.62 -31.83 -21.58
CA LYS A 92 12.56 -32.29 -20.56
C LYS A 92 12.14 -31.84 -19.17
N ALA A 93 11.03 -31.10 -19.09
CA ALA A 93 10.53 -30.62 -17.81
C ALA A 93 10.46 -31.74 -16.78
N LYS A 94 11.05 -31.49 -15.62
CA LYS A 94 11.08 -32.47 -14.53
C LYS A 94 9.71 -33.01 -14.14
N VAL A 95 8.69 -32.18 -14.29
CA VAL A 95 7.33 -32.57 -13.94
C VAL A 95 6.84 -33.77 -14.77
N PHE A 96 7.52 -34.06 -15.88
CA PHE A 96 7.16 -35.17 -16.76
C PHE A 96 8.22 -36.26 -16.85
N GLU A 97 9.27 -36.19 -16.03
CA GLU A 97 10.37 -37.14 -16.14
C GLU A 97 10.10 -38.64 -16.16
N HIS A 98 9.13 -39.12 -15.39
CA HIS A 98 8.85 -40.54 -15.41
C HIS A 98 7.42 -40.91 -15.02
N ILE A 99 6.95 -42.04 -15.53
CA ILE A 99 5.60 -42.49 -15.26
C ILE A 99 5.43 -42.74 -13.77
N GLY A 100 4.29 -42.30 -13.24
CA GLY A 100 4.01 -42.46 -11.84
C GLY A 100 4.47 -41.29 -10.99
N LYS A 101 5.31 -40.42 -11.56
CA LYS A 101 5.80 -39.27 -10.80
C LYS A 101 4.66 -38.35 -10.41
N LYS A 102 4.59 -38.03 -9.12
CA LYS A 102 3.55 -37.15 -8.63
C LYS A 102 4.13 -35.81 -8.18
N THR A 103 3.44 -34.74 -8.51
CA THR A 103 3.84 -33.39 -8.13
C THR A 103 2.63 -32.77 -7.49
N PRO A 104 2.80 -32.12 -6.33
CA PRO A 104 1.67 -31.49 -5.64
C PRO A 104 1.12 -30.34 -6.48
N ILE A 105 -0.19 -30.15 -6.47
CA ILE A 105 -0.80 -29.06 -7.23
C ILE A 105 -1.82 -28.32 -6.40
N ALA A 106 -2.07 -27.09 -6.81
CA ALA A 106 -3.04 -26.21 -6.18
C ALA A 106 -3.87 -25.69 -7.34
N VAL A 107 -5.19 -25.77 -7.20
CA VAL A 107 -6.09 -25.31 -8.25
C VAL A 107 -7.10 -24.30 -7.74
N ARG A 108 -7.47 -23.38 -8.62
CA ARG A 108 -8.50 -22.39 -8.31
C ARG A 108 -9.40 -22.26 -9.51
N PHE A 109 -10.70 -22.47 -9.29
CA PHE A 109 -11.71 -22.36 -10.33
C PHE A 109 -12.40 -21.04 -10.12
N SER A 110 -12.97 -20.47 -11.19
CA SER A 110 -13.63 -19.18 -11.07
C SER A 110 -14.45 -18.76 -12.28
N THR A 111 -15.20 -17.68 -12.10
CA THR A 111 -15.96 -17.09 -13.18
C THR A 111 -15.05 -15.94 -13.65
N VAL A 112 -15.59 -14.96 -14.35
CA VAL A 112 -14.75 -13.87 -14.83
C VAL A 112 -15.20 -12.45 -14.51
N ALA A 113 -16.40 -12.10 -14.98
CA ALA A 113 -16.92 -10.74 -14.82
C ALA A 113 -17.36 -10.36 -13.43
N GLY A 114 -18.05 -11.26 -12.74
CA GLY A 114 -18.55 -10.96 -11.41
C GLY A 114 -17.55 -10.71 -10.29
N GLU A 115 -17.95 -9.86 -9.36
CA GLU A 115 -17.13 -9.52 -8.21
C GLU A 115 -17.33 -10.57 -7.12
N SER A 116 -16.59 -10.43 -6.03
N SER A 116 -16.66 -10.37 -5.98
CA SER A 116 -16.61 -11.36 -4.90
CA SER A 116 -16.82 -11.27 -4.86
C SER A 116 -17.94 -11.91 -4.36
C SER A 116 -18.27 -11.06 -4.41
N GLY A 117 -18.99 -11.10 -4.34
N GLY A 117 -18.96 -12.15 -4.09
CA GLY A 117 -20.26 -11.58 -3.82
CA GLY A 117 -20.33 -12.02 -3.69
C GLY A 117 -21.26 -11.99 -4.89
C GLY A 117 -21.23 -12.41 -4.84
N SER A 118 -20.75 -12.27 -6.07
CA SER A 118 -21.56 -12.66 -7.23
C SER A 118 -21.83 -14.17 -7.22
N ALA A 119 -22.76 -14.61 -8.07
CA ALA A 119 -23.15 -16.01 -8.16
C ALA A 119 -22.27 -16.86 -9.07
N ASP A 120 -22.12 -18.14 -8.70
CA ASP A 120 -21.31 -19.08 -9.45
C ASP A 120 -21.97 -19.55 -10.75
N THR A 121 -23.27 -19.83 -10.66
CA THR A 121 -24.05 -20.33 -11.79
C THR A 121 -24.57 -19.28 -12.78
N VAL A 122 -23.64 -18.65 -13.49
CA VAL A 122 -23.98 -17.63 -14.48
C VAL A 122 -23.14 -17.86 -15.73
N ARG A 123 -23.65 -17.43 -16.88
CA ARG A 123 -22.93 -17.59 -18.14
C ARG A 123 -21.69 -16.72 -18.09
N ASP A 124 -20.55 -17.37 -18.28
CA ASP A 124 -19.26 -16.69 -18.21
C ASP A 124 -18.24 -17.81 -18.39
N PRO A 125 -17.06 -17.50 -18.96
CA PRO A 125 -16.14 -18.63 -19.09
C PRO A 125 -15.65 -18.98 -17.69
N ARG A 126 -14.99 -20.12 -17.53
CA ARG A 126 -14.52 -20.50 -16.21
C ARG A 126 -13.02 -20.58 -16.16
N GLY A 127 -12.45 -20.06 -15.07
CA GLY A 127 -11.03 -20.10 -14.87
C GLY A 127 -10.69 -21.46 -14.30
N PHE A 128 -9.55 -22.01 -14.68
CA PHE A 128 -9.13 -23.33 -14.24
C PHE A 128 -7.61 -23.27 -14.14
N ALA A 129 -7.14 -22.57 -13.12
CA ALA A 129 -5.71 -22.38 -12.90
C ALA A 129 -5.09 -23.51 -12.11
N VAL A 130 -3.96 -24.01 -12.60
CA VAL A 130 -3.26 -25.11 -11.96
C VAL A 130 -1.81 -24.76 -11.64
N LYS A 131 -1.45 -24.82 -10.36
CA LYS A 131 -0.09 -24.54 -9.93
C LYS A 131 0.61 -25.85 -9.60
N PHE A 132 1.70 -26.12 -10.29
CA PHE A 132 2.46 -27.34 -10.04
C PHE A 132 3.71 -26.94 -9.28
N TYR A 133 3.95 -27.56 -8.12
CA TYR A 133 5.13 -27.24 -7.33
C TYR A 133 6.26 -28.20 -7.70
N THR A 134 6.92 -27.95 -8.82
CA THR A 134 7.97 -28.84 -9.25
C THR A 134 9.31 -28.53 -8.60
N GLU A 135 10.28 -29.41 -8.84
CA GLU A 135 11.62 -29.24 -8.30
C GLU A 135 12.32 -28.08 -9.00
N ASP A 136 11.93 -27.81 -10.24
CA ASP A 136 12.50 -26.71 -10.99
C ASP A 136 11.65 -25.45 -10.78
N GLY A 137 11.03 -25.38 -9.61
CA GLY A 137 10.21 -24.23 -9.30
C GLY A 137 8.76 -24.45 -9.67
N ASN A 138 7.94 -23.44 -9.43
CA ASN A 138 6.53 -23.52 -9.74
C ASN A 138 6.24 -23.34 -11.21
N TRP A 139 5.27 -24.12 -11.67
CA TRP A 139 4.81 -24.06 -13.05
C TRP A 139 3.34 -23.73 -12.94
N ASP A 140 2.96 -22.58 -13.49
CA ASP A 140 1.58 -22.16 -13.45
C ASP A 140 0.91 -22.32 -14.80
N LEU A 141 -0.09 -23.18 -14.84
CA LEU A 141 -0.86 -23.38 -16.06
C LEU A 141 -2.19 -22.69 -15.74
N VAL A 142 -2.28 -21.43 -16.14
CA VAL A 142 -3.47 -20.62 -15.90
C VAL A 142 -4.46 -20.81 -17.05
N GLY A 143 -5.26 -21.86 -16.96
CA GLY A 143 -6.21 -22.16 -18.02
C GLY A 143 -7.65 -21.74 -17.80
N ASN A 144 -8.48 -22.04 -18.80
CA ASN A 144 -9.91 -21.75 -18.79
C ASN A 144 -10.63 -23.00 -19.23
N ASN A 145 -11.96 -22.98 -19.14
CA ASN A 145 -12.75 -24.14 -19.55
C ASN A 145 -13.02 -24.09 -21.05
N THR A 146 -12.23 -23.28 -21.75
CA THR A 146 -12.33 -23.15 -23.20
C THR A 146 -10.93 -23.12 -23.78
N PRO A 147 -10.76 -23.70 -24.98
CA PRO A 147 -9.46 -23.74 -25.65
C PRO A 147 -9.13 -22.44 -26.37
N ILE A 148 -10.12 -21.54 -26.46
CA ILE A 148 -9.94 -20.29 -27.17
C ILE A 148 -10.35 -19.08 -26.35
N PHE A 149 -10.23 -17.89 -26.93
CA PHE A 149 -10.60 -16.67 -26.25
C PHE A 149 -11.28 -15.67 -27.18
N PHE A 150 -11.88 -14.64 -26.60
CA PHE A 150 -12.60 -13.61 -27.35
C PHE A 150 -11.77 -12.75 -28.30
N ILE A 151 -10.55 -12.42 -27.90
CA ILE A 151 -9.67 -11.58 -28.71
C ILE A 151 -8.35 -12.27 -29.00
N ARG A 152 -7.52 -11.64 -29.84
CA ARG A 152 -6.23 -12.21 -30.21
C ARG A 152 -5.01 -11.32 -29.93
N ASP A 153 -5.25 -10.08 -29.50
CA ASP A 153 -4.18 -9.13 -29.16
C ASP A 153 -4.48 -8.60 -27.75
N PRO A 154 -3.49 -8.71 -26.84
CA PRO A 154 -3.59 -8.27 -25.44
C PRO A 154 -3.97 -6.81 -25.17
N ILE A 155 -3.70 -5.93 -26.11
CA ILE A 155 -4.01 -4.50 -25.90
C ILE A 155 -5.51 -4.21 -25.88
N LEU A 156 -6.31 -5.17 -26.34
CA LEU A 156 -7.77 -4.99 -26.34
C LEU A 156 -8.36 -5.62 -25.07
N PHE A 157 -7.53 -6.31 -24.30
CA PHE A 157 -8.00 -6.95 -23.09
C PHE A 157 -8.63 -6.01 -22.06
N PRO A 158 -7.93 -4.92 -21.67
CA PRO A 158 -8.55 -4.04 -20.69
C PRO A 158 -9.94 -3.59 -21.15
N SER A 159 -10.03 -3.22 -22.43
CA SER A 159 -11.30 -2.76 -23.01
C SER A 159 -12.34 -3.86 -23.00
N PHE A 160 -11.93 -5.08 -23.39
CA PHE A 160 -12.86 -6.19 -23.41
C PHE A 160 -13.44 -6.41 -22.02
N ILE A 161 -12.56 -6.44 -21.03
CA ILE A 161 -12.98 -6.64 -19.66
C ILE A 161 -13.92 -5.53 -19.23
N HIS A 162 -13.59 -4.30 -19.64
CA HIS A 162 -14.43 -3.15 -19.30
C HIS A 162 -15.84 -3.30 -19.86
N SER A 163 -15.95 -3.78 -21.10
CA SER A 163 -17.25 -3.96 -21.74
C SER A 163 -18.07 -5.08 -21.10
N GLN A 164 -17.37 -6.04 -20.50
CA GLN A 164 -18.00 -7.17 -19.83
C GLN A 164 -18.46 -6.84 -18.42
N LYS A 165 -17.94 -5.74 -17.89
CA LYS A 165 -18.29 -5.34 -16.54
C LYS A 165 -19.38 -4.26 -16.43
N ARG A 166 -19.24 -3.41 -15.42
CA ARG A 166 -20.25 -2.38 -15.16
C ARG A 166 -20.02 -1.06 -15.87
N ASN A 167 -21.13 -0.39 -16.18
CA ASN A 167 -21.09 0.90 -16.83
C ASN A 167 -20.41 1.83 -15.83
N PRO A 168 -19.46 2.64 -16.29
CA PRO A 168 -18.72 3.58 -15.43
C PRO A 168 -19.54 4.61 -14.67
N GLN A 169 -20.73 4.93 -15.14
CA GLN A 169 -21.53 5.90 -14.43
C GLN A 169 -22.61 5.25 -13.59
N THR A 170 -23.42 4.41 -14.22
CA THR A 170 -24.53 3.73 -13.55
C THR A 170 -24.09 2.59 -12.65
N HIS A 171 -22.94 2.00 -12.96
CA HIS A 171 -22.38 0.86 -12.22
C HIS A 171 -23.27 -0.36 -12.46
N LEU A 172 -23.87 -0.42 -13.63
CA LEU A 172 -24.75 -1.53 -13.98
C LEU A 172 -24.21 -2.29 -15.17
N LYS A 173 -24.66 -3.54 -15.30
CA LYS A 173 -24.29 -4.40 -16.42
C LYS A 173 -24.83 -3.65 -17.64
N ASP A 174 -24.04 -3.55 -18.70
CA ASP A 174 -24.48 -2.82 -19.88
C ASP A 174 -24.36 -3.60 -21.19
N PRO A 175 -25.48 -4.18 -21.66
CA PRO A 175 -25.50 -4.95 -22.90
C PRO A 175 -25.10 -4.15 -24.13
N ASP A 176 -25.15 -2.82 -24.04
CA ASP A 176 -24.74 -1.98 -25.14
C ASP A 176 -23.22 -2.05 -25.22
N MET A 177 -22.57 -2.00 -24.05
CA MET A 177 -21.10 -2.07 -23.96
C MET A 177 -20.64 -3.46 -24.40
N VAL A 178 -21.33 -4.47 -23.89
CA VAL A 178 -21.01 -5.86 -24.20
C VAL A 178 -21.02 -6.12 -25.70
N TRP A 179 -22.16 -5.82 -26.32
CA TRP A 179 -22.32 -6.04 -27.75
C TRP A 179 -21.70 -5.04 -28.70
N ASP A 180 -21.48 -3.81 -28.25
CA ASP A 180 -20.84 -2.82 -29.12
C ASP A 180 -19.43 -3.33 -29.36
N PHE A 181 -18.80 -3.82 -28.31
CA PHE A 181 -17.44 -4.34 -28.42
C PHE A 181 -17.39 -5.59 -29.30
N TRP A 182 -18.18 -6.59 -28.95
CA TRP A 182 -18.19 -7.84 -29.72
C TRP A 182 -18.56 -7.65 -31.17
N SER A 183 -19.57 -6.82 -31.44
CA SER A 183 -19.99 -6.56 -32.81
C SER A 183 -18.93 -5.83 -33.62
N LEU A 184 -18.12 -5.00 -32.95
CA LEU A 184 -17.07 -4.26 -33.63
C LEU A 184 -15.81 -5.11 -33.81
N ARG A 185 -15.66 -6.11 -32.96
CA ARG A 185 -14.50 -7.01 -32.99
C ARG A 185 -14.97 -8.44 -33.24
N PRO A 186 -15.39 -8.73 -34.50
CA PRO A 186 -15.88 -10.06 -34.89
C PRO A 186 -14.96 -11.25 -34.63
N GLU A 187 -13.72 -11.00 -34.23
CA GLU A 187 -12.82 -12.11 -33.96
C GLU A 187 -13.32 -12.86 -32.73
N SER A 188 -14.25 -12.25 -32.00
CA SER A 188 -14.82 -12.84 -30.80
C SER A 188 -15.87 -13.91 -31.09
N LEU A 189 -16.32 -14.00 -32.33
CA LEU A 189 -17.35 -14.98 -32.74
C LEU A 189 -17.11 -16.42 -32.29
N HIS A 190 -15.89 -16.89 -32.42
CA HIS A 190 -15.59 -18.26 -32.03
C HIS A 190 -15.86 -18.52 -30.55
N GLN A 191 -15.30 -17.70 -29.67
CA GLN A 191 -15.51 -17.86 -28.24
C GLN A 191 -16.91 -17.47 -27.77
N VAL A 192 -17.52 -16.50 -28.47
CA VAL A 192 -18.87 -16.07 -28.12
C VAL A 192 -19.82 -17.24 -28.38
N SER A 193 -19.53 -18.03 -29.41
CA SER A 193 -20.36 -19.18 -29.75
C SER A 193 -20.25 -20.26 -28.71
N PHE A 194 -19.06 -20.38 -28.12
CA PHE A 194 -18.84 -21.38 -27.08
C PHE A 194 -19.55 -20.93 -25.82
N LEU A 195 -19.34 -19.66 -25.47
CA LEU A 195 -19.93 -19.07 -24.28
C LEU A 195 -21.45 -19.17 -24.22
N PHE A 196 -22.11 -18.90 -25.34
CA PHE A 196 -23.56 -18.96 -25.36
C PHE A 196 -24.13 -20.34 -25.66
N SER A 197 -23.25 -21.35 -25.70
CA SER A 197 -23.70 -22.71 -25.94
C SER A 197 -24.03 -23.31 -24.57
N ASP A 198 -24.33 -24.60 -24.54
CA ASP A 198 -24.67 -25.27 -23.30
C ASP A 198 -23.53 -25.22 -22.29
N ARG A 199 -22.29 -25.27 -22.77
CA ARG A 199 -21.15 -25.25 -21.85
C ARG A 199 -20.90 -23.91 -21.19
N GLY A 200 -21.78 -22.95 -21.49
CA GLY A 200 -21.64 -21.63 -20.90
C GLY A 200 -21.87 -21.64 -19.40
N ILE A 201 -22.71 -22.56 -18.93
CA ILE A 201 -22.98 -22.66 -17.52
C ILE A 201 -22.83 -24.10 -17.07
N PRO A 202 -21.59 -24.55 -16.85
CA PRO A 202 -21.35 -25.93 -16.42
C PRO A 202 -21.89 -26.21 -15.02
N ASP A 203 -22.21 -27.48 -14.77
CA ASP A 203 -22.72 -27.91 -13.46
C ASP A 203 -21.53 -28.05 -12.51
N GLY A 204 -21.14 -26.93 -11.90
CA GLY A 204 -20.01 -26.96 -10.99
C GLY A 204 -18.71 -27.08 -11.76
N HIS A 205 -17.61 -26.95 -11.03
CA HIS A 205 -16.27 -27.00 -11.58
C HIS A 205 -15.77 -28.38 -11.96
N ARG A 206 -16.40 -29.42 -11.40
CA ARG A 206 -16.00 -30.80 -11.66
C ARG A 206 -16.51 -31.35 -12.98
N HIS A 207 -17.52 -30.70 -13.56
CA HIS A 207 -18.09 -31.17 -14.80
C HIS A 207 -17.78 -30.32 -16.01
N MET A 208 -16.58 -29.77 -16.03
CA MET A 208 -16.12 -28.94 -17.14
C MET A 208 -14.69 -29.34 -17.47
N ASN A 209 -14.22 -28.93 -18.64
CA ASN A 209 -12.86 -29.23 -19.05
C ASN A 209 -11.98 -28.04 -18.74
N GLY A 210 -10.70 -28.20 -19.01
CA GLY A 210 -9.73 -27.15 -18.80
C GLY A 210 -8.74 -27.20 -19.94
N TYR A 211 -8.25 -26.03 -20.36
CA TYR A 211 -7.28 -25.96 -21.44
C TYR A 211 -6.29 -24.85 -21.15
N GLY A 212 -5.08 -25.00 -21.66
CA GLY A 212 -4.09 -23.96 -21.47
C GLY A 212 -4.46 -22.84 -22.45
N SER A 213 -5.31 -23.19 -23.43
CA SER A 213 -5.79 -22.28 -24.47
C SER A 213 -4.72 -21.88 -25.47
N HIS A 214 -3.65 -21.24 -24.98
CA HIS A 214 -2.57 -20.81 -25.86
C HIS A 214 -1.78 -21.95 -26.44
N THR A 215 -0.92 -21.61 -27.39
CA THR A 215 -0.01 -22.55 -28.00
C THR A 215 1.26 -22.29 -27.19
N PHE A 216 1.87 -23.35 -26.65
CA PHE A 216 3.09 -23.21 -25.88
C PHE A 216 4.22 -23.91 -26.61
N LYS A 217 5.41 -23.88 -26.03
CA LYS A 217 6.55 -24.53 -26.63
C LYS A 217 7.18 -25.51 -25.65
N LEU A 218 7.47 -26.71 -26.15
CA LEU A 218 8.10 -27.75 -25.35
C LEU A 218 9.48 -27.99 -25.90
N VAL A 219 10.46 -28.13 -25.01
CA VAL A 219 11.83 -28.36 -25.41
C VAL A 219 12.35 -29.62 -24.72
N ASN A 220 13.01 -30.51 -25.48
CA ASN A 220 13.52 -31.74 -24.88
C ASN A 220 14.99 -31.65 -24.48
N ALA A 221 15.48 -32.71 -23.84
CA ALA A 221 16.85 -32.80 -23.34
C ALA A 221 17.93 -32.34 -24.32
N ASN A 222 17.76 -32.59 -25.61
CA ASN A 222 18.77 -32.12 -26.55
C ASN A 222 18.35 -30.93 -27.42
N GLY A 223 17.76 -29.94 -26.77
CA GLY A 223 17.36 -28.71 -27.42
C GLY A 223 16.38 -28.70 -28.58
N GLU A 224 15.71 -29.81 -28.83
CA GLU A 224 14.74 -29.85 -29.91
C GLU A 224 13.44 -29.32 -29.36
N ALA A 225 12.73 -28.54 -30.15
CA ALA A 225 11.48 -27.96 -29.71
C ALA A 225 10.29 -28.22 -30.61
N VAL A 226 9.13 -28.29 -30.00
CA VAL A 226 7.87 -28.47 -30.71
C VAL A 226 6.84 -27.56 -30.03
N TYR A 227 5.74 -27.28 -30.71
CA TYR A 227 4.68 -26.45 -30.14
C TYR A 227 3.60 -27.37 -29.59
N CYS A 228 2.80 -26.87 -28.64
CA CYS A 228 1.75 -27.70 -28.06
C CYS A 228 0.58 -26.95 -27.47
N LYS A 229 -0.44 -27.72 -27.13
CA LYS A 229 -1.67 -27.21 -26.51
C LYS A 229 -1.86 -28.15 -25.33
N PHE A 230 -2.32 -27.61 -24.20
CA PHE A 230 -2.58 -28.42 -23.03
C PHE A 230 -4.07 -28.61 -22.91
N HIS A 231 -4.46 -29.86 -22.64
CA HIS A 231 -5.87 -30.20 -22.49
C HIS A 231 -6.08 -31.08 -21.26
N TYR A 232 -7.13 -30.78 -20.51
CA TYR A 232 -7.45 -31.60 -19.35
C TYR A 232 -8.95 -31.81 -19.23
N LYS A 233 -9.39 -32.97 -19.74
CA LYS A 233 -10.78 -33.39 -19.76
C LYS A 233 -11.26 -33.94 -18.44
N THR A 234 -12.49 -33.59 -18.10
CA THR A 234 -13.10 -34.03 -16.86
C THR A 234 -13.47 -35.50 -16.84
N ASP A 235 -12.94 -36.22 -15.85
CA ASP A 235 -13.24 -37.63 -15.71
C ASP A 235 -14.62 -37.81 -15.10
N GLN A 236 -15.23 -36.71 -14.66
CA GLN A 236 -16.58 -36.75 -14.08
C GLN A 236 -17.59 -36.52 -15.20
N GLY A 237 -17.08 -36.22 -16.39
CA GLY A 237 -17.95 -36.00 -17.54
C GLY A 237 -18.53 -34.60 -17.64
N ILE A 238 -18.75 -34.16 -18.88
CA ILE A 238 -19.31 -32.84 -19.14
C ILE A 238 -20.75 -32.80 -18.66
N LYS A 239 -21.05 -31.79 -17.85
CA LYS A 239 -22.40 -31.61 -17.30
C LYS A 239 -22.66 -30.13 -17.19
N ASN A 240 -23.76 -29.69 -17.76
CA ASN A 240 -24.12 -28.28 -17.73
C ASN A 240 -25.45 -28.05 -17.04
N LEU A 241 -25.77 -26.78 -16.82
CA LEU A 241 -27.02 -26.37 -16.17
C LEU A 241 -27.90 -25.58 -17.14
N SER A 242 -29.20 -25.84 -17.10
CA SER A 242 -30.12 -25.13 -17.97
C SER A 242 -30.15 -23.68 -17.51
N VAL A 243 -30.59 -22.81 -18.40
CA VAL A 243 -30.69 -21.39 -18.08
C VAL A 243 -31.63 -21.19 -16.89
N GLU A 244 -32.75 -21.92 -16.87
CA GLU A 244 -33.72 -21.79 -15.79
C GLU A 244 -33.10 -22.21 -14.47
N ASP A 245 -32.47 -23.38 -14.46
CA ASP A 245 -31.85 -23.88 -13.23
C ASP A 245 -30.69 -23.02 -12.75
N ALA A 246 -29.91 -22.50 -13.69
CA ALA A 246 -28.79 -21.65 -13.34
C ALA A 246 -29.29 -20.37 -12.66
N ALA A 247 -30.40 -19.82 -13.16
CA ALA A 247 -30.97 -18.61 -12.61
C ALA A 247 -31.51 -18.86 -11.21
N ARG A 248 -32.20 -19.99 -11.04
CA ARG A 248 -32.75 -20.35 -9.74
C ARG A 248 -31.61 -20.50 -8.73
N LEU A 249 -30.61 -21.30 -9.09
CA LEU A 249 -29.47 -21.54 -8.22
C LEU A 249 -28.69 -20.28 -7.89
N SER A 250 -28.66 -19.33 -8.81
CA SER A 250 -27.95 -18.09 -8.58
C SER A 250 -28.64 -17.33 -7.45
N GLN A 251 -29.89 -17.67 -7.18
CA GLN A 251 -30.66 -17.06 -6.11
C GLN A 251 -30.66 -17.94 -4.87
N GLU A 252 -30.88 -19.23 -5.08
CA GLU A 252 -30.90 -20.18 -3.97
C GLU A 252 -29.55 -20.37 -3.34
N ASP A 253 -28.51 -20.43 -4.17
CA ASP A 253 -27.15 -20.62 -3.68
C ASP A 253 -26.07 -20.05 -4.59
N PRO A 254 -25.66 -18.80 -4.34
CA PRO A 254 -24.63 -18.10 -5.11
C PRO A 254 -23.28 -18.79 -5.02
N ASP A 255 -23.09 -19.59 -3.97
CA ASP A 255 -21.83 -20.29 -3.75
C ASP A 255 -21.90 -21.76 -4.14
N TYR A 256 -22.80 -22.06 -5.06
CA TYR A 256 -23.03 -23.40 -5.57
C TYR A 256 -21.74 -24.13 -5.96
N GLY A 257 -20.92 -23.49 -6.78
CA GLY A 257 -19.68 -24.12 -7.20
C GLY A 257 -18.77 -24.43 -6.02
N ILE A 258 -18.65 -23.48 -5.11
CA ILE A 258 -17.79 -23.65 -3.93
C ILE A 258 -18.26 -24.83 -3.09
N ARG A 259 -19.56 -24.87 -2.83
CA ARG A 259 -20.15 -25.93 -2.02
C ARG A 259 -19.99 -27.30 -2.65
N ASP A 260 -20.24 -27.39 -3.95
CA ASP A 260 -20.13 -28.64 -4.69
C ASP A 260 -18.74 -29.24 -4.58
N LEU A 261 -17.72 -28.42 -4.79
CA LEU A 261 -16.34 -28.86 -4.73
C LEU A 261 -15.98 -29.37 -3.33
N PHE A 262 -16.24 -28.55 -2.33
CA PHE A 262 -15.93 -28.89 -0.94
C PHE A 262 -16.55 -30.20 -0.49
N ASN A 263 -17.86 -30.32 -0.61
CA ASN A 263 -18.56 -31.53 -0.21
C ASN A 263 -18.09 -32.75 -0.98
N ALA A 264 -17.81 -32.58 -2.27
CA ALA A 264 -17.33 -33.67 -3.11
C ALA A 264 -16.03 -34.21 -2.56
N ILE A 265 -15.11 -33.31 -2.23
CA ILE A 265 -13.81 -33.70 -1.68
C ILE A 265 -13.97 -34.18 -0.25
N ALA A 266 -14.81 -33.48 0.51
CA ALA A 266 -15.03 -33.84 1.90
C ALA A 266 -15.55 -35.25 2.03
N THR A 267 -16.40 -35.68 1.09
CA THR A 267 -16.96 -37.03 1.12
C THR A 267 -16.17 -38.07 0.32
N GLY A 268 -14.92 -37.75 -0.02
CA GLY A 268 -14.10 -38.69 -0.74
C GLY A 268 -14.26 -38.77 -2.24
N LYS A 269 -15.25 -38.07 -2.80
CA LYS A 269 -15.46 -38.07 -4.25
C LYS A 269 -14.49 -37.10 -4.92
N TYR A 270 -13.21 -37.48 -4.94
CA TYR A 270 -12.15 -36.65 -5.52
C TYR A 270 -12.25 -36.51 -7.02
N PRO A 271 -12.49 -35.28 -7.50
CA PRO A 271 -12.62 -35.03 -8.94
C PRO A 271 -11.25 -35.10 -9.59
N SER A 272 -11.19 -35.67 -10.79
CA SER A 272 -9.94 -35.79 -11.52
C SER A 272 -10.12 -35.39 -12.96
N TRP A 273 -9.02 -35.10 -13.62
CA TRP A 273 -9.03 -34.68 -15.01
C TRP A 273 -7.93 -35.42 -15.75
N THR A 274 -8.22 -35.82 -16.99
CA THR A 274 -7.21 -36.50 -17.77
C THR A 274 -6.48 -35.45 -18.60
N PHE A 275 -5.17 -35.38 -18.37
CA PHE A 275 -4.25 -34.43 -19.00
C PHE A 275 -3.62 -34.94 -20.30
N TYR A 276 -3.80 -34.16 -21.38
CA TYR A 276 -3.25 -34.49 -22.70
C TYR A 276 -2.52 -33.28 -23.26
N ILE A 277 -1.95 -33.48 -24.45
CA ILE A 277 -1.26 -32.42 -25.17
C ILE A 277 -1.43 -32.65 -26.66
N GLN A 278 -1.37 -31.58 -27.42
CA GLN A 278 -1.43 -31.68 -28.87
C GLN A 278 -0.05 -31.21 -29.28
N VAL A 279 0.54 -31.83 -30.29
CA VAL A 279 1.87 -31.43 -30.73
C VAL A 279 1.89 -31.03 -32.20
N MET A 280 2.53 -29.89 -32.45
CA MET A 280 2.68 -29.34 -33.79
C MET A 280 4.17 -29.03 -33.96
N THR A 281 4.77 -29.61 -34.99
CA THR A 281 6.19 -29.38 -35.28
C THR A 281 6.34 -28.00 -35.88
N PHE A 282 7.57 -27.52 -35.94
CA PHE A 282 7.83 -26.21 -36.50
C PHE A 282 7.47 -26.16 -37.97
N ASN A 283 7.55 -27.31 -38.64
CA ASN A 283 7.21 -27.41 -40.06
C ASN A 283 5.70 -27.36 -40.25
N GLN A 284 4.96 -28.01 -39.35
CA GLN A 284 3.51 -28.00 -39.44
C GLN A 284 3.01 -26.59 -39.08
N ALA A 285 3.82 -25.86 -38.31
CA ALA A 285 3.48 -24.51 -37.90
C ALA A 285 3.47 -23.63 -39.15
N GLU A 286 4.24 -24.03 -40.15
CA GLU A 286 4.31 -23.32 -41.41
C GLU A 286 3.10 -23.61 -42.27
N THR A 287 2.68 -24.88 -42.28
CA THR A 287 1.57 -25.35 -43.09
C THR A 287 0.16 -25.07 -42.54
N PHE A 288 0.04 -24.85 -41.23
CA PHE A 288 -1.28 -24.59 -40.63
C PHE A 288 -2.03 -23.53 -41.42
N PRO A 289 -3.31 -23.78 -41.76
CA PRO A 289 -4.16 -22.87 -42.53
C PRO A 289 -4.25 -21.45 -41.97
N PHE A 290 -4.19 -21.35 -40.65
CA PHE A 290 -4.27 -20.05 -39.96
C PHE A 290 -2.99 -19.82 -39.18
N ASN A 291 -2.99 -18.78 -38.35
CA ASN A 291 -1.82 -18.50 -37.52
C ASN A 291 -1.97 -19.44 -36.33
N PRO A 292 -1.03 -20.39 -36.20
CA PRO A 292 -1.09 -21.33 -35.07
C PRO A 292 -1.03 -20.68 -33.69
N PHE A 293 -0.58 -19.42 -33.65
CA PHE A 293 -0.48 -18.68 -32.38
C PHE A 293 -1.66 -17.73 -32.19
N ASP A 294 -2.72 -17.92 -32.97
CA ASP A 294 -3.93 -17.10 -32.88
C ASP A 294 -4.84 -17.70 -31.82
N LEU A 295 -5.06 -16.98 -30.72
CA LEU A 295 -5.89 -17.49 -29.64
C LEU A 295 -7.33 -17.85 -30.01
N THR A 296 -7.83 -17.36 -31.13
CA THR A 296 -9.20 -17.65 -31.54
C THR A 296 -9.27 -18.89 -32.43
N LYS A 297 -8.19 -19.66 -32.46
CA LYS A 297 -8.14 -20.87 -33.26
C LYS A 297 -7.78 -22.11 -32.45
N VAL A 298 -8.32 -23.24 -32.87
CA VAL A 298 -8.05 -24.51 -32.24
C VAL A 298 -7.29 -25.35 -33.24
N TRP A 299 -6.71 -26.44 -32.76
CA TRP A 299 -5.99 -27.35 -33.62
C TRP A 299 -6.95 -28.53 -33.77
N PRO A 300 -7.50 -28.72 -34.98
CA PRO A 300 -8.43 -29.84 -35.22
C PRO A 300 -7.83 -31.16 -34.75
N HIS A 301 -8.56 -31.87 -33.90
CA HIS A 301 -8.12 -33.16 -33.37
C HIS A 301 -7.71 -34.15 -34.46
N LYS A 302 -8.40 -34.10 -35.60
CA LYS A 302 -8.13 -34.98 -36.72
C LYS A 302 -6.67 -34.85 -37.16
N ASP A 303 -6.18 -33.62 -37.27
CA ASP A 303 -4.82 -33.36 -37.68
C ASP A 303 -3.83 -33.40 -36.54
N TYR A 304 -4.27 -33.02 -35.34
CA TYR A 304 -3.42 -32.99 -34.17
C TYR A 304 -4.10 -33.73 -33.03
N PRO A 305 -3.95 -35.05 -33.00
CA PRO A 305 -4.54 -35.93 -31.99
C PRO A 305 -4.09 -35.61 -30.57
N LEU A 306 -4.99 -35.84 -29.61
CA LEU A 306 -4.67 -35.63 -28.21
C LEU A 306 -3.73 -36.75 -27.80
N ILE A 307 -2.68 -36.40 -27.07
CA ILE A 307 -1.69 -37.36 -26.60
C ILE A 307 -1.78 -37.37 -25.10
N PRO A 308 -2.21 -38.50 -24.51
CA PRO A 308 -2.33 -38.65 -23.06
C PRO A 308 -1.02 -38.44 -22.33
N VAL A 309 -1.07 -37.70 -21.22
CA VAL A 309 0.14 -37.40 -20.44
C VAL A 309 0.00 -37.77 -18.97
N GLY A 310 -1.14 -37.46 -18.37
CA GLY A 310 -1.31 -37.78 -16.97
C GLY A 310 -2.68 -37.51 -16.42
N LYS A 311 -2.75 -37.32 -15.11
CA LYS A 311 -3.99 -37.08 -14.39
C LYS A 311 -3.86 -35.95 -13.38
N LEU A 312 -4.93 -35.19 -13.23
CA LEU A 312 -4.99 -34.11 -12.26
C LEU A 312 -6.02 -34.60 -11.24
N VAL A 313 -5.64 -34.62 -9.97
CA VAL A 313 -6.54 -35.06 -8.90
C VAL A 313 -6.61 -34.06 -7.76
N LEU A 314 -7.83 -33.69 -7.40
CA LEU A 314 -8.05 -32.77 -6.30
C LEU A 314 -8.62 -33.54 -5.11
N ASN A 315 -7.79 -33.76 -4.10
CA ASN A 315 -8.22 -34.52 -2.94
C ASN A 315 -8.13 -33.80 -1.61
N ARG A 316 -7.86 -32.50 -1.64
CA ARG A 316 -7.75 -31.76 -0.40
C ARG A 316 -8.39 -30.38 -0.45
N ASN A 317 -9.27 -30.11 0.50
CA ASN A 317 -9.95 -28.82 0.61
C ASN A 317 -9.07 -27.83 1.37
N PRO A 318 -9.34 -26.53 1.19
CA PRO A 318 -8.56 -25.50 1.88
C PRO A 318 -8.93 -25.56 3.35
N VAL A 319 -8.01 -25.18 4.22
CA VAL A 319 -8.31 -25.17 5.64
C VAL A 319 -8.73 -23.74 5.95
N ASN A 320 -8.02 -22.78 5.35
CA ASN A 320 -8.36 -21.38 5.52
C ASN A 320 -8.46 -20.79 4.11
N TYR A 321 -9.69 -20.48 3.70
CA TYR A 321 -9.96 -19.95 2.37
C TYR A 321 -9.14 -18.71 1.98
N PHE A 322 -9.13 -17.70 2.84
CA PHE A 322 -8.41 -16.48 2.54
C PHE A 322 -6.94 -16.77 2.30
N ALA A 323 -6.37 -17.55 3.21
CA ALA A 323 -4.96 -17.92 3.15
C ALA A 323 -4.52 -18.76 1.97
N GLU A 324 -5.29 -19.78 1.64
CA GLU A 324 -4.91 -20.67 0.57
C GLU A 324 -5.54 -20.38 -0.78
N VAL A 325 -6.72 -19.77 -0.77
CA VAL A 325 -7.40 -19.49 -2.03
C VAL A 325 -7.39 -18.04 -2.44
N GLU A 326 -7.93 -17.18 -1.59
CA GLU A 326 -7.98 -15.77 -1.93
C GLU A 326 -6.60 -15.19 -2.23
N GLN A 327 -5.59 -15.65 -1.52
CA GLN A 327 -4.22 -15.16 -1.72
C GLN A 327 -3.38 -15.93 -2.73
N ILE A 328 -3.93 -16.99 -3.31
CA ILE A 328 -3.16 -17.76 -4.28
C ILE A 328 -2.89 -16.95 -5.55
N ALA A 329 -1.70 -17.12 -6.10
CA ALA A 329 -1.30 -16.38 -7.30
C ALA A 329 -0.66 -17.26 -8.36
N PHE A 330 -1.24 -17.21 -9.56
CA PHE A 330 -0.75 -17.99 -10.69
C PHE A 330 -0.18 -17.02 -11.73
N ASP A 331 1.07 -17.25 -12.15
CA ASP A 331 1.73 -16.40 -13.16
C ASP A 331 2.11 -17.29 -14.35
N PRO A 332 1.49 -17.09 -15.51
CA PRO A 332 1.78 -17.88 -16.71
C PRO A 332 3.27 -17.90 -17.05
N SER A 333 3.98 -16.86 -16.63
CA SER A 333 5.41 -16.75 -16.85
C SER A 333 6.22 -17.71 -15.97
N ASN A 334 5.54 -18.37 -15.04
CA ASN A 334 6.18 -19.34 -14.16
C ASN A 334 6.28 -20.65 -14.93
N MET A 335 7.31 -20.77 -15.75
CA MET A 335 7.53 -21.96 -16.56
C MET A 335 8.94 -22.50 -16.34
N PRO A 336 9.05 -23.74 -15.84
CA PRO A 336 10.32 -24.42 -15.57
C PRO A 336 10.96 -24.87 -16.86
N PRO A 337 12.24 -25.25 -16.81
CA PRO A 337 12.95 -25.71 -18.00
C PRO A 337 12.20 -26.85 -18.68
N GLY A 338 11.98 -26.72 -19.99
CA GLY A 338 11.27 -27.75 -20.75
C GLY A 338 9.95 -27.23 -21.30
N ILE A 339 9.44 -26.16 -20.69
CA ILE A 339 8.17 -25.55 -21.11
C ILE A 339 8.43 -24.07 -21.34
N GLU A 340 8.08 -23.58 -22.52
CA GLU A 340 8.28 -22.17 -22.83
C GLU A 340 7.08 -21.55 -23.53
N ALA A 341 7.11 -20.23 -23.63
CA ALA A 341 6.04 -19.49 -24.28
C ALA A 341 6.19 -19.61 -25.77
N SER A 342 5.17 -19.19 -26.48
CA SER A 342 5.19 -19.20 -27.94
C SER A 342 4.90 -17.73 -28.27
N PRO A 343 5.09 -17.35 -29.54
CA PRO A 343 4.82 -15.95 -29.91
C PRO A 343 3.36 -15.49 -29.89
N ASP A 344 2.48 -16.27 -29.27
CA ASP A 344 1.06 -15.89 -29.18
C ASP A 344 1.02 -14.55 -28.44
N LYS A 345 0.61 -13.49 -29.13
CA LYS A 345 0.55 -12.14 -28.56
C LYS A 345 -0.16 -12.06 -27.21
N MET A 346 -1.24 -12.82 -27.06
CA MET A 346 -2.03 -12.84 -25.83
C MET A 346 -1.19 -13.38 -24.69
N LEU A 347 -0.51 -14.49 -24.95
CA LEU A 347 0.33 -15.12 -23.95
C LEU A 347 1.46 -14.18 -23.56
N GLN A 348 2.07 -13.53 -24.56
CA GLN A 348 3.17 -12.59 -24.33
C GLN A 348 2.74 -11.49 -23.37
N GLY A 349 1.50 -11.03 -23.51
CA GLY A 349 0.97 -9.99 -22.65
C GLY A 349 0.74 -10.51 -21.25
N ARG A 350 0.24 -11.73 -21.14
CA ARG A 350 -0.01 -12.37 -19.85
C ARG A 350 1.30 -12.54 -19.08
N LEU A 351 2.39 -12.69 -19.81
CA LEU A 351 3.72 -12.85 -19.23
C LEU A 351 4.02 -11.67 -18.31
N PHE A 352 3.47 -10.51 -18.66
CA PHE A 352 3.67 -9.30 -17.88
C PHE A 352 2.62 -9.04 -16.80
N ALA A 353 1.39 -8.88 -17.27
CA ALA A 353 0.26 -8.56 -16.40
C ALA A 353 0.14 -9.27 -15.08
N TYR A 354 0.23 -10.60 -15.09
CA TYR A 354 0.06 -11.38 -13.86
C TYR A 354 1.02 -11.07 -12.71
N PRO A 355 2.34 -11.20 -12.94
CA PRO A 355 3.25 -10.89 -11.82
C PRO A 355 2.98 -9.46 -11.39
N ASP A 356 2.71 -8.62 -12.39
CA ASP A 356 2.44 -7.21 -12.19
C ASP A 356 1.21 -6.97 -11.32
N THR A 357 0.10 -7.59 -11.66
CA THR A 357 -1.11 -7.39 -10.88
C THR A 357 -0.96 -7.97 -9.48
N HIS A 358 -0.15 -9.02 -9.35
CA HIS A 358 0.06 -9.65 -8.06
C HIS A 358 0.83 -8.77 -7.08
N ARG A 359 1.78 -8.01 -7.60
CA ARG A 359 2.57 -7.10 -6.77
C ARG A 359 1.66 -6.01 -6.18
N HIS A 360 0.56 -5.74 -6.87
CA HIS A 360 -0.41 -4.75 -6.43
C HIS A 360 -1.42 -5.38 -5.49
N ARG A 361 -2.09 -6.44 -5.96
CA ARG A 361 -3.12 -7.13 -5.19
C ARG A 361 -2.65 -7.75 -3.89
N LEU A 362 -1.56 -8.52 -3.95
CA LEU A 362 -1.05 -9.17 -2.76
C LEU A 362 0.05 -8.36 -2.11
N GLY A 363 1.10 -8.07 -2.85
CA GLY A 363 2.20 -7.29 -2.30
C GLY A 363 3.47 -7.61 -3.02
N PRO A 364 4.51 -6.75 -2.92
CA PRO A 364 5.79 -6.97 -3.58
C PRO A 364 6.39 -8.36 -3.34
N ASN A 365 6.18 -8.88 -2.13
CA ASN A 365 6.69 -10.20 -1.76
C ASN A 365 5.60 -11.26 -1.72
N TYR A 366 4.68 -11.22 -2.67
CA TYR A 366 3.59 -12.18 -2.72
C TYR A 366 4.03 -13.64 -2.85
N LEU A 367 5.21 -13.87 -3.44
CA LEU A 367 5.72 -15.23 -3.59
C LEU A 367 6.11 -15.85 -2.26
N HIS A 368 6.20 -15.00 -1.22
CA HIS A 368 6.54 -15.45 0.14
C HIS A 368 5.33 -16.03 0.82
N ILE A 369 4.14 -15.70 0.33
CA ILE A 369 2.90 -16.23 0.91
C ILE A 369 2.97 -17.74 0.73
N PRO A 370 2.82 -18.50 1.84
CA PRO A 370 2.87 -19.97 1.87
C PRO A 370 2.33 -20.71 0.66
N VAL A 371 1.07 -20.44 0.29
CA VAL A 371 0.46 -21.12 -0.85
C VAL A 371 1.12 -20.79 -2.18
N ASN A 372 1.87 -19.69 -2.22
CA ASN A 372 2.57 -19.26 -3.43
C ASN A 372 4.05 -19.63 -3.47
N CYS A 373 4.58 -20.05 -2.32
N CYS A 373 4.62 -19.99 -2.32
CA CYS A 373 6.03 -20.34 -2.23
CA CYS A 373 5.99 -20.43 -2.20
C CYS A 373 6.34 -21.68 -3.00
C CYS A 373 6.35 -21.62 -2.98
N PRO A 374 7.42 -21.61 -3.79
CA PRO A 374 7.85 -22.77 -4.59
C PRO A 374 8.59 -23.67 -3.60
N TYR A 375 7.84 -24.26 -2.68
CA TYR A 375 8.39 -25.08 -1.61
C TYR A 375 9.15 -26.35 -1.94
N ARG A 376 9.09 -26.80 -3.19
CA ARG A 376 9.84 -27.98 -3.57
C ARG A 376 11.07 -27.56 -4.38
N ALA A 377 11.49 -26.32 -4.16
CA ALA A 377 12.65 -25.75 -4.83
C ALA A 377 13.43 -24.86 -3.86
N ARG A 378 14.72 -24.70 -4.14
CA ARG A 378 15.62 -23.87 -3.33
C ARG A 378 15.73 -22.52 -4.03
N VAL A 379 15.00 -21.54 -3.52
CA VAL A 379 15.04 -20.20 -4.11
C VAL A 379 16.31 -19.52 -3.67
N ALA A 380 17.23 -19.34 -4.60
CA ALA A 380 18.50 -18.70 -4.31
C ALA A 380 18.80 -17.70 -5.42
N ASN A 381 18.90 -16.43 -5.05
CA ASN A 381 19.18 -15.37 -6.02
C ASN A 381 19.75 -14.08 -5.42
N TYR A 382 19.56 -12.98 -6.14
CA TYR A 382 20.08 -11.69 -5.71
C TYR A 382 19.00 -10.65 -5.44
N GLN A 383 17.82 -11.14 -5.11
CA GLN A 383 16.71 -10.26 -4.82
C GLN A 383 16.66 -10.10 -3.29
N ARG A 384 16.46 -8.87 -2.83
CA ARG A 384 16.43 -8.57 -1.40
C ARG A 384 15.42 -7.52 -1.00
N ASP A 385 15.02 -7.57 0.25
CA ASP A 385 14.09 -6.61 0.84
C ASP A 385 12.66 -6.55 0.30
N GLY A 386 12.08 -5.36 0.40
CA GLY A 386 10.70 -5.16 -0.04
C GLY A 386 9.75 -5.29 1.12
N PRO A 387 8.52 -4.73 1.01
CA PRO A 387 7.51 -4.79 2.07
C PRO A 387 7.19 -6.21 2.51
N MET A 388 6.97 -6.38 3.80
CA MET A 388 6.62 -7.67 4.39
C MET A 388 7.58 -8.79 3.99
N CYS A 389 8.87 -8.58 4.22
CA CYS A 389 9.86 -9.58 3.89
C CYS A 389 9.75 -10.62 5.00
N MET A 390 8.99 -11.68 4.75
CA MET A 390 8.76 -12.72 5.75
C MET A 390 9.66 -13.94 5.80
N GLN A 391 10.93 -13.79 5.45
CA GLN A 391 11.83 -14.93 5.53
C GLN A 391 13.12 -14.42 6.11
N ASP A 392 14.21 -15.18 5.99
CA ASP A 392 15.50 -14.72 6.50
C ASP A 392 16.09 -13.69 5.53
N ASN A 393 15.36 -13.45 4.42
CA ASN A 393 15.75 -12.50 3.39
C ASN A 393 17.12 -12.91 2.85
N GLN A 394 17.33 -14.23 2.81
CA GLN A 394 18.56 -14.85 2.35
C GLN A 394 19.80 -14.54 3.18
N GLY A 395 19.57 -14.16 4.43
CA GLY A 395 20.65 -13.87 5.36
C GLY A 395 21.71 -12.89 4.89
N GLY A 396 22.97 -13.20 5.20
CA GLY A 396 24.07 -12.33 4.82
C GLY A 396 24.77 -12.69 3.54
N ALA A 397 24.13 -13.49 2.69
CA ALA A 397 24.73 -13.90 1.43
C ALA A 397 25.01 -12.72 0.51
N PRO A 398 26.15 -12.73 -0.20
CA PRO A 398 26.51 -11.63 -1.12
C PRO A 398 25.31 -11.32 -1.99
N ASN A 399 24.91 -10.05 -2.01
CA ASN A 399 23.74 -9.62 -2.78
C ASN A 399 23.97 -9.11 -4.19
N TYR A 400 25.10 -9.43 -4.79
CA TYR A 400 25.36 -8.96 -6.14
C TYR A 400 25.95 -10.07 -6.98
N TYR A 401 25.67 -10.01 -8.27
CA TYR A 401 26.15 -11.01 -9.23
C TYR A 401 26.75 -10.27 -10.43
N PRO A 402 27.96 -10.67 -10.86
CA PRO A 402 28.81 -11.75 -10.31
C PRO A 402 29.63 -11.34 -9.08
N ASN A 403 30.05 -12.34 -8.32
CA ASN A 403 30.84 -12.09 -7.13
C ASN A 403 31.87 -13.18 -6.96
N SER A 404 32.83 -12.95 -6.07
CA SER A 404 33.89 -13.91 -5.81
C SER A 404 33.70 -14.50 -4.42
N PHE A 405 32.46 -14.57 -3.92
CA PHE A 405 32.27 -15.07 -2.57
C PHE A 405 31.34 -16.26 -2.38
N GLY A 406 31.19 -17.04 -3.45
CA GLY A 406 30.37 -18.25 -3.40
C GLY A 406 28.86 -18.15 -3.40
N ALA A 407 28.29 -17.02 -3.83
CA ALA A 407 26.84 -16.84 -3.87
C ALA A 407 26.27 -17.62 -5.07
N PRO A 408 24.94 -17.71 -5.20
CA PRO A 408 24.28 -18.44 -6.30
C PRO A 408 24.79 -18.18 -7.72
N GLU A 409 24.96 -19.26 -8.48
CA GLU A 409 25.46 -19.18 -9.86
C GLU A 409 24.41 -19.58 -10.89
N GLN A 410 24.50 -18.99 -12.08
CA GLN A 410 23.57 -19.30 -13.15
C GLN A 410 23.92 -20.69 -13.66
N GLN A 411 22.91 -21.39 -14.15
CA GLN A 411 23.07 -22.75 -14.63
C GLN A 411 22.82 -22.80 -16.13
N PRO A 412 23.91 -22.91 -16.92
CA PRO A 412 23.89 -22.97 -18.39
C PRO A 412 22.93 -23.96 -19.05
N SER A 413 22.54 -25.01 -18.34
CA SER A 413 21.62 -26.00 -18.91
C SER A 413 20.16 -25.55 -18.84
N ALA A 414 19.92 -24.43 -18.14
CA ALA A 414 18.58 -23.88 -18.01
C ALA A 414 18.33 -22.74 -18.99
N LEU A 415 19.15 -22.65 -20.05
CA LEU A 415 18.98 -21.60 -21.05
C LEU A 415 17.82 -21.90 -21.97
N GLU A 416 17.08 -20.85 -22.33
CA GLU A 416 15.92 -20.97 -23.20
C GLU A 416 16.30 -21.34 -24.64
N HIS A 417 15.29 -21.78 -25.40
CA HIS A 417 15.45 -22.17 -26.80
C HIS A 417 15.42 -20.95 -27.72
N SER A 418 16.44 -20.81 -28.58
CA SER A 418 16.49 -19.68 -29.51
C SER A 418 16.00 -19.95 -30.93
N ILE A 419 15.17 -19.02 -31.41
CA ILE A 419 14.56 -19.06 -32.74
C ILE A 419 14.94 -17.80 -33.51
N GLN A 420 15.03 -17.92 -34.83
CA GLN A 420 15.40 -16.81 -35.70
C GLN A 420 14.13 -16.06 -36.15
N TYR A 421 14.24 -14.73 -36.24
CA TYR A 421 13.12 -13.88 -36.67
C TYR A 421 13.66 -12.84 -37.64
N SER A 422 12.75 -12.20 -38.35
CA SER A 422 13.10 -11.17 -39.32
C SER A 422 11.87 -10.34 -39.63
N GLY A 423 12.00 -9.04 -39.41
CA GLY A 423 10.88 -8.15 -39.67
C GLY A 423 10.95 -6.88 -38.87
N GLU A 424 10.08 -5.96 -39.20
CA GLU A 424 10.04 -4.69 -38.50
C GLU A 424 9.38 -4.80 -37.15
N VAL A 425 9.92 -4.04 -36.21
CA VAL A 425 9.38 -4.01 -34.86
C VAL A 425 8.30 -2.95 -34.96
N ARG A 426 7.08 -3.41 -35.23
CA ARG A 426 5.93 -2.52 -35.36
C ARG A 426 4.65 -3.23 -34.98
N ARG A 427 3.54 -2.50 -35.04
CA ARG A 427 2.24 -3.05 -34.70
C ARG A 427 1.55 -3.65 -35.92
N PHE A 428 1.53 -4.97 -36.00
CA PHE A 428 0.88 -5.64 -37.12
C PHE A 428 -0.60 -5.90 -36.85
N ASN A 429 -1.43 -5.62 -37.85
CA ASN A 429 -2.87 -5.79 -37.72
C ASN A 429 -3.31 -7.24 -37.86
N THR A 430 -4.04 -7.73 -36.85
CA THR A 430 -4.56 -9.09 -36.84
C THR A 430 -6.07 -9.08 -36.74
N ALA A 431 -6.64 -7.88 -36.77
CA ALA A 431 -8.08 -7.71 -36.68
C ALA A 431 -8.78 -8.37 -37.86
N ASN A 432 -8.04 -8.56 -38.96
CA ASN A 432 -8.64 -9.16 -40.12
C ASN A 432 -8.23 -10.57 -40.47
N ASP A 433 -7.76 -11.30 -39.48
CA ASP A 433 -7.41 -12.69 -39.69
C ASP A 433 -8.78 -13.34 -39.81
N ASP A 434 -8.82 -14.60 -40.21
CA ASP A 434 -10.09 -15.31 -40.33
C ASP A 434 -10.83 -15.24 -39.01
N ASN A 435 -12.08 -14.82 -39.06
CA ASN A 435 -12.89 -14.72 -37.84
C ASN A 435 -14.11 -15.62 -37.91
N VAL A 436 -14.29 -16.33 -39.02
CA VAL A 436 -15.49 -17.14 -39.18
C VAL A 436 -15.40 -18.62 -39.52
N THR A 437 -14.35 -19.03 -40.22
CA THR A 437 -14.25 -20.44 -40.64
C THR A 437 -14.40 -21.49 -39.56
N GLN A 438 -13.57 -21.46 -38.54
CA GLN A 438 -13.66 -22.46 -37.48
C GLN A 438 -14.98 -22.34 -36.74
N VAL A 439 -15.51 -21.12 -36.66
CA VAL A 439 -16.76 -20.89 -35.97
C VAL A 439 -17.87 -21.61 -36.71
N ARG A 440 -17.79 -21.61 -38.04
CA ARG A 440 -18.78 -22.27 -38.88
C ARG A 440 -18.73 -23.78 -38.65
N ALA A 441 -17.52 -24.34 -38.60
CA ALA A 441 -17.36 -25.76 -38.37
C ALA A 441 -18.04 -26.14 -37.07
N PHE A 442 -17.89 -25.29 -36.07
CA PHE A 442 -18.50 -25.51 -34.76
C PHE A 442 -20.02 -25.52 -34.88
N TYR A 443 -20.57 -24.44 -35.45
CA TYR A 443 -22.01 -24.30 -35.60
C TYR A 443 -22.62 -25.43 -36.42
N VAL A 444 -21.97 -25.79 -37.52
CA VAL A 444 -22.46 -26.83 -38.44
C VAL A 444 -22.15 -28.28 -38.05
N ASN A 445 -20.87 -28.58 -37.89
CA ASN A 445 -20.44 -29.93 -37.60
C ASN A 445 -20.52 -30.39 -36.15
N VAL A 446 -20.16 -29.52 -35.21
CA VAL A 446 -20.17 -29.89 -33.79
C VAL A 446 -21.55 -29.91 -33.12
N LEU A 447 -22.33 -28.85 -33.31
CA LEU A 447 -23.65 -28.80 -32.69
C LEU A 447 -24.74 -29.46 -33.54
N ASN A 448 -25.82 -29.87 -32.89
CA ASN A 448 -26.97 -30.45 -33.57
C ASN A 448 -28.04 -29.35 -33.57
N GLU A 449 -29.20 -29.60 -34.16
CA GLU A 449 -30.23 -28.58 -34.21
C GLU A 449 -30.75 -28.06 -32.86
N GLU A 450 -30.85 -28.94 -31.86
CA GLU A 450 -31.31 -28.51 -30.54
C GLU A 450 -30.36 -27.45 -29.99
N GLN A 451 -29.07 -27.80 -29.99
CA GLN A 451 -28.02 -26.94 -29.48
C GLN A 451 -27.89 -25.62 -30.23
N ARG A 452 -28.01 -25.65 -31.55
CA ARG A 452 -27.94 -24.42 -32.31
C ARG A 452 -29.12 -23.55 -31.90
N LYS A 453 -30.27 -24.19 -31.70
CA LYS A 453 -31.49 -23.49 -31.30
C LYS A 453 -31.27 -22.82 -29.95
N ARG A 454 -30.73 -23.57 -29.00
CA ARG A 454 -30.45 -23.04 -27.67
C ARG A 454 -29.43 -21.92 -27.76
N LEU A 455 -28.40 -22.15 -28.57
CA LEU A 455 -27.34 -21.17 -28.77
C LEU A 455 -27.89 -19.84 -29.24
N CYS A 456 -28.79 -19.89 -30.22
CA CYS A 456 -29.38 -18.67 -30.76
C CYS A 456 -30.31 -18.01 -29.78
N GLU A 457 -31.04 -18.81 -29.00
CA GLU A 457 -31.95 -18.27 -28.01
C GLU A 457 -31.19 -17.56 -26.92
N ASN A 458 -30.06 -18.15 -26.53
CA ASN A 458 -29.22 -17.58 -25.49
C ASN A 458 -28.65 -16.24 -25.92
N ILE A 459 -28.15 -16.20 -27.15
CA ILE A 459 -27.57 -14.96 -27.67
C ILE A 459 -28.65 -13.89 -27.77
N ALA A 460 -29.73 -14.19 -28.47
CA ALA A 460 -30.82 -13.23 -28.65
C ALA A 460 -31.39 -12.77 -27.32
N GLY A 461 -31.50 -13.71 -26.38
CA GLY A 461 -32.04 -13.38 -25.07
C GLY A 461 -31.31 -12.23 -24.41
N HIS A 462 -30.00 -12.19 -24.60
CA HIS A 462 -29.18 -11.13 -24.02
C HIS A 462 -28.99 -9.97 -24.97
N LEU A 463 -28.73 -10.29 -26.24
CA LEU A 463 -28.53 -9.29 -27.28
C LEU A 463 -29.74 -8.38 -27.55
N LYS A 464 -30.93 -8.84 -27.23
CA LYS A 464 -32.14 -8.06 -27.46
C LYS A 464 -32.18 -6.74 -26.70
N ASP A 465 -31.41 -6.64 -25.61
CA ASP A 465 -31.38 -5.43 -24.80
C ASP A 465 -30.41 -4.36 -25.33
N ALA A 466 -29.70 -4.65 -26.40
CA ALA A 466 -28.78 -3.68 -26.98
C ALA A 466 -29.54 -2.86 -28.02
N GLN A 467 -28.96 -1.73 -28.40
CA GLN A 467 -29.58 -0.86 -29.40
C GLN A 467 -29.62 -1.59 -30.74
N ILE A 468 -30.68 -1.34 -31.50
CA ILE A 468 -30.86 -1.98 -32.79
C ILE A 468 -29.65 -1.91 -33.70
N PHE A 469 -28.99 -0.75 -33.76
CA PHE A 469 -27.83 -0.62 -34.62
C PHE A 469 -26.72 -1.58 -34.19
N ILE A 470 -26.69 -1.90 -32.91
CA ILE A 470 -25.71 -2.83 -32.39
C ILE A 470 -26.19 -4.23 -32.77
N GLN A 471 -27.49 -4.46 -32.60
CA GLN A 471 -28.09 -5.74 -32.94
C GLN A 471 -27.83 -6.10 -34.39
N LYS A 472 -28.05 -5.16 -35.29
CA LYS A 472 -27.83 -5.39 -36.70
C LYS A 472 -26.38 -5.77 -37.02
N LYS A 473 -25.42 -5.04 -36.45
CA LYS A 473 -24.01 -5.33 -36.70
C LYS A 473 -23.65 -6.70 -36.16
N ALA A 474 -24.16 -7.04 -34.98
CA ALA A 474 -23.91 -8.34 -34.38
C ALA A 474 -24.44 -9.45 -35.29
N VAL A 475 -25.67 -9.28 -35.76
CA VAL A 475 -26.30 -10.24 -36.64
C VAL A 475 -25.52 -10.38 -37.94
N LYS A 476 -25.01 -9.26 -38.45
CA LYS A 476 -24.25 -9.31 -39.69
C LYS A 476 -23.07 -10.26 -39.55
N ASN A 477 -22.37 -10.19 -38.43
CA ASN A 477 -21.22 -11.06 -38.18
C ASN A 477 -21.66 -12.51 -38.10
N PHE A 478 -22.76 -12.76 -37.39
CA PHE A 478 -23.27 -14.11 -37.26
C PHE A 478 -23.70 -14.65 -38.62
N THR A 479 -24.17 -13.74 -39.46
CA THR A 479 -24.59 -14.11 -40.80
C THR A 479 -23.37 -14.50 -41.63
N GLU A 480 -22.24 -13.86 -41.33
CA GLU A 480 -21.01 -14.17 -42.04
C GLU A 480 -20.54 -15.56 -41.66
N VAL A 481 -20.98 -16.03 -40.51
CA VAL A 481 -20.62 -17.36 -40.04
C VAL A 481 -21.49 -18.36 -40.79
N HIS A 482 -22.80 -18.10 -40.78
CA HIS A 482 -23.76 -18.94 -41.47
C HIS A 482 -25.07 -18.18 -41.56
N PRO A 483 -25.75 -18.24 -42.71
CA PRO A 483 -27.02 -17.56 -42.91
C PRO A 483 -28.04 -17.92 -41.85
N ASP A 484 -28.12 -19.22 -41.54
CA ASP A 484 -29.05 -19.74 -40.55
C ASP A 484 -28.77 -19.21 -39.14
N TYR A 485 -27.49 -18.99 -38.83
CA TYR A 485 -27.07 -18.49 -37.53
C TYR A 485 -27.67 -17.10 -37.32
N GLY A 486 -27.45 -16.22 -38.29
CA GLY A 486 -27.97 -14.86 -38.22
C GLY A 486 -29.47 -14.73 -38.32
N SER A 487 -30.10 -15.53 -39.18
CA SER A 487 -31.56 -15.47 -39.37
C SER A 487 -32.33 -15.95 -38.15
N HIS A 488 -31.84 -17.04 -37.56
CA HIS A 488 -32.45 -17.63 -36.37
C HIS A 488 -32.39 -16.62 -35.23
N ILE A 489 -31.24 -15.97 -35.07
CA ILE A 489 -31.06 -14.96 -34.04
C ILE A 489 -31.95 -13.75 -34.35
N GLN A 490 -31.92 -13.29 -35.60
CA GLN A 490 -32.71 -12.14 -36.02
C GLN A 490 -34.20 -12.39 -35.78
N ALA A 491 -34.63 -13.61 -36.08
CA ALA A 491 -36.02 -14.02 -35.91
C ALA A 491 -36.46 -13.88 -34.45
N LEU A 492 -35.58 -14.28 -33.54
CA LEU A 492 -35.85 -14.19 -32.11
C LEU A 492 -35.81 -12.74 -31.65
N LEU A 493 -34.82 -11.99 -32.13
CA LEU A 493 -34.71 -10.58 -31.76
C LEU A 493 -35.99 -9.86 -32.16
N ASP A 494 -36.57 -10.26 -33.30
CA ASP A 494 -37.81 -9.65 -33.78
C ASP A 494 -38.92 -9.86 -32.76
N LYS A 495 -38.99 -11.07 -32.24
CA LYS A 495 -39.99 -11.41 -31.26
C LYS A 495 -39.77 -10.64 -29.96
N TYR A 496 -38.54 -10.68 -29.41
CA TYR A 496 -38.23 -9.97 -28.17
C TYR A 496 -38.50 -8.47 -28.26
N ASN A 497 -38.22 -7.90 -29.42
CA ASN A 497 -38.45 -6.47 -29.63
C ASN A 497 -39.93 -6.12 -29.83
N ARG B 1 41.05 -7.68 8.43
CA ARG B 1 40.68 -6.45 9.18
C ARG B 1 39.65 -6.78 10.27
N ASP B 2 38.76 -5.83 10.56
CA ASP B 2 37.72 -6.03 11.58
C ASP B 2 36.63 -6.97 11.07
N PRO B 3 35.82 -7.55 11.99
CA PRO B 3 34.75 -8.47 11.63
C PRO B 3 33.75 -7.90 10.65
N ALA B 4 33.37 -6.63 10.83
CA ALA B 4 32.42 -5.98 9.94
C ALA B 4 32.93 -6.03 8.49
N SER B 5 34.17 -5.61 8.30
CA SER B 5 34.78 -5.62 6.97
C SER B 5 34.79 -7.01 6.33
N ASP B 6 35.14 -8.02 7.12
CA ASP B 6 35.23 -9.39 6.61
C ASP B 6 33.92 -10.15 6.49
N GLN B 7 32.80 -9.44 6.55
CA GLN B 7 31.48 -10.06 6.46
C GLN B 7 31.38 -11.06 5.31
N MET B 8 31.65 -10.62 4.09
CA MET B 8 31.56 -11.53 2.97
C MET B 8 32.61 -12.64 3.02
N GLN B 9 33.85 -12.30 3.39
CA GLN B 9 34.92 -13.30 3.48
C GLN B 9 34.51 -14.44 4.40
N HIS B 10 34.03 -14.08 5.57
CA HIS B 10 33.61 -15.08 6.54
C HIS B 10 32.43 -15.91 6.02
N TRP B 11 31.52 -15.28 5.28
CA TRP B 11 30.37 -16.01 4.71
C TRP B 11 30.88 -17.05 3.73
N LYS B 12 31.87 -16.66 2.94
CA LYS B 12 32.47 -17.52 1.92
C LYS B 12 33.12 -18.74 2.56
N GLU B 13 33.94 -18.49 3.58
CA GLU B 13 34.65 -19.55 4.28
C GLU B 13 33.70 -20.56 4.92
N GLN B 14 32.56 -20.09 5.41
CA GLN B 14 31.59 -21.00 6.01
C GLN B 14 30.94 -21.92 4.98
N ARG B 15 31.13 -21.60 3.70
CA ARG B 15 30.63 -22.44 2.62
C ARG B 15 31.72 -23.46 2.31
N ALA B 16 32.91 -23.22 2.89
CA ALA B 16 34.06 -24.10 2.72
C ALA B 16 34.20 -24.66 1.31
N ALA B 17 34.26 -25.98 1.21
CA ALA B 17 34.42 -26.67 -0.07
C ALA B 17 33.09 -27.12 -0.69
N GLN B 18 32.25 -26.16 -1.11
CA GLN B 18 30.97 -26.52 -1.72
C GLN B 18 30.46 -25.63 -2.83
N LYS B 19 30.02 -26.28 -3.90
CA LYS B 19 29.49 -25.60 -5.07
C LYS B 19 28.34 -24.68 -4.67
N ALA B 20 28.24 -23.54 -5.34
CA ALA B 20 27.20 -22.56 -5.07
C ALA B 20 25.82 -23.07 -5.46
N ASP B 21 24.80 -22.57 -4.77
CA ASP B 21 23.43 -22.97 -5.05
C ASP B 21 23.06 -22.50 -6.45
N VAL B 22 22.00 -23.06 -7.00
CA VAL B 22 21.53 -22.70 -8.32
C VAL B 22 20.80 -21.37 -8.27
N LEU B 23 21.11 -20.48 -9.22
CA LEU B 23 20.48 -19.16 -9.30
C LEU B 23 19.09 -19.31 -9.93
N THR B 24 18.06 -18.88 -9.22
CA THR B 24 16.70 -19.01 -9.72
C THR B 24 15.90 -17.72 -9.70
N THR B 25 14.70 -17.78 -10.27
CA THR B 25 13.79 -16.65 -10.27
C THR B 25 13.11 -16.67 -8.92
N GLY B 26 12.21 -15.72 -8.68
CA GLY B 26 11.50 -15.70 -7.41
C GLY B 26 10.64 -16.94 -7.24
N ALA B 27 10.15 -17.47 -8.36
CA ALA B 27 9.31 -18.65 -8.36
C ALA B 27 10.12 -19.95 -8.35
N GLY B 28 11.43 -19.83 -8.13
CA GLY B 28 12.27 -21.01 -8.07
C GLY B 28 12.67 -21.63 -9.40
N ASN B 29 12.45 -20.94 -10.51
CA ASN B 29 12.83 -21.46 -11.81
C ASN B 29 14.29 -21.13 -12.07
N PRO B 30 15.13 -22.16 -12.36
CA PRO B 30 16.56 -22.02 -12.62
C PRO B 30 16.84 -21.01 -13.75
N VAL B 31 17.88 -20.20 -13.57
CA VAL B 31 18.27 -19.19 -14.55
C VAL B 31 19.51 -19.64 -15.33
N GLY B 32 19.42 -19.61 -16.65
CA GLY B 32 20.54 -20.04 -17.47
C GLY B 32 21.60 -18.99 -17.68
N ASP B 33 21.18 -17.73 -17.64
CA ASP B 33 22.08 -16.61 -17.83
C ASP B 33 21.41 -15.36 -17.27
N LYS B 34 21.93 -14.86 -16.15
CA LYS B 34 21.37 -13.66 -15.55
C LYS B 34 22.31 -12.48 -15.74
N LEU B 35 23.12 -12.54 -16.80
CA LEU B 35 24.09 -11.49 -17.12
C LEU B 35 23.83 -10.77 -18.44
N ASN B 36 22.90 -11.28 -19.24
CA ASN B 36 22.56 -10.67 -20.53
C ASN B 36 21.05 -10.78 -20.70
N VAL B 37 20.42 -9.79 -21.32
CA VAL B 37 18.98 -9.86 -21.56
C VAL B 37 18.69 -10.39 -22.94
N ILE B 38 17.42 -10.75 -23.16
CA ILE B 38 17.01 -11.27 -24.44
C ILE B 38 16.67 -10.16 -25.40
N THR B 39 17.33 -10.17 -26.55
CA THR B 39 17.10 -9.18 -27.59
C THR B 39 16.99 -9.91 -28.91
N VAL B 40 16.31 -9.29 -29.87
CA VAL B 40 16.20 -9.90 -31.20
C VAL B 40 17.40 -9.39 -32.00
N GLY B 41 18.43 -10.23 -32.08
CA GLY B 41 19.64 -9.85 -32.75
C GLY B 41 20.53 -9.20 -31.71
N PRO B 42 21.85 -9.27 -31.86
CA PRO B 42 22.79 -8.67 -30.91
C PRO B 42 22.55 -7.20 -30.60
N ARG B 43 22.00 -6.46 -31.57
CA ARG B 43 21.72 -5.05 -31.38
C ARG B 43 20.23 -4.71 -31.57
N GLY B 44 19.36 -5.68 -31.29
CA GLY B 44 17.94 -5.47 -31.42
C GLY B 44 17.30 -5.10 -30.09
N PRO B 45 15.97 -4.92 -30.04
CA PRO B 45 15.23 -4.56 -28.82
C PRO B 45 15.03 -5.69 -27.80
N LEU B 46 14.64 -5.29 -26.60
CA LEU B 46 14.41 -6.19 -25.49
C LEU B 46 13.01 -6.79 -25.57
N LEU B 47 12.92 -8.09 -25.27
CA LEU B 47 11.65 -8.80 -25.32
C LEU B 47 11.00 -8.97 -23.97
N VAL B 48 9.67 -8.96 -23.99
CA VAL B 48 8.89 -9.12 -22.77
C VAL B 48 9.04 -10.53 -22.23
N GLN B 49 9.35 -11.48 -23.10
CA GLN B 49 9.52 -12.86 -22.66
C GLN B 49 10.78 -13.09 -21.84
N ASP B 50 11.52 -12.01 -21.58
CA ASP B 50 12.71 -12.10 -20.73
C ASP B 50 12.15 -11.87 -19.32
N VAL B 51 11.52 -12.90 -18.79
CA VAL B 51 10.90 -12.88 -17.49
C VAL B 51 11.94 -12.84 -16.37
N VAL B 52 13.10 -13.41 -16.63
CA VAL B 52 14.17 -13.41 -15.64
C VAL B 52 14.48 -11.96 -15.30
N PHE B 53 14.53 -11.11 -16.33
CA PHE B 53 14.83 -9.70 -16.13
C PHE B 53 13.75 -8.95 -15.36
N THR B 54 12.52 -9.05 -15.85
CA THR B 54 11.39 -8.37 -15.22
C THR B 54 11.24 -8.79 -13.76
N ASP B 55 11.26 -10.10 -13.52
CA ASP B 55 11.13 -10.67 -12.19
C ASP B 55 12.14 -10.04 -11.22
N GLU B 56 13.41 -9.97 -11.63
CA GLU B 56 14.44 -9.39 -10.81
C GLU B 56 14.31 -7.87 -10.73
N MET B 57 14.15 -7.22 -11.87
CA MET B 57 14.02 -5.77 -11.89
C MET B 57 12.80 -5.29 -11.09
N ALA B 58 11.68 -5.98 -11.26
CA ALA B 58 10.47 -5.59 -10.55
C ALA B 58 10.66 -5.65 -9.05
N HIS B 59 11.36 -6.68 -8.55
CA HIS B 59 11.59 -6.77 -7.12
C HIS B 59 12.53 -5.67 -6.70
N PHE B 60 13.57 -5.43 -7.49
CA PHE B 60 14.53 -4.37 -7.21
C PHE B 60 13.77 -3.05 -7.10
N ASP B 61 12.80 -2.86 -7.99
CA ASP B 61 11.99 -1.66 -8.03
C ASP B 61 11.10 -1.49 -6.80
N ARG B 62 11.02 -2.55 -5.97
CA ARG B 62 10.17 -2.53 -4.79
C ARG B 62 10.89 -2.76 -3.46
N GLU B 63 12.21 -2.64 -3.47
CA GLU B 63 12.99 -2.87 -2.26
C GLU B 63 12.74 -1.95 -1.08
N ARG B 64 12.44 -0.68 -1.34
CA ARG B 64 12.24 0.28 -0.27
C ARG B 64 10.87 0.38 0.38
N ILE B 65 10.89 0.57 1.70
CA ILE B 65 9.67 0.77 2.47
C ILE B 65 9.90 2.11 3.17
N PRO B 66 8.83 2.80 3.61
CA PRO B 66 9.01 4.08 4.28
C PRO B 66 9.89 3.91 5.51
N GLU B 67 10.81 4.85 5.72
CA GLU B 67 11.65 4.76 6.91
C GLU B 67 10.80 5.20 8.08
N ARG B 68 11.27 4.95 9.29
CA ARG B 68 10.51 5.35 10.46
C ARG B 68 10.34 6.87 10.39
N VAL B 69 9.16 7.35 10.74
CA VAL B 69 8.90 8.79 10.70
C VAL B 69 9.90 9.53 11.58
N VAL B 70 10.40 8.85 12.62
CA VAL B 70 11.42 9.38 13.54
C VAL B 70 12.30 8.20 13.93
N HIS B 71 13.53 8.47 14.35
CA HIS B 71 14.46 7.41 14.72
C HIS B 71 14.79 6.51 13.52
N ALA B 72 14.74 7.10 12.33
CA ALA B 72 15.01 6.38 11.09
C ALA B 72 16.41 5.77 11.01
N LYS B 73 17.40 6.46 11.58
CA LYS B 73 18.78 6.00 11.56
C LYS B 73 19.10 5.16 12.78
N GLY B 74 19.46 3.89 12.57
CA GLY B 74 19.76 3.04 13.71
C GLY B 74 20.52 1.74 13.51
N ALA B 75 20.70 1.02 14.61
CA ALA B 75 21.41 -0.26 14.62
C ALA B 75 20.69 -1.24 15.54
N GLY B 76 20.89 -2.53 15.30
CA GLY B 76 20.24 -3.52 16.13
C GLY B 76 21.15 -4.63 16.61
N ALA B 77 20.70 -5.33 17.64
CA ALA B 77 21.44 -6.44 18.22
C ALA B 77 20.47 -7.31 19.00
N PHE B 78 20.92 -8.51 19.35
CA PHE B 78 20.09 -9.45 20.09
C PHE B 78 20.79 -10.04 21.28
N GLY B 79 20.01 -10.51 22.23
CA GLY B 79 20.58 -11.09 23.42
C GLY B 79 19.54 -11.63 24.37
N TYR B 80 19.69 -11.33 25.65
CA TYR B 80 18.74 -11.81 26.64
C TYR B 80 18.67 -10.92 27.85
N PHE B 81 17.62 -11.13 28.63
CA PHE B 81 17.43 -10.41 29.87
C PHE B 81 17.41 -11.47 30.96
N GLU B 82 18.17 -11.25 32.02
CA GLU B 82 18.24 -12.18 33.12
C GLU B 82 17.85 -11.50 34.43
N VAL B 83 16.99 -12.16 35.19
CA VAL B 83 16.52 -11.62 36.46
C VAL B 83 17.55 -11.92 37.53
N THR B 84 18.06 -10.88 38.19
CA THR B 84 19.04 -11.06 39.24
C THR B 84 18.44 -10.87 40.62
N HIS B 85 17.31 -10.17 40.69
CA HIS B 85 16.67 -9.91 41.97
C HIS B 85 15.18 -10.19 41.92
N ASP B 86 14.58 -10.31 43.10
CA ASP B 86 13.15 -10.60 43.23
C ASP B 86 12.35 -9.33 43.46
N ILE B 87 11.48 -9.01 42.50
CA ILE B 87 10.62 -7.84 42.63
C ILE B 87 9.18 -8.25 42.43
N THR B 88 8.90 -9.54 42.61
CA THR B 88 7.55 -10.06 42.46
C THR B 88 6.59 -9.37 43.44
N LYS B 89 7.14 -8.75 44.47
CA LYS B 89 6.30 -8.03 45.44
C LYS B 89 5.63 -6.84 44.76
N TYR B 90 6.22 -6.40 43.65
CA TYR B 90 5.69 -5.27 42.90
C TYR B 90 4.98 -5.70 41.61
N SER B 91 5.57 -6.65 40.89
CA SER B 91 5.01 -7.09 39.62
C SER B 91 4.92 -8.60 39.44
N LYS B 92 3.75 -9.06 38.98
CA LYS B 92 3.50 -10.47 38.73
C LYS B 92 3.90 -10.91 37.32
N ALA B 93 4.48 -10.00 36.55
CA ALA B 93 4.89 -10.29 35.17
C ALA B 93 5.81 -11.51 35.06
N LYS B 94 5.41 -12.45 34.21
CA LYS B 94 6.17 -13.67 33.99
C LYS B 94 7.65 -13.42 33.75
N VAL B 95 7.96 -12.31 33.11
CA VAL B 95 9.34 -11.95 32.82
C VAL B 95 10.20 -11.83 34.08
N PHE B 96 9.57 -11.54 35.21
CA PHE B 96 10.27 -11.40 36.48
C PHE B 96 10.00 -12.53 37.48
N GLU B 97 9.13 -13.48 37.12
CA GLU B 97 8.74 -14.53 38.04
C GLU B 97 9.77 -15.16 38.96
N HIS B 98 10.99 -15.40 38.47
CA HIS B 98 12.01 -16.00 39.34
C HIS B 98 13.43 -15.57 39.01
N ILE B 99 14.24 -15.38 40.05
CA ILE B 99 15.64 -14.98 39.89
C ILE B 99 16.34 -16.03 39.04
N GLY B 100 17.17 -15.58 38.11
CA GLY B 100 17.87 -16.50 37.24
C GLY B 100 17.15 -16.74 35.93
N LYS B 101 15.88 -16.30 35.84
CA LYS B 101 15.11 -16.47 34.61
C LYS B 101 15.66 -15.66 33.44
N LYS B 102 15.79 -16.31 32.29
CA LYS B 102 16.29 -15.65 31.10
C LYS B 102 15.25 -15.54 29.99
N THR B 103 15.10 -14.33 29.47
CA THR B 103 14.14 -14.04 28.40
C THR B 103 14.87 -13.40 27.23
N PRO B 104 14.66 -13.92 26.00
CA PRO B 104 15.29 -13.42 24.79
C PRO B 104 14.84 -12.00 24.49
N ILE B 105 15.78 -11.16 24.04
CA ILE B 105 15.46 -9.79 23.72
C ILE B 105 16.02 -9.35 22.39
N ALA B 106 15.40 -8.31 21.84
CA ALA B 106 15.82 -7.71 20.59
C ALA B 106 15.92 -6.23 20.92
N VAL B 107 16.94 -5.57 20.42
CA VAL B 107 17.14 -4.16 20.70
C VAL B 107 17.52 -3.36 19.46
N ARG B 108 17.12 -2.09 19.43
CA ARG B 108 17.47 -1.21 18.33
C ARG B 108 17.81 0.16 18.90
N PHE B 109 19.00 0.63 18.54
CA PHE B 109 19.49 1.93 18.98
C PHE B 109 19.29 2.89 17.83
N SER B 110 19.18 4.17 18.13
CA SER B 110 18.96 5.12 17.04
C SER B 110 19.03 6.57 17.46
N THR B 111 19.15 7.44 16.45
CA THR B 111 19.15 8.88 16.68
C THR B 111 17.68 9.24 16.50
N VAL B 112 17.37 10.49 16.23
CA VAL B 112 15.97 10.84 16.09
C VAL B 112 15.57 11.61 14.84
N ALA B 113 16.19 12.77 14.63
CA ALA B 113 15.86 13.64 13.50
C ALA B 113 16.38 13.25 12.13
N GLY B 114 17.61 12.74 12.07
CA GLY B 114 18.19 12.37 10.79
C GLY B 114 17.48 11.24 10.09
N GLU B 115 17.51 11.28 8.76
CA GLU B 115 16.88 10.23 7.96
C GLU B 115 17.87 9.07 7.85
N SER B 116 17.47 8.04 7.11
N SER B 116 17.47 8.04 7.11
CA SER B 116 18.26 6.83 6.92
CA SER B 116 18.33 6.90 6.89
C SER B 116 19.74 6.96 6.54
C SER B 116 19.48 7.48 6.07
N GLY B 117 20.10 8.00 5.80
N GLY B 117 20.70 7.16 6.47
CA GLY B 117 21.49 8.14 5.41
CA GLY B 117 21.84 7.69 5.74
C GLY B 117 22.26 9.18 6.19
C GLY B 117 22.54 8.75 6.57
N SER B 118 21.78 9.50 7.38
CA SER B 118 22.40 10.51 8.23
C SER B 118 23.48 9.91 9.12
N ALA B 119 24.29 10.78 9.72
CA ALA B 119 25.38 10.36 10.59
C ALA B 119 24.93 9.99 12.00
N ASP B 120 25.63 9.03 12.59
CA ASP B 120 25.32 8.57 13.95
C ASP B 120 25.79 9.55 15.02
N THR B 121 27.02 10.00 14.87
CA THR B 121 27.65 10.90 15.84
C THR B 121 27.20 12.36 15.77
N VAL B 122 25.93 12.60 16.08
CA VAL B 122 25.36 13.94 16.07
C VAL B 122 24.57 14.15 17.34
N ARG B 123 24.42 15.41 17.75
CA ARG B 123 23.65 15.73 18.95
C ARG B 123 22.21 15.39 18.65
N ASP B 124 21.58 14.66 19.55
CA ASP B 124 20.20 14.22 19.36
C ASP B 124 19.97 13.17 20.42
N PRO B 125 18.71 12.90 20.79
CA PRO B 125 18.44 11.87 21.80
C PRO B 125 18.80 10.53 21.16
N ARG B 126 18.76 9.46 21.92
CA ARG B 126 19.07 8.15 21.38
C ARG B 126 18.01 7.12 21.74
N GLY B 127 17.43 6.50 20.72
CA GLY B 127 16.42 5.50 20.98
C GLY B 127 17.13 4.27 21.51
N PHE B 128 16.50 3.60 22.48
CA PHE B 128 17.06 2.41 23.10
C PHE B 128 15.85 1.55 23.40
N ALA B 129 15.32 0.92 22.35
CA ALA B 129 14.14 0.07 22.48
C ALA B 129 14.49 -1.38 22.71
N VAL B 130 13.79 -2.01 23.64
CA VAL B 130 14.02 -3.41 23.99
C VAL B 130 12.75 -4.24 23.86
N LYS B 131 12.84 -5.32 23.09
CA LYS B 131 11.70 -6.21 22.90
C LYS B 131 11.96 -7.49 23.66
N PHE B 132 11.09 -7.79 24.63
CA PHE B 132 11.19 -9.00 25.45
C PHE B 132 10.21 -10.01 24.92
N TYR B 133 10.68 -11.18 24.52
CA TYR B 133 9.79 -12.21 24.02
C TYR B 133 9.34 -13.10 25.18
N THR B 134 8.38 -12.62 25.96
CA THR B 134 7.91 -13.38 27.12
C THR B 134 6.83 -14.40 26.78
N GLU B 135 6.57 -15.29 27.73
CA GLU B 135 5.56 -16.33 27.58
C GLU B 135 4.19 -15.68 27.57
N ASP B 136 4.10 -14.47 28.11
CA ASP B 136 2.86 -13.73 28.13
C ASP B 136 2.82 -12.72 26.98
N GLY B 137 3.47 -13.07 25.88
CA GLY B 137 3.53 -12.18 24.73
C GLY B 137 4.75 -11.30 24.78
N ASN B 138 4.83 -10.36 23.84
CA ASN B 138 5.96 -9.46 23.78
C ASN B 138 5.76 -8.26 24.66
N TRP B 139 6.86 -7.82 25.28
CA TRP B 139 6.86 -6.65 26.13
C TRP B 139 7.87 -5.73 25.50
N ASP B 140 7.40 -4.59 25.00
CA ASP B 140 8.28 -3.62 24.39
C ASP B 140 8.52 -2.46 25.34
N LEU B 141 9.77 -2.29 25.73
CA LEU B 141 10.13 -1.17 26.59
C LEU B 141 10.84 -0.23 25.63
N VAL B 142 10.06 0.63 24.99
CA VAL B 142 10.58 1.57 24.01
C VAL B 142 11.15 2.81 24.69
N GLY B 143 12.41 2.71 25.10
CA GLY B 143 13.04 3.83 25.79
C GLY B 143 14.08 4.64 25.04
N ASN B 144 14.60 5.65 25.74
CA ASN B 144 15.61 6.57 25.23
C ASN B 144 16.76 6.64 26.21
N ASN B 145 17.83 7.32 25.81
CA ASN B 145 19.01 7.47 26.65
C ASN B 145 18.86 8.67 27.61
N THR B 146 17.61 9.08 27.83
CA THR B 146 17.30 10.19 28.73
C THR B 146 16.04 9.83 29.53
N PRO B 147 15.99 10.21 30.82
CA PRO B 147 14.84 9.92 31.69
C PRO B 147 13.64 10.82 31.45
N ILE B 148 13.84 11.91 30.72
CA ILE B 148 12.80 12.89 30.44
C ILE B 148 12.63 13.20 28.95
N PHE B 149 11.71 14.12 28.66
CA PHE B 149 11.46 14.52 27.29
C PHE B 149 11.13 16.01 27.16
N PHE B 150 11.18 16.51 25.93
CA PHE B 150 10.94 17.91 25.63
C PHE B 150 9.55 18.43 25.94
N ILE B 151 8.54 17.60 25.78
CA ILE B 151 7.16 18.02 26.00
C ILE B 151 6.39 17.09 26.92
N ARG B 152 5.25 17.55 27.42
CA ARG B 152 4.45 16.76 28.33
C ARG B 152 3.06 16.40 27.81
N ASP B 153 2.77 16.77 26.57
CA ASP B 153 1.49 16.45 25.93
C ASP B 153 1.76 15.95 24.52
N PRO B 154 1.22 14.77 24.19
CA PRO B 154 1.38 14.12 22.88
C PRO B 154 0.88 14.92 21.67
N ILE B 155 -0.08 15.82 21.89
CA ILE B 155 -0.61 16.61 20.80
C ILE B 155 0.39 17.63 20.26
N LEU B 156 1.52 17.81 20.93
CA LEU B 156 2.55 18.74 20.47
C LEU B 156 3.68 17.99 19.78
N PHE B 157 3.66 16.66 19.92
CA PHE B 157 4.71 15.83 19.33
C PHE B 157 4.89 16.02 17.83
N PRO B 158 3.81 15.91 17.03
CA PRO B 158 3.98 16.09 15.59
C PRO B 158 4.66 17.44 15.30
N SER B 159 4.23 18.48 16.01
CA SER B 159 4.79 19.81 15.84
C SER B 159 6.26 19.86 16.25
N PHE B 160 6.56 19.29 17.41
CA PHE B 160 7.93 19.26 17.91
C PHE B 160 8.83 18.59 16.90
N ILE B 161 8.39 17.45 16.39
CA ILE B 161 9.15 16.70 15.41
C ILE B 161 9.37 17.52 14.15
N HIS B 162 8.35 18.26 13.73
CA HIS B 162 8.45 19.10 12.55
C HIS B 162 9.50 20.16 12.76
N SER B 163 9.45 20.83 13.92
CA SER B 163 10.40 21.88 14.24
C SER B 163 11.84 21.34 14.24
N GLN B 164 11.98 20.06 14.56
CA GLN B 164 13.29 19.41 14.59
C GLN B 164 13.80 18.91 13.25
N LYS B 165 12.91 18.77 12.27
CA LYS B 165 13.34 18.29 10.95
C LYS B 165 13.55 19.37 9.89
N ARG B 166 13.26 19.06 8.63
CA ARG B 166 13.48 20.00 7.53
C ARG B 166 12.38 21.03 7.22
N ASN B 167 12.79 22.18 6.70
CA ASN B 167 11.86 23.24 6.32
C ASN B 167 11.04 22.66 5.19
N PRO B 168 9.71 22.82 5.24
CA PRO B 168 8.80 22.32 4.22
C PRO B 168 9.04 22.81 2.81
N GLN B 169 9.70 23.95 2.68
CA GLN B 169 9.98 24.48 1.36
C GLN B 169 11.40 24.28 0.88
N THR B 170 12.35 24.58 1.75
CA THR B 170 13.77 24.47 1.42
C THR B 170 14.39 23.10 1.65
N HIS B 171 13.80 22.32 2.56
CA HIS B 171 14.27 20.98 2.90
C HIS B 171 15.61 21.05 3.64
N LEU B 172 15.84 22.16 4.34
CA LEU B 172 17.07 22.36 5.09
C LEU B 172 16.72 22.45 6.57
N LYS B 173 17.65 22.09 7.42
CA LYS B 173 17.42 22.18 8.85
C LYS B 173 17.16 23.65 9.13
N ASP B 174 16.26 23.96 10.05
CA ASP B 174 15.95 25.35 10.29
C ASP B 174 15.98 25.73 11.76
N PRO B 175 17.03 26.43 12.18
CA PRO B 175 17.16 26.85 13.58
C PRO B 175 16.05 27.79 14.07
N ASP B 176 15.33 28.43 13.15
CA ASP B 176 14.22 29.29 13.55
C ASP B 176 13.09 28.40 14.03
N MET B 177 12.92 27.27 13.35
CA MET B 177 11.87 26.31 13.68
C MET B 177 12.20 25.66 15.02
N VAL B 178 13.44 25.23 15.15
CA VAL B 178 13.90 24.58 16.37
C VAL B 178 13.67 25.45 17.59
N TRP B 179 14.21 26.66 17.54
CA TRP B 179 14.12 27.58 18.67
C TRP B 179 12.84 28.34 18.85
N ASP B 180 12.07 28.51 17.78
CA ASP B 180 10.80 29.21 17.92
C ASP B 180 9.92 28.28 18.75
N PHE B 181 9.95 27.00 18.43
CA PHE B 181 9.15 26.03 19.16
C PHE B 181 9.62 25.88 20.60
N TRP B 182 10.92 25.72 20.80
CA TRP B 182 11.46 25.55 22.14
C TRP B 182 11.25 26.78 23.01
N SER B 183 11.56 27.96 22.47
CA SER B 183 11.39 29.20 23.24
C SER B 183 9.92 29.43 23.56
N LEU B 184 9.03 28.97 22.70
CA LEU B 184 7.59 29.12 22.91
C LEU B 184 7.06 28.09 23.90
N ARG B 185 7.79 26.98 24.03
CA ARG B 185 7.40 25.92 24.94
C ARG B 185 8.56 25.65 25.91
N PRO B 186 8.69 26.50 26.94
CA PRO B 186 9.75 26.38 27.95
C PRO B 186 9.79 25.09 28.76
N GLU B 187 8.80 24.21 28.60
CA GLU B 187 8.80 22.95 29.33
C GLU B 187 9.92 22.05 28.81
N SER B 188 10.40 22.37 27.61
CA SER B 188 11.48 21.64 26.95
C SER B 188 12.84 21.96 27.57
N LEU B 189 12.88 22.98 28.39
CA LEU B 189 14.11 23.43 29.05
C LEU B 189 14.89 22.30 29.73
N HIS B 190 14.20 21.41 30.41
CA HIS B 190 14.87 20.33 31.11
C HIS B 190 15.64 19.43 30.15
N GLN B 191 14.93 18.86 29.17
CA GLN B 191 15.54 17.97 28.20
C GLN B 191 16.49 18.69 27.25
N VAL B 192 16.23 19.96 26.99
CA VAL B 192 17.10 20.74 26.11
C VAL B 192 18.46 20.92 26.79
N SER B 193 18.43 21.09 28.12
CA SER B 193 19.66 21.26 28.88
C SER B 193 20.44 19.94 28.89
N PHE B 194 19.72 18.82 28.93
CA PHE B 194 20.37 17.52 28.91
C PHE B 194 20.95 17.24 27.53
N LEU B 195 20.22 17.63 26.49
CA LEU B 195 20.64 17.43 25.10
C LEU B 195 21.94 18.17 24.75
N PHE B 196 22.07 19.40 25.21
CA PHE B 196 23.25 20.18 24.93
C PHE B 196 24.40 20.01 25.93
N SER B 197 24.26 19.01 26.80
CA SER B 197 25.30 18.69 27.77
C SER B 197 26.17 17.61 27.12
N ASP B 198 27.18 17.14 27.86
CA ASP B 198 28.09 16.12 27.33
C ASP B 198 27.40 14.87 26.80
N ARG B 199 26.33 14.47 27.45
CA ARG B 199 25.61 13.26 27.03
C ARG B 199 24.78 13.38 25.76
N GLY B 200 24.82 14.54 25.12
CA GLY B 200 24.08 14.73 23.88
C GLY B 200 24.60 13.86 22.75
N ILE B 201 25.89 13.53 22.81
CA ILE B 201 26.52 12.70 21.79
C ILE B 201 27.30 11.56 22.45
N PRO B 202 26.63 10.42 22.71
CA PRO B 202 27.30 9.28 23.35
C PRO B 202 28.34 8.70 22.42
N ASP B 203 29.39 8.10 22.98
CA ASP B 203 30.42 7.48 22.18
C ASP B 203 29.86 6.10 21.82
N GLY B 204 28.98 6.07 20.83
CA GLY B 204 28.37 4.82 20.43
C GLY B 204 27.19 4.49 21.33
N HIS B 205 26.58 3.34 21.10
CA HIS B 205 25.41 2.92 21.88
C HIS B 205 25.74 2.23 23.18
N ARG B 206 26.88 1.54 23.20
CA ARG B 206 27.29 0.80 24.37
C ARG B 206 27.67 1.68 25.56
N HIS B 207 27.95 2.95 25.30
CA HIS B 207 28.35 3.86 26.36
C HIS B 207 27.31 4.88 26.79
N MET B 208 26.05 4.47 26.81
CA MET B 208 24.96 5.35 27.22
C MET B 208 23.97 4.56 28.03
N ASN B 209 23.13 5.27 28.79
CA ASN B 209 22.09 4.64 29.59
C ASN B 209 20.81 4.49 28.79
N GLY B 210 19.89 3.71 29.35
CA GLY B 210 18.60 3.49 28.73
C GLY B 210 17.57 3.80 29.79
N TYR B 211 16.41 4.30 29.36
CA TYR B 211 15.35 4.66 30.31
C TYR B 211 13.98 4.50 29.67
N GLY B 212 13.02 4.01 30.46
CA GLY B 212 11.67 3.86 29.97
C GLY B 212 11.05 5.25 29.96
N SER B 213 11.71 6.17 30.68
CA SER B 213 11.34 7.57 30.82
C SER B 213 10.01 7.76 31.55
N HIS B 214 8.94 7.26 30.95
CA HIS B 214 7.61 7.38 31.54
C HIS B 214 7.49 6.66 32.87
N THR B 215 6.42 7.02 33.57
CA THR B 215 6.08 6.40 34.83
C THR B 215 5.18 5.26 34.36
N PHE B 216 5.49 4.05 34.78
CA PHE B 216 4.66 2.91 34.41
C PHE B 216 4.00 2.39 35.66
N LYS B 217 3.15 1.39 35.50
CA LYS B 217 2.44 0.83 36.62
C LYS B 217 2.73 -0.65 36.70
N LEU B 218 2.95 -1.13 37.91
CA LEU B 218 3.21 -2.54 38.15
C LEU B 218 2.08 -3.11 38.99
N VAL B 219 1.71 -4.35 38.70
CA VAL B 219 0.64 -5.02 39.44
C VAL B 219 1.12 -6.39 39.90
N ASN B 220 0.91 -6.70 41.18
CA ASN B 220 1.33 -7.98 41.73
C ASN B 220 0.19 -8.98 41.78
N ALA B 221 0.52 -10.23 42.12
CA ALA B 221 -0.46 -11.31 42.19
C ALA B 221 -1.69 -10.94 43.03
N ASN B 222 -1.50 -10.15 44.08
CA ASN B 222 -2.61 -9.76 44.93
C ASN B 222 -3.49 -8.68 44.35
N GLY B 223 -3.16 -8.22 43.15
CA GLY B 223 -3.94 -7.18 42.52
C GLY B 223 -3.57 -5.80 43.06
N GLU B 224 -2.42 -5.73 43.74
CA GLU B 224 -1.94 -4.47 44.30
C GLU B 224 -1.05 -3.76 43.27
N ALA B 225 -1.12 -2.43 43.24
CA ALA B 225 -0.34 -1.68 42.27
C ALA B 225 0.52 -0.56 42.80
N VAL B 226 1.63 -0.33 42.10
CA VAL B 226 2.58 0.71 42.42
C VAL B 226 3.05 1.32 41.09
N TYR B 227 3.63 2.51 41.16
CA TYR B 227 4.15 3.16 39.96
C TYR B 227 5.64 2.93 39.90
N CYS B 228 6.20 2.95 38.69
CA CYS B 228 7.63 2.72 38.55
C CYS B 228 8.28 3.42 37.37
N LYS B 229 9.59 3.50 37.45
CA LYS B 229 10.42 4.09 36.40
C LYS B 229 11.43 2.99 36.07
N PHE B 230 11.62 2.72 34.78
CA PHE B 230 12.58 1.70 34.34
C PHE B 230 13.93 2.33 34.02
N HIS B 231 15.01 1.71 34.50
CA HIS B 231 16.36 2.21 34.24
C HIS B 231 17.32 1.08 33.85
N TYR B 232 18.13 1.30 32.82
CA TYR B 232 19.13 0.32 32.43
C TYR B 232 20.46 1.02 32.18
N LYS B 233 21.29 1.02 33.23
CA LYS B 233 22.61 1.67 33.23
C LYS B 233 23.65 0.88 32.46
N THR B 234 24.54 1.60 31.78
CA THR B 234 25.60 0.95 31.00
C THR B 234 26.70 0.35 31.86
N ASP B 235 26.94 -0.94 31.64
CA ASP B 235 27.98 -1.64 32.36
C ASP B 235 29.34 -1.34 31.72
N GLN B 236 29.32 -0.63 30.59
CA GLN B 236 30.55 -0.24 29.90
C GLN B 236 30.94 1.17 30.32
N GLY B 237 30.08 1.78 31.13
CA GLY B 237 30.32 3.12 31.63
C GLY B 237 29.92 4.22 30.66
N ILE B 238 29.49 5.35 31.21
CA ILE B 238 29.10 6.50 30.39
C ILE B 238 30.36 7.06 29.71
N LYS B 239 30.26 7.31 28.41
CA LYS B 239 31.38 7.85 27.64
C LYS B 239 30.79 8.65 26.47
N ASN B 240 31.24 9.89 26.32
CA ASN B 240 30.73 10.76 25.28
C ASN B 240 31.79 11.25 24.31
N LEU B 241 31.35 11.73 23.15
CA LEU B 241 32.24 12.25 22.12
C LEU B 241 32.28 13.77 22.21
N SER B 242 33.44 14.35 21.93
CA SER B 242 33.56 15.79 21.98
C SER B 242 32.91 16.33 20.72
N VAL B 243 32.52 17.59 20.75
CA VAL B 243 31.89 18.24 19.61
C VAL B 243 32.79 18.09 18.39
N GLU B 244 34.10 18.25 18.60
CA GLU B 244 35.06 18.13 17.52
C GLU B 244 35.14 16.70 16.99
N ASP B 245 35.24 15.72 17.89
CA ASP B 245 35.32 14.32 17.46
C ASP B 245 34.04 13.84 16.80
N ALA B 246 32.90 14.27 17.34
CA ALA B 246 31.60 13.89 16.79
C ALA B 246 31.43 14.42 15.37
N ALA B 247 31.88 15.65 15.13
CA ALA B 247 31.78 16.25 13.81
C ALA B 247 32.68 15.53 12.83
N ARG B 248 33.92 15.25 13.26
CA ARG B 248 34.90 14.56 12.43
C ARG B 248 34.36 13.19 12.03
N LEU B 249 33.84 12.47 13.01
CA LEU B 249 33.29 11.13 12.79
C LEU B 249 32.04 11.13 11.90
N SER B 250 31.22 12.17 12.00
CA SER B 250 30.02 12.26 11.19
C SER B 250 30.43 12.30 9.72
N GLN B 251 31.67 12.72 9.51
CA GLN B 251 32.21 12.82 8.17
C GLN B 251 32.98 11.56 7.81
N GLU B 252 33.87 11.10 8.69
CA GLU B 252 34.68 9.89 8.44
C GLU B 252 33.90 8.58 8.41
N ASP B 253 32.97 8.42 9.35
CA ASP B 253 32.15 7.21 9.43
C ASP B 253 30.76 7.53 9.96
N PRO B 254 29.81 7.82 9.05
CA PRO B 254 28.42 8.15 9.41
C PRO B 254 27.75 6.99 10.12
N ASP B 255 28.33 5.80 9.99
CA ASP B 255 27.77 4.61 10.61
C ASP B 255 28.61 4.10 11.77
N TYR B 256 29.25 5.05 12.47
CA TYR B 256 30.09 4.75 13.62
C TYR B 256 29.37 3.86 14.63
N GLY B 257 28.13 4.24 14.96
CA GLY B 257 27.35 3.47 15.92
C GLY B 257 27.09 2.05 15.49
N ILE B 258 26.80 1.84 14.21
CA ILE B 258 26.54 0.50 13.68
C ILE B 258 27.81 -0.33 13.77
N ARG B 259 28.90 0.21 13.23
CA ARG B 259 30.21 -0.46 13.23
C ARG B 259 30.61 -0.84 14.65
N ASP B 260 30.61 0.14 15.54
CA ASP B 260 30.97 -0.06 16.93
C ASP B 260 30.27 -1.27 17.52
N LEU B 261 28.95 -1.24 17.47
CA LEU B 261 28.13 -2.32 18.02
C LEU B 261 28.43 -3.67 17.39
N PHE B 262 28.43 -3.72 16.06
CA PHE B 262 28.67 -4.97 15.38
C PHE B 262 30.01 -5.57 15.78
N ASN B 263 31.08 -4.80 15.60
CA ASN B 263 32.41 -5.28 15.93
C ASN B 263 32.59 -5.71 17.38
N ALA B 264 31.94 -5.01 18.32
CA ALA B 264 32.05 -5.37 19.72
C ALA B 264 31.50 -6.78 19.94
N ILE B 265 30.27 -7.00 19.48
CA ILE B 265 29.62 -8.31 19.61
C ILE B 265 30.40 -9.38 18.85
N ALA B 266 30.80 -9.05 17.63
CA ALA B 266 31.56 -9.97 16.78
C ALA B 266 32.84 -10.48 17.43
N THR B 267 33.48 -9.62 18.24
CA THR B 267 34.72 -9.99 18.90
C THR B 267 34.53 -10.55 20.30
N GLY B 268 33.28 -10.77 20.71
CA GLY B 268 33.04 -11.33 22.03
C GLY B 268 32.86 -10.30 23.13
N LYS B 269 32.97 -9.02 22.81
CA LYS B 269 32.80 -7.99 23.81
C LYS B 269 31.33 -7.61 23.93
N TYR B 270 30.55 -8.55 24.43
CA TYR B 270 29.12 -8.36 24.58
C TYR B 270 28.79 -7.27 25.61
N PRO B 271 28.11 -6.19 25.17
CA PRO B 271 27.75 -5.10 26.08
C PRO B 271 26.57 -5.51 26.93
N SER B 272 26.53 -5.01 28.17
CA SER B 272 25.43 -5.33 29.06
C SER B 272 24.97 -4.10 29.82
N TRP B 273 23.76 -4.18 30.37
CA TRP B 273 23.17 -3.09 31.15
C TRP B 273 22.55 -3.65 32.42
N THR B 274 22.64 -2.90 33.50
CA THR B 274 22.05 -3.33 34.75
C THR B 274 20.67 -2.69 34.83
N PHE B 275 19.66 -3.54 34.86
CA PHE B 275 18.27 -3.14 34.90
C PHE B 275 17.81 -2.81 36.32
N TYR B 276 17.23 -1.63 36.51
CA TYR B 276 16.73 -1.19 37.82
C TYR B 276 15.32 -0.61 37.67
N ILE B 277 14.67 -0.36 38.80
CA ILE B 277 13.35 0.28 38.82
C ILE B 277 13.21 1.19 40.03
N GLN B 278 12.46 2.27 39.85
CA GLN B 278 12.17 3.17 40.94
C GLN B 278 10.70 2.91 41.22
N VAL B 279 10.35 2.79 42.49
CA VAL B 279 8.96 2.54 42.87
C VAL B 279 8.38 3.68 43.69
N MET B 280 7.12 3.98 43.42
CA MET B 280 6.40 5.04 44.12
C MET B 280 4.98 4.53 44.37
N THR B 281 4.56 4.54 45.62
CA THR B 281 3.22 4.08 45.96
C THR B 281 2.23 5.12 45.49
N PHE B 282 0.96 4.73 45.47
CA PHE B 282 -0.09 5.64 45.07
C PHE B 282 -0.18 6.79 46.06
N ASN B 283 0.09 6.50 47.32
CA ASN B 283 0.04 7.52 48.36
C ASN B 283 1.13 8.56 48.15
N GLN B 284 2.30 8.10 47.72
CA GLN B 284 3.41 9.01 47.48
C GLN B 284 3.17 9.93 46.28
N ALA B 285 2.64 9.35 45.20
CA ALA B 285 2.34 10.08 43.98
C ALA B 285 1.41 11.24 44.30
N GLU B 286 0.59 11.05 45.31
CA GLU B 286 -0.37 12.05 45.75
C GLU B 286 0.36 13.20 46.44
N THR B 287 1.51 12.92 47.03
CA THR B 287 2.26 13.95 47.74
C THR B 287 3.46 14.52 46.98
N PHE B 288 3.79 13.92 45.84
CA PHE B 288 4.91 14.37 45.02
C PHE B 288 4.72 15.85 44.65
N PRO B 289 5.77 16.68 44.86
CA PRO B 289 5.77 18.12 44.56
C PRO B 289 5.45 18.52 43.12
N PHE B 290 5.51 17.57 42.20
CA PHE B 290 5.20 17.82 40.79
C PHE B 290 4.22 16.77 40.33
N ASN B 291 3.92 16.75 39.05
CA ASN B 291 3.04 15.73 38.54
C ASN B 291 3.98 14.54 38.35
N PRO B 292 3.69 13.43 39.05
CA PRO B 292 4.56 12.27 38.90
C PRO B 292 4.49 11.68 37.48
N PHE B 293 3.47 12.09 36.72
CA PHE B 293 3.25 11.62 35.36
C PHE B 293 3.71 12.62 34.29
N ASP B 294 4.40 13.67 34.72
CA ASP B 294 4.92 14.72 33.84
C ASP B 294 6.26 14.25 33.28
N LEU B 295 6.31 14.02 31.98
CA LEU B 295 7.53 13.54 31.31
C LEU B 295 8.73 14.47 31.41
N THR B 296 8.52 15.71 31.84
CA THR B 296 9.62 16.66 31.94
C THR B 296 10.25 16.62 33.33
N LYS B 297 9.75 15.74 34.18
CA LYS B 297 10.26 15.63 35.54
C LYS B 297 10.88 14.27 35.81
N VAL B 298 11.81 14.23 36.77
CA VAL B 298 12.47 12.99 37.18
C VAL B 298 12.15 12.70 38.63
N TRP B 299 12.28 11.43 39.04
CA TRP B 299 12.05 11.05 40.44
C TRP B 299 13.43 11.04 41.09
N PRO B 300 13.70 12.00 42.00
CA PRO B 300 14.99 12.07 42.69
C PRO B 300 15.36 10.75 43.36
N HIS B 301 16.57 10.28 43.07
CA HIS B 301 17.05 9.03 43.64
C HIS B 301 17.07 9.06 45.16
N LYS B 302 17.40 10.22 45.74
CA LYS B 302 17.43 10.37 47.19
C LYS B 302 16.10 9.93 47.79
N ASP B 303 15.01 10.27 47.11
CA ASP B 303 13.67 9.93 47.59
C ASP B 303 13.13 8.65 46.98
N TYR B 304 13.66 8.26 45.83
CA TYR B 304 13.23 7.04 45.15
C TYR B 304 14.45 6.32 44.64
N PRO B 305 15.10 5.55 45.51
CA PRO B 305 16.30 4.79 45.20
C PRO B 305 16.10 3.76 44.09
N LEU B 306 17.17 3.46 43.35
CA LEU B 306 17.11 2.47 42.28
C LEU B 306 17.14 1.06 42.88
N ILE B 307 16.15 0.25 42.54
CA ILE B 307 16.04 -1.11 43.04
C ILE B 307 16.45 -2.03 41.89
N PRO B 308 17.55 -2.79 42.05
CA PRO B 308 18.08 -3.71 41.04
C PRO B 308 17.13 -4.84 40.69
N VAL B 309 17.06 -5.17 39.41
CA VAL B 309 16.17 -6.22 38.91
C VAL B 309 16.92 -7.30 38.11
N GLY B 310 17.72 -6.87 37.14
CA GLY B 310 18.44 -7.84 36.33
C GLY B 310 19.48 -7.25 35.42
N LYS B 311 19.83 -8.02 34.39
CA LYS B 311 20.84 -7.63 33.42
C LYS B 311 20.27 -7.68 32.01
N LEU B 312 20.78 -6.81 31.15
CA LEU B 312 20.39 -6.75 29.76
C LEU B 312 21.68 -7.05 29.02
N VAL B 313 21.71 -8.13 28.23
CA VAL B 313 22.92 -8.51 27.51
C VAL B 313 22.72 -8.69 26.00
N LEU B 314 23.55 -8.02 25.21
CA LEU B 314 23.47 -8.15 23.75
C LEU B 314 24.66 -9.00 23.29
N ASN B 315 24.37 -10.21 22.83
CA ASN B 315 25.43 -11.12 22.41
C ASN B 315 25.28 -11.68 21.00
N ARG B 316 24.29 -11.20 20.25
CA ARG B 316 24.09 -11.69 18.90
C ARG B 316 23.81 -10.57 17.90
N ASN B 317 24.55 -10.59 16.80
CA ASN B 317 24.39 -9.59 15.75
C ASN B 317 23.29 -10.03 14.80
N PRO B 318 22.79 -9.10 13.97
CA PRO B 318 21.75 -9.43 13.00
C PRO B 318 22.41 -10.17 11.86
N VAL B 319 21.67 -11.03 11.18
CA VAL B 319 22.24 -11.75 10.06
C VAL B 319 21.85 -11.01 8.78
N ASN B 320 20.67 -10.40 8.81
CA ASN B 320 20.19 -9.59 7.69
C ASN B 320 19.55 -8.34 8.30
N TYR B 321 20.21 -7.20 8.12
CA TYR B 321 19.73 -5.94 8.67
C TYR B 321 18.30 -5.57 8.34
N PHE B 322 17.95 -5.57 7.05
CA PHE B 322 16.59 -5.20 6.64
C PHE B 322 15.53 -6.06 7.33
N ALA B 323 15.72 -7.36 7.26
CA ALA B 323 14.80 -8.31 7.84
C ALA B 323 14.71 -8.23 9.35
N GLU B 324 15.87 -8.11 10.01
CA GLU B 324 15.90 -8.09 11.47
C GLU B 324 15.90 -6.77 12.18
N VAL B 325 16.38 -5.72 11.53
CA VAL B 325 16.43 -4.40 12.15
C VAL B 325 15.51 -3.36 11.53
N GLU B 326 15.58 -3.18 10.21
CA GLU B 326 14.74 -2.20 9.57
C GLU B 326 13.27 -2.50 9.76
N GLN B 327 12.92 -3.78 9.74
CA GLN B 327 11.53 -4.17 9.91
C GLN B 327 11.06 -4.39 11.35
N ILE B 328 11.95 -4.25 12.33
CA ILE B 328 11.53 -4.47 13.71
C ILE B 328 10.56 -3.38 14.14
N ALA B 329 9.57 -3.74 14.95
CA ALA B 329 8.55 -2.80 15.43
C ALA B 329 8.27 -2.94 16.92
N PHE B 330 8.48 -1.86 17.66
CA PHE B 330 8.25 -1.83 19.10
C PHE B 330 7.00 -1.04 19.42
N ASP B 331 6.09 -1.62 20.18
CA ASP B 331 4.85 -0.97 20.55
C ASP B 331 4.80 -0.83 22.05
N PRO B 332 4.78 0.41 22.57
CA PRO B 332 4.72 0.65 24.01
C PRO B 332 3.46 0.00 24.60
N SER B 333 2.46 -0.22 23.75
CA SER B 333 1.21 -0.85 24.17
C SER B 333 1.41 -2.35 24.37
N ASN B 334 2.60 -2.83 24.03
CA ASN B 334 2.92 -4.23 24.20
C ASN B 334 3.44 -4.44 25.64
N MET B 335 2.50 -4.59 26.57
CA MET B 335 2.79 -4.80 27.98
C MET B 335 2.00 -6.02 28.47
N PRO B 336 2.71 -7.02 29.01
CA PRO B 336 2.07 -8.25 29.52
C PRO B 336 1.45 -8.01 30.91
N PRO B 337 0.72 -9.00 31.44
CA PRO B 337 0.11 -8.84 32.76
C PRO B 337 1.18 -8.56 33.81
N GLY B 338 0.93 -7.58 34.66
CA GLY B 338 1.89 -7.21 35.69
C GLY B 338 2.51 -5.86 35.40
N ILE B 339 2.44 -5.45 34.13
CA ILE B 339 2.99 -4.17 33.66
C ILE B 339 1.89 -3.44 32.90
N GLU B 340 1.60 -2.22 33.35
CA GLU B 340 0.56 -1.41 32.74
C GLU B 340 1.02 0.02 32.53
N ALA B 341 0.18 0.81 31.89
CA ALA B 341 0.50 2.20 31.62
C ALA B 341 0.06 3.10 32.77
N SER B 342 0.65 4.28 32.86
CA SER B 342 0.28 5.25 33.89
C SER B 342 -0.51 6.33 33.14
N PRO B 343 -1.14 7.26 33.87
CA PRO B 343 -1.88 8.30 33.15
C PRO B 343 -1.03 9.40 32.50
N ASP B 344 0.25 9.12 32.26
CA ASP B 344 1.14 10.10 31.61
C ASP B 344 0.60 10.34 30.19
N LYS B 345 0.14 11.56 29.93
CA LYS B 345 -0.43 11.91 28.63
C LYS B 345 0.44 11.50 27.44
N MET B 346 1.75 11.63 27.60
CA MET B 346 2.69 11.27 26.55
C MET B 346 2.64 9.77 26.27
N LEU B 347 2.68 8.96 27.32
CA LEU B 347 2.62 7.51 27.16
C LEU B 347 1.28 7.12 26.55
N GLN B 348 0.21 7.70 27.11
CA GLN B 348 -1.13 7.46 26.65
C GLN B 348 -1.23 7.64 25.14
N GLY B 349 -0.58 8.68 24.64
CA GLY B 349 -0.60 8.93 23.21
C GLY B 349 0.19 7.89 22.45
N ARG B 350 1.33 7.48 23.00
CA ARG B 350 2.18 6.48 22.35
C ARG B 350 1.48 5.13 22.26
N LEU B 351 0.52 4.90 23.15
CA LEU B 351 -0.25 3.66 23.15
C LEU B 351 -0.90 3.48 21.79
N PHE B 352 -1.38 4.59 21.25
CA PHE B 352 -2.03 4.59 19.95
C PHE B 352 -1.07 4.70 18.78
N ALA B 353 -0.21 5.70 18.84
CA ALA B 353 0.74 6.01 17.77
C ALA B 353 1.57 4.90 17.12
N TYR B 354 2.29 4.12 17.91
CA TYR B 354 3.16 3.07 17.38
C TYR B 354 2.50 1.96 16.58
N PRO B 355 1.46 1.33 17.12
CA PRO B 355 0.81 0.26 16.35
C PRO B 355 0.28 0.84 15.06
N ASP B 356 -0.20 2.07 15.14
CA ASP B 356 -0.75 2.81 14.01
C ASP B 356 0.27 3.03 12.91
N THR B 357 1.43 3.59 13.28
CA THR B 357 2.47 3.88 12.32
C THR B 357 3.06 2.62 11.73
N HIS B 358 2.98 1.52 12.47
CA HIS B 358 3.53 0.25 11.98
C HIS B 358 2.65 -0.39 10.91
N ARG B 359 1.34 -0.20 11.03
CA ARG B 359 0.41 -0.74 10.05
C ARG B 359 0.62 -0.05 8.70
N HIS B 360 1.17 1.15 8.75
CA HIS B 360 1.45 1.94 7.55
C HIS B 360 2.83 1.60 7.02
N ARG B 361 3.85 1.69 7.89
CA ARG B 361 5.25 1.42 7.52
C ARG B 361 5.57 0.00 7.09
N LEU B 362 5.11 -0.97 7.87
CA LEU B 362 5.35 -2.37 7.54
C LEU B 362 4.12 -2.99 6.88
N GLY B 363 2.95 -2.85 7.51
CA GLY B 363 1.73 -3.39 6.95
C GLY B 363 0.78 -3.86 8.03
N PRO B 364 -0.49 -4.13 7.70
CA PRO B 364 -1.50 -4.58 8.66
C PRO B 364 -1.03 -5.77 9.50
N ASN B 365 -0.43 -6.76 8.83
CA ASN B 365 0.06 -7.97 9.48
C ASN B 365 1.55 -7.88 9.84
N TYR B 366 1.99 -6.70 10.27
CA TYR B 366 3.40 -6.52 10.61
C TYR B 366 3.89 -7.39 11.77
N LEU B 367 2.96 -7.94 12.53
CA LEU B 367 3.30 -8.81 13.66
C LEU B 367 3.62 -10.23 13.19
N HIS B 368 3.36 -10.51 11.91
CA HIS B 368 3.66 -11.81 11.33
C HIS B 368 5.12 -11.86 10.92
N ILE B 369 5.75 -10.69 10.81
CA ILE B 369 7.16 -10.62 10.44
C ILE B 369 7.93 -11.29 11.58
N PRO B 370 8.73 -12.31 11.26
CA PRO B 370 9.54 -13.07 12.21
C PRO B 370 10.04 -12.33 13.45
N VAL B 371 10.81 -11.26 13.24
CA VAL B 371 11.37 -10.48 14.34
C VAL B 371 10.32 -9.83 15.25
N ASN B 372 9.12 -9.64 14.73
CA ASN B 372 8.05 -9.04 15.52
C ASN B 372 7.14 -10.09 16.13
N CYS B 373 7.23 -11.32 15.63
N CYS B 373 7.29 -11.32 15.67
CA CYS B 373 6.41 -12.43 16.13
CA CYS B 373 6.50 -12.45 16.16
C CYS B 373 6.71 -12.73 17.59
C CYS B 373 6.74 -12.73 17.64
N PRO B 374 5.67 -12.85 18.42
CA PRO B 374 5.81 -13.14 19.86
C PRO B 374 5.93 -14.67 19.95
N TYR B 375 7.00 -15.19 19.34
CA TYR B 375 7.26 -16.62 19.24
C TYR B 375 7.33 -17.46 20.50
N ARG B 376 7.36 -16.82 21.67
CA ARG B 376 7.40 -17.58 22.91
C ARG B 376 6.02 -17.62 23.54
N ALA B 377 5.03 -17.32 22.71
CA ALA B 377 3.63 -17.33 23.09
C ALA B 377 2.84 -17.86 21.92
N ARG B 378 1.64 -18.33 22.20
CA ARG B 378 0.75 -18.88 21.20
C ARG B 378 -0.32 -17.84 20.92
N VAL B 379 -0.26 -17.18 19.76
CA VAL B 379 -1.25 -16.16 19.41
C VAL B 379 -2.55 -16.83 18.98
N ALA B 380 -3.60 -16.66 19.78
CA ALA B 380 -4.88 -17.26 19.47
C ALA B 380 -5.98 -16.25 19.72
N ASN B 381 -6.68 -15.86 18.66
CA ASN B 381 -7.76 -14.89 18.76
C ASN B 381 -8.76 -14.98 17.61
N TYR B 382 -9.47 -13.89 17.37
CA TYR B 382 -10.47 -13.85 16.32
C TYR B 382 -10.13 -12.89 15.22
N GLN B 383 -8.84 -12.55 15.13
CA GLN B 383 -8.36 -11.65 14.10
C GLN B 383 -8.02 -12.53 12.90
N ARG B 384 -8.41 -12.10 11.72
CA ARG B 384 -8.17 -12.89 10.51
C ARG B 384 -7.83 -12.03 9.32
N ASP B 385 -7.30 -12.70 8.30
CA ASP B 385 -6.97 -12.08 7.01
C ASP B 385 -6.05 -10.86 7.03
N GLY B 386 -6.31 -9.95 6.09
CA GLY B 386 -5.52 -8.75 5.93
C GLY B 386 -4.42 -9.04 4.92
N PRO B 387 -3.85 -8.01 4.27
CA PRO B 387 -2.79 -8.23 3.27
C PRO B 387 -1.56 -8.97 3.80
N MET B 388 -0.92 -9.74 2.92
CA MET B 388 0.28 -10.49 3.26
C MET B 388 0.14 -11.36 4.51
N CYS B 389 -0.93 -12.12 4.56
CA CYS B 389 -1.17 -13.02 5.68
C CYS B 389 -0.25 -14.21 5.49
N MET B 390 0.89 -14.19 6.18
CA MET B 390 1.90 -15.25 6.04
C MET B 390 1.86 -16.43 6.98
N GLN B 391 0.71 -16.70 7.57
CA GLN B 391 0.63 -17.85 8.46
C GLN B 391 -0.61 -18.62 8.07
N ASP B 392 -0.93 -19.66 8.82
CA ASP B 392 -2.12 -20.45 8.53
C ASP B 392 -3.41 -19.63 8.69
N ASN B 393 -3.26 -18.41 9.21
CA ASN B 393 -4.38 -17.50 9.45
C ASN B 393 -5.34 -18.16 10.43
N GLN B 394 -4.80 -18.98 11.33
CA GLN B 394 -5.55 -19.71 12.36
C GLN B 394 -6.51 -20.76 11.84
N GLY B 395 -6.17 -21.31 10.67
CA GLY B 395 -6.98 -22.35 10.05
C GLY B 395 -8.46 -22.11 10.01
N GLY B 396 -9.23 -23.17 10.25
CA GLY B 396 -10.68 -23.07 10.21
C GLY B 396 -11.32 -22.87 11.56
N ALA B 397 -10.56 -22.35 12.52
CA ALA B 397 -11.10 -22.12 13.85
C ALA B 397 -12.20 -21.07 13.82
N PRO B 398 -13.29 -21.27 14.59
CA PRO B 398 -14.42 -20.34 14.67
C PRO B 398 -13.88 -18.92 14.83
N ASN B 399 -14.35 -18.00 13.99
CA ASN B 399 -13.85 -16.63 14.02
C ASN B 399 -14.67 -15.61 14.77
N TYR B 400 -15.54 -16.06 15.67
CA TYR B 400 -16.36 -15.12 16.43
C TYR B 400 -16.40 -15.48 17.91
N TYR B 401 -16.42 -14.46 18.75
CA TYR B 401 -16.46 -14.66 20.19
C TYR B 401 -17.66 -13.88 20.71
N PRO B 402 -18.49 -14.52 21.54
CA PRO B 402 -18.36 -15.90 22.01
C PRO B 402 -18.87 -16.93 21.00
N ASN B 403 -18.48 -18.19 21.23
CA ASN B 403 -18.91 -19.28 20.36
C ASN B 403 -19.03 -20.54 21.18
N SER B 404 -19.76 -21.53 20.68
CA SER B 404 -19.94 -22.79 21.39
C SER B 404 -19.11 -23.85 20.71
N PHE B 405 -18.04 -23.45 20.03
CA PHE B 405 -17.23 -24.41 19.30
C PHE B 405 -15.77 -24.58 19.71
N GLY B 406 -15.49 -24.33 20.97
CA GLY B 406 -14.14 -24.51 21.50
C GLY B 406 -13.02 -23.56 21.14
N ALA B 407 -13.34 -22.41 20.58
CA ALA B 407 -12.34 -21.41 20.18
C ALA B 407 -11.71 -20.76 21.43
N PRO B 408 -10.60 -20.01 21.25
CA PRO B 408 -9.92 -19.35 22.37
C PRO B 408 -10.85 -18.64 23.33
N GLU B 409 -10.48 -18.63 24.60
CA GLU B 409 -11.26 -18.01 25.66
C GLU B 409 -10.44 -17.00 26.46
N GLN B 410 -11.09 -15.93 26.90
CA GLN B 410 -10.43 -14.89 27.69
C GLN B 410 -9.95 -15.48 29.02
N GLN B 411 -8.88 -14.91 29.57
CA GLN B 411 -8.32 -15.38 30.83
C GLN B 411 -8.43 -14.28 31.88
N PRO B 412 -9.46 -14.34 32.73
CA PRO B 412 -9.80 -13.41 33.82
C PRO B 412 -8.64 -12.90 34.67
N SER B 413 -7.68 -13.77 34.97
CA SER B 413 -6.53 -13.37 35.77
C SER B 413 -5.74 -12.27 35.08
N ALA B 414 -5.88 -12.19 33.76
CA ALA B 414 -5.17 -11.20 32.96
C ALA B 414 -5.85 -9.83 32.88
N LEU B 415 -6.95 -9.67 33.63
CA LEU B 415 -7.71 -8.41 33.64
C LEU B 415 -6.87 -7.24 34.20
N GLU B 416 -6.99 -6.07 33.59
CA GLU B 416 -6.24 -4.89 34.01
C GLU B 416 -6.63 -4.35 35.38
N HIS B 417 -5.76 -3.50 35.93
CA HIS B 417 -5.96 -2.86 37.23
C HIS B 417 -6.87 -1.63 37.06
N SER B 418 -7.89 -1.53 37.91
CA SER B 418 -8.84 -0.41 37.85
C SER B 418 -8.71 0.66 38.94
N ILE B 419 -8.72 1.92 38.48
CA ILE B 419 -8.60 3.08 39.37
C ILE B 419 -9.81 4.00 39.14
N GLN B 420 -10.12 4.81 40.13
CA GLN B 420 -11.23 5.74 40.04
C GLN B 420 -10.64 7.14 39.90
N TYR B 421 -10.94 7.81 38.78
CA TYR B 421 -10.42 9.16 38.55
C TYR B 421 -11.52 10.22 38.70
N SER B 422 -11.12 11.41 39.14
CA SER B 422 -12.06 12.50 39.31
C SER B 422 -11.68 13.74 38.53
N GLY B 423 -12.69 14.54 38.20
CA GLY B 423 -12.50 15.76 37.44
C GLY B 423 -13.35 15.67 36.18
N GLU B 424 -13.51 16.80 35.50
CA GLU B 424 -14.29 16.82 34.28
C GLU B 424 -13.47 16.18 33.16
N VAL B 425 -14.15 15.76 32.11
CA VAL B 425 -13.50 15.18 30.95
C VAL B 425 -13.31 16.31 29.95
N ARG B 426 -12.10 16.87 29.92
CA ARG B 426 -11.79 17.98 29.03
C ARG B 426 -10.29 18.06 28.80
N ARG B 427 -9.86 19.16 28.17
CA ARG B 427 -8.45 19.38 27.91
C ARG B 427 -7.92 20.27 29.03
N PHE B 428 -7.01 19.70 29.83
CA PHE B 428 -6.42 20.44 30.93
C PHE B 428 -5.05 20.96 30.51
N ASN B 429 -4.90 22.28 30.60
CA ASN B 429 -3.66 22.93 30.22
C ASN B 429 -2.50 22.63 31.17
N THR B 430 -1.39 22.14 30.61
CA THR B 430 -0.20 21.80 31.39
C THR B 430 0.99 22.65 30.95
N ALA B 431 0.72 23.68 30.15
CA ALA B 431 1.77 24.56 29.67
C ALA B 431 2.47 25.27 30.82
N ASN B 432 1.70 25.59 31.86
CA ASN B 432 2.23 26.32 32.99
C ASN B 432 2.75 25.50 34.18
N ASP B 433 2.81 24.19 34.03
CA ASP B 433 3.34 23.34 35.10
C ASP B 433 4.78 23.78 35.26
N ASP B 434 5.38 23.48 36.40
CA ASP B 434 6.75 23.89 36.67
C ASP B 434 7.70 23.52 35.53
N ASN B 435 8.33 24.52 34.94
CA ASN B 435 9.24 24.29 33.83
C ASN B 435 10.70 24.61 34.13
N VAL B 436 10.99 25.17 35.30
CA VAL B 436 12.35 25.56 35.62
C VAL B 436 13.05 24.92 36.82
N THR B 437 12.29 24.62 37.87
CA THR B 437 12.84 24.04 39.09
C THR B 437 13.87 22.91 38.93
N GLN B 438 13.45 21.78 38.38
CA GLN B 438 14.36 20.64 38.20
C GLN B 438 15.53 20.95 37.30
N VAL B 439 15.33 21.86 36.35
CA VAL B 439 16.38 22.25 35.42
C VAL B 439 17.47 23.01 36.17
N ARG B 440 17.05 23.84 37.11
CA ARG B 440 17.99 24.62 37.90
C ARG B 440 18.89 23.66 38.67
N ALA B 441 18.26 22.66 39.30
CA ALA B 441 19.00 21.67 40.06
C ALA B 441 19.95 20.93 39.12
N PHE B 442 19.53 20.69 37.89
CA PHE B 442 20.37 20.02 36.92
C PHE B 442 21.57 20.90 36.59
N TYR B 443 21.30 22.15 36.27
CA TYR B 443 22.35 23.11 35.92
C TYR B 443 23.37 23.35 37.04
N VAL B 444 22.88 23.48 38.27
CA VAL B 444 23.74 23.74 39.41
C VAL B 444 24.41 22.52 40.03
N ASN B 445 23.64 21.47 40.31
CA ASN B 445 24.17 20.27 40.94
C ASN B 445 24.68 19.15 40.05
N VAL B 446 23.86 18.70 39.11
CA VAL B 446 24.25 17.61 38.22
C VAL B 446 25.44 17.95 37.35
N LEU B 447 25.63 19.24 37.10
CA LEU B 447 26.75 19.71 36.30
C LEU B 447 27.75 20.53 37.11
N ASN B 448 28.99 20.58 36.63
CA ASN B 448 30.03 21.36 37.29
C ASN B 448 30.34 22.59 36.44
N GLU B 449 31.27 23.42 36.92
CA GLU B 449 31.64 24.64 36.22
C GLU B 449 32.05 24.35 34.78
N GLU B 450 32.91 23.34 34.62
CA GLU B 450 33.41 22.94 33.32
C GLU B 450 32.30 22.51 32.38
N GLN B 451 31.36 21.72 32.90
CA GLN B 451 30.24 21.24 32.10
C GLN B 451 29.28 22.34 31.74
N ARG B 452 29.10 23.30 32.64
CA ARG B 452 28.21 24.43 32.40
C ARG B 452 28.76 25.32 31.29
N LYS B 453 30.08 25.30 31.11
CA LYS B 453 30.72 26.09 30.09
C LYS B 453 30.40 25.52 28.71
N ARG B 454 30.62 24.22 28.55
CA ARG B 454 30.35 23.54 27.27
C ARG B 454 28.87 23.59 26.90
N LEU B 455 28.02 23.40 27.90
CA LEU B 455 26.58 23.44 27.72
C LEU B 455 26.20 24.75 27.03
N CYS B 456 26.55 25.86 27.67
CA CYS B 456 26.26 27.18 27.13
C CYS B 456 26.84 27.38 25.73
N GLU B 457 28.04 26.84 25.50
CA GLU B 457 28.68 26.97 24.20
C GLU B 457 27.94 26.19 23.12
N ASN B 458 27.53 24.97 23.47
CA ASN B 458 26.81 24.12 22.55
C ASN B 458 25.50 24.79 22.15
N ILE B 459 24.78 25.28 23.16
CA ILE B 459 23.50 25.94 22.93
C ILE B 459 23.66 27.20 22.08
N ALA B 460 24.57 28.09 22.50
CA ALA B 460 24.79 29.34 21.78
C ALA B 460 25.28 29.09 20.37
N GLY B 461 26.07 28.03 20.20
CA GLY B 461 26.60 27.70 18.89
C GLY B 461 25.55 27.37 17.86
N HIS B 462 24.38 26.90 18.32
CA HIS B 462 23.28 26.54 17.44
C HIS B 462 22.24 27.65 17.39
N LEU B 463 21.90 28.17 18.56
CA LEU B 463 20.92 29.24 18.69
C LEU B 463 21.32 30.52 17.97
N LYS B 464 22.63 30.71 17.79
CA LYS B 464 23.16 31.90 17.13
C LYS B 464 22.55 32.13 15.76
N ASP B 465 22.11 31.05 15.12
CA ASP B 465 21.53 31.17 13.79
C ASP B 465 20.04 31.47 13.75
N ALA B 466 19.40 31.53 14.91
CA ALA B 466 17.98 31.85 14.96
C ALA B 466 17.87 33.38 14.97
N GLN B 467 16.75 33.90 14.49
CA GLN B 467 16.56 35.35 14.49
C GLN B 467 16.71 35.91 15.88
N ILE B 468 17.05 37.19 15.97
CA ILE B 468 17.25 37.86 17.24
C ILE B 468 16.06 37.77 18.20
N PHE B 469 14.84 38.00 17.73
CA PHE B 469 13.70 37.92 18.64
C PHE B 469 13.55 36.53 19.26
N ILE B 470 14.07 35.52 18.58
CA ILE B 470 14.00 34.14 19.07
C ILE B 470 15.08 33.89 20.10
N GLN B 471 16.26 34.46 19.85
CA GLN B 471 17.39 34.33 20.78
C GLN B 471 16.99 34.95 22.11
N LYS B 472 16.34 36.10 22.05
CA LYS B 472 15.89 36.81 23.23
C LYS B 472 14.89 35.97 24.03
N LYS B 473 13.91 35.39 23.36
CA LYS B 473 12.92 34.57 24.05
C LYS B 473 13.59 33.36 24.69
N ALA B 474 14.44 32.68 23.93
CA ALA B 474 15.15 31.51 24.44
C ALA B 474 15.95 31.88 25.69
N VAL B 475 16.72 32.96 25.59
CA VAL B 475 17.54 33.42 26.72
C VAL B 475 16.69 33.80 27.93
N LYS B 476 15.51 34.35 27.68
CA LYS B 476 14.63 34.75 28.75
C LYS B 476 14.28 33.52 29.57
N ASN B 477 14.03 32.42 28.86
CA ASN B 477 13.69 31.17 29.52
C ASN B 477 14.87 30.65 30.31
N PHE B 478 16.05 30.67 29.70
CA PHE B 478 17.25 30.19 30.38
C PHE B 478 17.54 31.00 31.63
N THR B 479 17.40 32.32 31.53
CA THR B 479 17.62 33.21 32.67
C THR B 479 16.68 32.82 33.80
N GLU B 480 15.46 32.44 33.44
CA GLU B 480 14.44 32.02 34.42
C GLU B 480 14.94 30.82 35.20
N VAL B 481 15.72 29.97 34.54
CA VAL B 481 16.28 28.79 35.17
C VAL B 481 17.37 29.20 36.17
N HIS B 482 18.24 30.11 35.72
CA HIS B 482 19.33 30.62 36.55
C HIS B 482 19.99 31.75 35.79
N PRO B 483 20.25 32.87 36.45
CA PRO B 483 20.89 34.04 35.85
C PRO B 483 22.20 33.74 35.11
N ASP B 484 23.06 32.93 35.74
CA ASP B 484 24.34 32.58 35.13
C ASP B 484 24.17 31.81 33.82
N TYR B 485 23.11 30.99 33.75
CA TYR B 485 22.77 30.19 32.58
C TYR B 485 22.46 31.09 31.40
N GLY B 486 21.47 31.96 31.58
CA GLY B 486 21.07 32.87 30.53
C GLY B 486 22.13 33.88 30.14
N SER B 487 22.80 34.48 31.13
CA SER B 487 23.83 35.49 30.87
C SER B 487 25.06 34.93 30.15
N HIS B 488 25.45 33.70 30.49
CA HIS B 488 26.60 33.07 29.86
C HIS B 488 26.29 32.83 28.38
N ILE B 489 25.07 32.36 28.09
CA ILE B 489 24.65 32.10 26.73
C ILE B 489 24.57 33.41 25.93
N GLN B 490 23.97 34.43 26.54
CA GLN B 490 23.85 35.72 25.86
C GLN B 490 25.23 36.27 25.52
N ALA B 491 26.16 36.18 26.47
CA ALA B 491 27.52 36.65 26.27
C ALA B 491 28.16 36.04 25.03
N LEU B 492 27.96 34.75 24.85
CA LEU B 492 28.48 34.02 23.69
C LEU B 492 27.74 34.45 22.43
N LEU B 493 26.42 34.55 22.53
CA LEU B 493 25.60 34.97 21.40
C LEU B 493 26.08 36.33 20.94
N ASP B 494 26.33 37.21 21.90
CA ASP B 494 26.80 38.55 21.62
C ASP B 494 28.00 38.50 20.68
N LYS B 495 28.97 37.64 20.97
CA LYS B 495 30.15 37.57 20.12
C LYS B 495 29.88 37.00 18.73
N TYR B 496 28.98 36.02 18.63
CA TYR B 496 28.65 35.44 17.32
C TYR B 496 27.99 36.51 16.44
N ASN B 497 27.02 37.20 17.01
CA ASN B 497 26.31 38.26 16.30
C ASN B 497 27.21 39.45 15.90
N ARG C 1 -34.99 3.33 -23.95
CA ARG C 1 -35.40 2.58 -22.72
C ARG C 1 -35.30 3.53 -21.52
N ASP C 2 -34.95 2.99 -20.36
CA ASP C 2 -34.79 3.77 -19.13
C ASP C 2 -33.48 4.55 -19.22
N PRO C 3 -33.40 5.69 -18.52
CA PRO C 3 -32.22 6.57 -18.50
C PRO C 3 -30.90 5.85 -18.19
N ALA C 4 -30.95 4.86 -17.30
CA ALA C 4 -29.75 4.12 -16.93
C ALA C 4 -29.16 3.36 -18.12
N SER C 5 -30.03 2.73 -18.92
CA SER C 5 -29.60 1.99 -20.09
C SER C 5 -29.03 2.88 -21.19
N ASP C 6 -29.60 4.08 -21.32
CA ASP C 6 -29.17 5.03 -22.34
C ASP C 6 -28.00 5.91 -21.93
N GLN C 7 -27.29 5.52 -20.87
CA GLN C 7 -26.14 6.28 -20.37
C GLN C 7 -25.16 6.64 -21.48
N MET C 8 -24.67 5.64 -22.20
CA MET C 8 -23.72 5.91 -23.27
C MET C 8 -24.31 6.72 -24.41
N GLN C 9 -25.57 6.45 -24.76
CA GLN C 9 -26.21 7.18 -25.84
C GLN C 9 -26.27 8.66 -25.52
N HIS C 10 -26.76 8.98 -24.33
CA HIS C 10 -26.88 10.38 -23.90
C HIS C 10 -25.53 11.05 -23.88
N TRP C 11 -24.51 10.31 -23.45
CA TRP C 11 -23.17 10.83 -23.40
C TRP C 11 -22.72 11.17 -24.83
N LYS C 12 -22.94 10.23 -25.74
CA LYS C 12 -22.61 10.39 -27.15
C LYS C 12 -23.32 11.61 -27.73
N GLU C 13 -24.58 11.77 -27.35
CA GLU C 13 -25.39 12.87 -27.83
C GLU C 13 -24.94 14.22 -27.30
N GLN C 14 -24.47 14.27 -26.06
CA GLN C 14 -24.02 15.52 -25.46
C GLN C 14 -22.82 16.12 -26.19
N ARG C 15 -22.17 15.30 -27.02
CA ARG C 15 -21.02 15.74 -27.80
C ARG C 15 -21.36 15.85 -29.27
N ALA C 16 -22.66 15.86 -29.54
CA ALA C 16 -23.25 15.95 -30.87
C ALA C 16 -22.29 16.28 -32.00
N ALA C 17 -21.93 17.56 -32.12
CA ALA C 17 -21.01 18.01 -33.13
C ALA C 17 -19.65 17.37 -32.89
N GLN C 18 -18.90 18.02 -31.99
CA GLN C 18 -17.57 17.63 -31.52
C GLN C 18 -16.79 16.43 -32.07
N LYS C 19 -15.51 16.67 -32.32
CA LYS C 19 -14.58 15.67 -32.81
C LYS C 19 -14.05 14.93 -31.57
N ALA C 20 -13.88 13.62 -31.68
CA ALA C 20 -13.38 12.82 -30.56
C ALA C 20 -11.97 13.20 -30.15
N ASP C 21 -11.73 13.19 -28.84
CA ASP C 21 -10.42 13.53 -28.30
C ASP C 21 -9.34 12.56 -28.73
N VAL C 22 -8.10 13.02 -28.62
CA VAL C 22 -6.96 12.20 -28.96
C VAL C 22 -6.74 11.19 -27.85
N LEU C 23 -6.58 9.93 -28.22
CA LEU C 23 -6.34 8.87 -27.27
C LEU C 23 -4.87 8.95 -26.87
N THR C 24 -4.61 9.13 -25.58
CA THR C 24 -3.24 9.26 -25.09
C THR C 24 -2.86 8.24 -24.01
N THR C 25 -1.57 8.21 -23.70
CA THR C 25 -1.06 7.34 -22.63
C THR C 25 -1.28 8.14 -21.36
N GLY C 26 -0.96 7.56 -20.22
CA GLY C 26 -1.13 8.26 -18.96
C GLY C 26 -0.40 9.59 -18.89
N ALA C 27 0.78 9.66 -19.51
CA ALA C 27 1.58 10.89 -19.52
C ALA C 27 1.16 11.88 -20.61
N GLY C 28 0.07 11.58 -21.31
CA GLY C 28 -0.43 12.47 -22.34
C GLY C 28 0.11 12.33 -23.75
N ASN C 29 0.95 11.33 -23.99
CA ASN C 29 1.52 11.11 -25.32
C ASN C 29 0.46 10.49 -26.23
N PRO C 30 0.25 11.05 -27.42
CA PRO C 30 -0.73 10.55 -28.38
C PRO C 30 -0.43 9.12 -28.79
N VAL C 31 -1.48 8.31 -28.98
CA VAL C 31 -1.29 6.93 -29.38
C VAL C 31 -1.68 6.73 -30.84
N GLY C 32 -0.77 6.14 -31.60
CA GLY C 32 -1.04 5.90 -33.01
C GLY C 32 -1.97 4.73 -33.24
N ASP C 33 -1.71 3.64 -32.53
CA ASP C 33 -2.53 2.43 -32.65
C ASP C 33 -2.60 1.75 -31.29
N LYS C 34 -3.79 1.75 -30.70
CA LYS C 34 -3.97 1.11 -29.41
C LYS C 34 -4.77 -0.18 -29.60
N LEU C 35 -4.71 -0.73 -30.81
CA LEU C 35 -5.42 -1.96 -31.15
C LEU C 35 -4.48 -3.10 -31.54
N ASN C 36 -3.19 -2.80 -31.60
CA ASN C 36 -2.20 -3.82 -31.95
C ASN C 36 -0.94 -3.56 -31.17
N VAL C 37 -0.37 -4.63 -30.66
CA VAL C 37 0.83 -4.58 -29.87
C VAL C 37 2.06 -4.61 -30.80
N ILE C 38 3.24 -4.23 -30.30
CA ILE C 38 4.46 -4.23 -31.10
C ILE C 38 5.18 -5.57 -31.07
N THR C 39 5.35 -6.19 -32.23
CA THR C 39 6.02 -7.47 -32.31
C THR C 39 7.13 -7.37 -33.36
N VAL C 40 8.07 -8.29 -33.34
CA VAL C 40 9.13 -8.29 -34.35
C VAL C 40 8.65 -9.19 -35.48
N GLY C 41 8.07 -8.57 -36.52
CA GLY C 41 7.54 -9.33 -37.62
C GLY C 41 6.13 -9.73 -37.23
N PRO C 42 5.26 -10.04 -38.20
CA PRO C 42 3.87 -10.44 -37.98
C PRO C 42 3.66 -11.48 -36.88
N ARG C 43 4.50 -12.52 -36.86
CA ARG C 43 4.37 -13.58 -35.85
C ARG C 43 5.51 -13.66 -34.85
N GLY C 44 6.10 -12.51 -34.55
CA GLY C 44 7.20 -12.46 -33.60
C GLY C 44 6.74 -12.13 -32.18
N PRO C 45 7.64 -12.22 -31.19
CA PRO C 45 7.36 -11.93 -29.79
C PRO C 45 7.12 -10.45 -29.51
N LEU C 46 6.58 -10.19 -28.33
CA LEU C 46 6.28 -8.83 -27.87
C LEU C 46 7.51 -8.10 -27.33
N LEU C 47 7.68 -6.84 -27.73
CA LEU C 47 8.81 -6.00 -27.31
C LEU C 47 8.47 -5.08 -26.16
N VAL C 48 9.42 -4.92 -25.24
CA VAL C 48 9.27 -4.05 -24.08
C VAL C 48 9.03 -2.59 -24.48
N GLN C 49 9.53 -2.22 -25.67
CA GLN C 49 9.37 -0.89 -26.23
C GLN C 49 7.94 -0.45 -26.30
N ASP C 50 7.03 -1.43 -26.34
CA ASP C 50 5.63 -1.10 -26.42
C ASP C 50 5.17 -0.56 -25.08
N VAL C 51 5.48 0.71 -24.83
CA VAL C 51 5.11 1.35 -23.58
C VAL C 51 3.62 1.67 -23.57
N VAL C 52 3.03 1.82 -24.75
CA VAL C 52 1.60 2.08 -24.86
C VAL C 52 0.89 0.90 -24.23
N PHE C 53 1.34 -0.29 -24.57
CA PHE C 53 0.75 -1.49 -24.02
C PHE C 53 0.94 -1.52 -22.51
N THR C 54 2.19 -1.47 -22.06
CA THR C 54 2.53 -1.52 -20.64
C THR C 54 1.82 -0.46 -19.79
N ASP C 55 1.86 0.78 -20.24
CA ASP C 55 1.22 1.86 -19.52
C ASP C 55 -0.25 1.57 -19.22
N GLU C 56 -0.98 1.10 -20.22
CA GLU C 56 -2.38 0.80 -20.06
C GLU C 56 -2.63 -0.46 -19.24
N MET C 57 -1.87 -1.52 -19.54
CA MET C 57 -2.04 -2.78 -18.83
C MET C 57 -1.73 -2.64 -17.35
N ALA C 58 -0.68 -1.89 -17.04
CA ALA C 58 -0.27 -1.68 -15.67
C ALA C 58 -1.36 -1.00 -14.86
N HIS C 59 -2.10 -0.10 -15.49
CA HIS C 59 -3.17 0.60 -14.80
C HIS C 59 -4.38 -0.32 -14.61
N PHE C 60 -4.67 -1.12 -15.62
CA PHE C 60 -5.78 -2.08 -15.55
C PHE C 60 -5.49 -3.05 -14.40
N ASP C 61 -4.24 -3.47 -14.30
CA ASP C 61 -3.79 -4.40 -13.26
C ASP C 61 -3.96 -3.80 -11.85
N ARG C 62 -4.14 -2.49 -11.77
CA ARG C 62 -4.28 -1.80 -10.49
C ARG C 62 -5.61 -1.10 -10.27
N GLU C 63 -6.62 -1.45 -11.05
CA GLU C 63 -7.91 -0.79 -10.91
C GLU C 63 -8.61 -0.99 -9.59
N ARG C 64 -8.49 -2.20 -9.05
CA ARG C 64 -9.17 -2.55 -7.81
C ARG C 64 -8.52 -2.13 -6.50
N ILE C 65 -9.37 -1.68 -5.57
CA ILE C 65 -8.96 -1.30 -4.23
C ILE C 65 -9.80 -2.19 -3.32
N PRO C 66 -9.39 -2.40 -2.05
CA PRO C 66 -10.18 -3.24 -1.16
C PRO C 66 -11.57 -2.66 -1.01
N GLU C 67 -12.57 -3.54 -0.98
CA GLU C 67 -13.94 -3.08 -0.80
C GLU C 67 -14.13 -2.73 0.67
N ARG C 68 -15.26 -2.13 1.02
CA ARG C 68 -15.52 -1.78 2.42
C ARG C 68 -15.61 -3.08 3.21
N VAL C 69 -15.07 -3.10 4.43
CA VAL C 69 -15.10 -4.31 5.26
C VAL C 69 -16.55 -4.75 5.51
N VAL C 70 -17.44 -3.77 5.67
CA VAL C 70 -18.88 -4.02 5.82
C VAL C 70 -19.54 -2.98 4.92
N HIS C 71 -20.78 -3.23 4.52
CA HIS C 71 -21.51 -2.31 3.66
C HIS C 71 -20.84 -2.14 2.28
N ALA C 72 -20.24 -3.21 1.78
CA ALA C 72 -19.54 -3.20 0.49
C ALA C 72 -20.39 -2.85 -0.73
N LYS C 73 -21.58 -3.45 -0.84
CA LYS C 73 -22.48 -3.24 -1.98
C LYS C 73 -23.41 -2.05 -1.74
N GLY C 74 -23.27 -1.00 -2.55
CA GLY C 74 -24.11 0.16 -2.37
C GLY C 74 -24.42 1.02 -3.58
N ALA C 75 -25.10 2.14 -3.32
CA ALA C 75 -25.47 3.08 -4.35
C ALA C 75 -25.33 4.47 -3.75
N GLY C 76 -24.99 5.45 -4.59
CA GLY C 76 -24.82 6.79 -4.10
C GLY C 76 -25.56 7.82 -4.92
N ALA C 77 -25.70 9.00 -4.33
CA ALA C 77 -26.39 10.13 -4.98
C ALA C 77 -26.02 11.42 -4.25
N PHE C 78 -26.30 12.56 -4.86
CA PHE C 78 -25.97 13.85 -4.27
C PHE C 78 -27.16 14.78 -4.26
N GLY C 79 -27.13 15.75 -3.35
CA GLY C 79 -28.23 16.68 -3.26
C GLY C 79 -27.95 17.74 -2.22
N TYR C 80 -28.96 18.06 -1.42
CA TYR C 80 -28.78 19.08 -0.40
C TYR C 80 -29.66 18.87 0.80
N PHE C 81 -29.33 19.58 1.87
CA PHE C 81 -30.08 19.54 3.10
C PHE C 81 -30.59 20.95 3.29
N GLU C 82 -31.88 21.09 3.56
CA GLU C 82 -32.45 22.41 3.78
C GLU C 82 -33.12 22.48 5.14
N VAL C 83 -32.79 23.51 5.90
CA VAL C 83 -33.37 23.71 7.23
C VAL C 83 -34.80 24.22 7.09
N THR C 84 -35.73 23.62 7.82
CA THR C 84 -37.12 24.04 7.75
C THR C 84 -37.60 24.60 9.08
N HIS C 85 -36.94 24.21 10.17
CA HIS C 85 -37.31 24.67 11.50
C HIS C 85 -36.08 25.16 12.25
N ASP C 86 -36.33 25.88 13.34
CA ASP C 86 -35.28 26.48 14.17
C ASP C 86 -34.98 25.64 15.41
N ILE C 87 -33.77 25.09 15.48
CA ILE C 87 -33.35 24.30 16.63
C ILE C 87 -32.05 24.88 17.22
N THR C 88 -31.82 26.17 16.99
CA THR C 88 -30.63 26.82 17.51
C THR C 88 -30.62 26.86 19.03
N LYS C 89 -31.76 26.62 19.66
CA LYS C 89 -31.80 26.59 21.11
C LYS C 89 -31.14 25.30 21.58
N TYR C 90 -31.00 24.35 20.66
CA TYR C 90 -30.37 23.08 20.96
C TYR C 90 -28.95 22.99 20.41
N SER C 91 -28.74 23.50 19.20
CA SER C 91 -27.43 23.44 18.57
C SER C 91 -26.98 24.69 17.85
N LYS C 92 -25.71 25.02 18.02
CA LYS C 92 -25.11 26.18 17.39
C LYS C 92 -24.50 25.82 16.04
N ALA C 93 -24.64 24.57 15.62
CA ALA C 93 -24.08 24.11 14.34
C ALA C 93 -24.51 25.01 13.20
N LYS C 94 -23.54 25.44 12.40
CA LYS C 94 -23.83 26.32 11.28
C LYS C 94 -24.81 25.71 10.28
N VAL C 95 -24.74 24.39 10.12
CA VAL C 95 -25.63 23.69 9.22
C VAL C 95 -27.11 23.93 9.60
N PHE C 96 -27.37 24.28 10.85
CA PHE C 96 -28.74 24.54 11.31
C PHE C 96 -29.03 26.01 11.61
N GLU C 97 -28.03 26.89 11.46
CA GLU C 97 -28.23 28.29 11.83
C GLU C 97 -29.42 29.07 11.33
N HIS C 98 -29.88 28.83 10.11
CA HIS C 98 -31.03 29.56 9.59
C HIS C 98 -32.00 28.73 8.78
N ILE C 99 -33.29 28.93 9.02
CA ILE C 99 -34.32 28.20 8.29
C ILE C 99 -34.19 28.59 6.83
N GLY C 100 -34.13 27.59 5.97
CA GLY C 100 -33.99 27.86 4.54
C GLY C 100 -32.54 27.76 4.09
N LYS C 101 -31.62 27.54 5.02
CA LYS C 101 -30.21 27.41 4.67
C LYS C 101 -29.94 26.04 4.05
N LYS C 102 -29.33 26.03 2.86
CA LYS C 102 -29.03 24.77 2.20
C LYS C 102 -27.55 24.38 2.30
N THR C 103 -27.32 23.09 2.52
CA THR C 103 -25.97 22.55 2.62
C THR C 103 -25.91 21.35 1.69
N PRO C 104 -24.92 21.32 0.80
CA PRO C 104 -24.74 20.22 -0.16
C PRO C 104 -24.49 18.93 0.60
N ILE C 105 -25.07 17.83 0.11
CA ILE C 105 -24.86 16.55 0.77
C ILE C 105 -24.52 15.44 -0.22
N ALA C 106 -23.83 14.43 0.30
CA ALA C 106 -23.46 13.26 -0.49
C ALA C 106 -24.05 12.10 0.29
N VAL C 107 -24.63 11.12 -0.41
CA VAL C 107 -25.24 9.99 0.26
C VAL C 107 -24.90 8.65 -0.38
N ARG C 108 -24.81 7.62 0.47
CA ARG C 108 -24.55 6.28 -0.01
C ARG C 108 -25.41 5.30 0.77
N PHE C 109 -26.18 4.50 0.03
CA PHE C 109 -27.05 3.48 0.59
C PHE C 109 -26.33 2.17 0.40
N SER C 110 -26.65 1.19 1.24
CA SER C 110 -25.98 -0.10 1.14
C SER C 110 -26.59 -1.20 2.02
N THR C 111 -26.15 -2.43 1.75
CA THR C 111 -26.56 -3.58 2.55
C THR C 111 -25.39 -3.75 3.52
N VAL C 112 -25.31 -4.88 4.23
CA VAL C 112 -24.22 -5.04 5.18
C VAL C 112 -23.23 -6.18 4.98
N ALA C 113 -23.73 -7.41 4.93
CA ALA C 113 -22.88 -8.58 4.79
C ALA C 113 -22.29 -8.88 3.42
N GLY C 114 -23.11 -8.81 2.38
CA GLY C 114 -22.66 -9.11 1.03
C GLY C 114 -21.47 -8.32 0.50
N GLU C 115 -20.66 -8.97 -0.33
CA GLU C 115 -19.51 -8.33 -0.96
C GLU C 115 -19.98 -7.51 -2.15
N SER C 116 -19.04 -6.93 -2.89
N SER C 116 -19.03 -6.92 -2.87
CA SER C 116 -19.36 -6.09 -4.03
CA SER C 116 -19.36 -6.18 -4.07
C SER C 116 -20.22 -6.67 -5.16
C SER C 116 -19.77 -7.30 -5.03
N GLY C 117 -20.18 -7.99 -5.35
N GLY C 117 -20.88 -7.10 -5.72
CA GLY C 117 -20.98 -8.57 -6.42
CA GLY C 117 -21.34 -8.14 -6.64
C GLY C 117 -22.26 -9.24 -5.95
C GLY C 117 -22.60 -8.78 -6.11
N SER C 118 -22.75 -8.84 -4.79
CA SER C 118 -23.95 -9.41 -4.20
C SER C 118 -25.20 -8.65 -4.60
N ALA C 119 -26.36 -9.24 -4.35
CA ALA C 119 -27.64 -8.63 -4.71
C ALA C 119 -28.15 -7.60 -3.69
N ASP C 120 -28.89 -6.60 -4.18
CA ASP C 120 -29.44 -5.55 -3.33
C ASP C 120 -30.64 -5.99 -2.51
N THR C 121 -31.56 -6.70 -3.14
CA THR C 121 -32.78 -7.12 -2.48
C THR C 121 -32.67 -8.34 -1.56
N VAL C 122 -31.91 -8.20 -0.48
CA VAL C 122 -31.72 -9.27 0.50
C VAL C 122 -31.97 -8.76 1.90
N ARG C 123 -32.31 -9.67 2.81
CA ARG C 123 -32.57 -9.30 4.21
C ARG C 123 -31.23 -8.89 4.77
N ASP C 124 -31.17 -7.67 5.26
CA ASP C 124 -29.95 -7.12 5.80
C ASP C 124 -30.31 -5.69 6.14
N PRO C 125 -29.70 -5.12 7.18
CA PRO C 125 -30.06 -3.72 7.46
C PRO C 125 -29.54 -2.88 6.30
N ARG C 126 -29.92 -1.61 6.24
CA ARG C 126 -29.46 -0.79 5.14
C ARG C 126 -28.69 0.41 5.64
N GLY C 127 -27.54 0.65 5.03
CA GLY C 127 -26.72 1.80 5.38
C GLY C 127 -27.35 3.02 4.74
N PHE C 128 -27.25 4.16 5.40
CA PHE C 128 -27.83 5.41 4.90
C PHE C 128 -26.94 6.51 5.47
N ALA C 129 -25.75 6.63 4.89
CA ALA C 129 -24.78 7.63 5.32
C ALA C 129 -24.96 8.95 4.60
N VAL C 130 -24.96 10.05 5.37
CA VAL C 130 -25.13 11.38 4.81
C VAL C 130 -23.94 12.28 5.13
N LYS C 131 -23.33 12.83 4.09
CA LYS C 131 -22.19 13.74 4.25
C LYS C 131 -22.64 15.16 4.02
N PHE C 132 -22.52 15.98 5.05
CA PHE C 132 -22.91 17.40 4.98
C PHE C 132 -21.66 18.24 4.82
N TYR C 133 -21.51 18.85 3.65
CA TYR C 133 -20.37 19.70 3.37
C TYR C 133 -20.66 21.09 3.95
N THR C 134 -20.33 21.31 5.22
CA THR C 134 -20.59 22.60 5.86
C THR C 134 -19.37 23.53 5.93
N GLU C 135 -19.61 24.78 6.32
CA GLU C 135 -18.56 25.79 6.44
C GLU C 135 -17.64 25.48 7.60
N ASP C 136 -18.15 24.69 8.56
CA ASP C 136 -17.38 24.29 9.72
C ASP C 136 -16.85 22.88 9.49
N GLY C 137 -16.60 22.56 8.24
CA GLY C 137 -16.09 21.24 7.89
C GLY C 137 -17.19 20.26 7.58
N ASN C 138 -16.83 19.07 7.16
CA ASN C 138 -17.83 18.06 6.84
C ASN C 138 -18.44 17.46 8.10
N TRP C 139 -19.74 17.15 8.01
CA TRP C 139 -20.44 16.51 9.10
C TRP C 139 -20.98 15.22 8.52
N ASP C 140 -20.50 14.10 9.04
CA ASP C 140 -20.95 12.82 8.55
C ASP C 140 -21.91 12.16 9.52
N LEU C 141 -23.15 12.00 9.09
CA LEU C 141 -24.15 11.31 9.89
C LEU C 141 -24.25 9.96 9.21
N VAL C 142 -23.48 9.00 9.72
CA VAL C 142 -23.42 7.66 9.15
C VAL C 142 -24.50 6.77 9.77
N GLY C 143 -25.69 6.80 9.20
CA GLY C 143 -26.79 6.01 9.74
C GLY C 143 -27.20 4.74 9.03
N ASN C 144 -28.21 4.09 9.60
CA ASN C 144 -28.80 2.87 9.07
C ASN C 144 -30.29 3.10 8.93
N ASN C 145 -30.97 2.13 8.33
CA ASN C 145 -32.40 2.25 8.14
C ASN C 145 -33.12 1.75 9.41
N THR C 146 -32.38 1.68 10.51
CA THR C 146 -32.91 1.23 11.79
C THR C 146 -32.40 2.14 12.90
N PRO C 147 -33.22 2.37 13.94
CA PRO C 147 -32.83 3.21 15.06
C PRO C 147 -31.96 2.49 16.08
N ILE C 148 -31.89 1.17 15.98
CA ILE C 148 -31.11 0.36 16.92
C ILE C 148 -30.08 -0.53 16.25
N PHE C 149 -29.39 -1.33 17.06
CA PHE C 149 -28.39 -2.27 16.55
C PHE C 149 -28.38 -3.56 17.37
N PHE C 150 -27.69 -4.57 16.84
CA PHE C 150 -27.60 -5.88 17.44
C PHE C 150 -26.82 -5.97 18.75
N ILE C 151 -25.75 -5.18 18.87
CA ILE C 151 -24.92 -5.21 20.07
C ILE C 151 -24.80 -3.83 20.70
N ARG C 152 -24.30 -3.80 21.93
CA ARG C 152 -24.15 -2.54 22.64
C ARG C 152 -22.74 -2.23 23.10
N ASP C 153 -21.77 -3.02 22.64
CA ASP C 153 -20.36 -2.83 22.95
C ASP C 153 -19.60 -3.13 21.66
N PRO C 154 -18.79 -2.16 21.20
CA PRO C 154 -17.98 -2.24 19.97
C PRO C 154 -16.98 -3.37 19.87
N ILE C 155 -16.47 -3.84 21.00
CA ILE C 155 -15.48 -4.91 21.03
C ILE C 155 -16.04 -6.25 20.52
N LEU C 156 -17.36 -6.32 20.40
CA LEU C 156 -18.06 -7.49 19.91
C LEU C 156 -18.36 -7.35 18.43
N PHE C 157 -18.27 -6.13 17.91
CA PHE C 157 -18.56 -5.88 16.51
C PHE C 157 -17.81 -6.76 15.51
N PRO C 158 -16.49 -6.89 15.64
CA PRO C 158 -15.78 -7.74 14.68
C PRO C 158 -16.33 -9.16 14.65
N SER C 159 -16.58 -9.73 15.83
CA SER C 159 -17.11 -11.10 15.91
C SER C 159 -18.48 -11.17 15.27
N PHE C 160 -19.31 -10.18 15.58
CA PHE C 160 -20.65 -10.14 15.02
C PHE C 160 -20.59 -10.17 13.51
N ILE C 161 -19.78 -9.27 12.95
CA ILE C 161 -19.65 -9.20 11.51
C ILE C 161 -19.08 -10.50 10.97
N HIS C 162 -18.19 -11.12 11.73
CA HIS C 162 -17.62 -12.38 11.30
C HIS C 162 -18.74 -13.41 11.19
N SER C 163 -19.53 -13.51 12.25
CA SER C 163 -20.64 -14.46 12.28
C SER C 163 -21.64 -14.24 11.16
N GLN C 164 -21.72 -13.01 10.67
CA GLN C 164 -22.63 -12.67 9.59
C GLN C 164 -22.06 -12.97 8.21
N LYS C 165 -20.75 -13.11 8.12
CA LYS C 165 -20.12 -13.37 6.82
C LYS C 165 -19.82 -14.83 6.49
N ARG C 166 -18.80 -15.05 5.70
CA ARG C 166 -18.44 -16.40 5.27
C ARG C 166 -17.64 -17.23 6.26
N ASN C 167 -17.85 -18.54 6.23
CA ASN C 167 -17.13 -19.46 7.08
C ASN C 167 -15.67 -19.38 6.67
N PRO C 168 -14.74 -19.26 7.63
CA PRO C 168 -13.30 -19.18 7.37
C PRO C 168 -12.68 -20.30 6.54
N GLN C 169 -13.32 -21.46 6.52
CA GLN C 169 -12.78 -22.56 5.73
C GLN C 169 -13.56 -22.77 4.44
N THR C 170 -14.89 -22.89 4.57
CA THR C 170 -15.77 -23.12 3.42
C THR C 170 -16.14 -21.90 2.59
N HIS C 171 -15.96 -20.71 3.16
CA HIS C 171 -16.27 -19.47 2.46
C HIS C 171 -17.76 -19.40 2.17
N LEU C 172 -18.54 -20.19 2.90
CA LEU C 172 -19.99 -20.21 2.72
C LEU C 172 -20.67 -19.53 3.89
N LYS C 173 -21.87 -19.01 3.66
CA LYS C 173 -22.64 -18.38 4.73
C LYS C 173 -22.87 -19.50 5.72
N ASP C 174 -22.74 -19.22 7.00
CA ASP C 174 -22.89 -20.27 7.98
C ASP C 174 -23.93 -19.92 9.03
N PRO C 175 -25.14 -20.52 8.91
CA PRO C 175 -26.21 -20.26 9.87
C PRO C 175 -25.86 -20.66 11.30
N ASP C 176 -24.93 -21.61 11.47
CA ASP C 176 -24.49 -22.01 12.80
C ASP C 176 -23.74 -20.81 13.39
N MET C 177 -22.90 -20.17 12.57
CA MET C 177 -22.16 -18.99 13.01
C MET C 177 -23.13 -17.88 13.33
N VAL C 178 -24.04 -17.63 12.39
CA VAL C 178 -25.05 -16.59 12.54
C VAL C 178 -25.83 -16.74 13.84
N TRP C 179 -26.47 -17.90 14.00
CA TRP C 179 -27.29 -18.15 15.18
C TRP C 179 -26.63 -18.48 16.51
N ASP C 180 -25.40 -18.97 16.46
CA ASP C 180 -24.68 -19.26 17.69
C ASP C 180 -24.41 -17.91 18.33
N PHE C 181 -23.87 -16.99 17.54
CA PHE C 181 -23.59 -15.66 18.05
C PHE C 181 -24.84 -14.98 18.61
N TRP C 182 -25.89 -14.92 17.79
CA TRP C 182 -27.14 -14.28 18.20
C TRP C 182 -27.79 -14.90 19.45
N SER C 183 -27.78 -16.24 19.54
CA SER C 183 -28.36 -16.94 20.69
C SER C 183 -27.50 -16.75 21.94
N LEU C 184 -26.19 -16.69 21.75
CA LEU C 184 -25.25 -16.47 22.86
C LEU C 184 -25.27 -15.01 23.27
N ARG C 185 -25.70 -14.14 22.36
CA ARG C 185 -25.76 -12.70 22.62
C ARG C 185 -27.18 -12.16 22.40
N PRO C 186 -28.05 -12.35 23.40
CA PRO C 186 -29.45 -11.90 23.37
C PRO C 186 -29.73 -10.40 23.29
N GLU C 187 -28.70 -9.55 23.29
CA GLU C 187 -28.94 -8.11 23.16
C GLU C 187 -29.46 -7.89 21.75
N SER C 188 -29.14 -8.82 20.86
CA SER C 188 -29.55 -8.76 19.48
C SER C 188 -31.05 -8.89 19.26
N LEU C 189 -31.75 -9.45 20.23
CA LEU C 189 -33.20 -9.66 20.13
C LEU C 189 -34.01 -8.50 19.57
N HIS C 190 -33.67 -7.28 19.97
CA HIS C 190 -34.41 -6.15 19.48
C HIS C 190 -34.23 -5.90 18.00
N GLN C 191 -32.98 -5.80 17.55
CA GLN C 191 -32.69 -5.56 16.13
C GLN C 191 -32.99 -6.77 15.25
N VAL C 192 -32.77 -7.96 15.78
CA VAL C 192 -33.06 -9.18 15.04
C VAL C 192 -34.54 -9.14 14.65
N SER C 193 -35.37 -8.75 15.61
CA SER C 193 -36.80 -8.66 15.39
C SER C 193 -37.14 -7.65 14.28
N PHE C 194 -36.42 -6.54 14.25
CA PHE C 194 -36.64 -5.52 13.23
C PHE C 194 -36.21 -6.10 11.91
N LEU C 195 -35.04 -6.73 11.92
CA LEU C 195 -34.44 -7.33 10.75
C LEU C 195 -35.32 -8.35 10.04
N PHE C 196 -35.95 -9.23 10.81
CA PHE C 196 -36.80 -10.27 10.24
C PHE C 196 -38.27 -9.88 10.02
N SER C 197 -38.59 -8.61 10.23
CA SER C 197 -39.95 -8.13 10.00
C SER C 197 -40.01 -7.68 8.55
N ASP C 198 -41.14 -7.11 8.16
CA ASP C 198 -41.34 -6.66 6.79
C ASP C 198 -40.30 -5.65 6.30
N ARG C 199 -39.79 -4.83 7.20
CA ARG C 199 -38.81 -3.83 6.79
C ARG C 199 -37.41 -4.38 6.60
N GLY C 200 -37.30 -5.70 6.67
CA GLY C 200 -36.02 -6.34 6.48
C GLY C 200 -35.57 -6.17 5.03
N ILE C 201 -36.52 -6.08 4.12
CA ILE C 201 -36.17 -5.93 2.71
C ILE C 201 -36.94 -4.76 2.08
N PRO C 202 -36.42 -3.54 2.20
CA PRO C 202 -37.05 -2.34 1.64
C PRO C 202 -37.15 -2.44 0.13
N ASP C 203 -38.17 -1.79 -0.44
CA ASP C 203 -38.37 -1.77 -1.88
C ASP C 203 -37.52 -0.61 -2.41
N GLY C 204 -36.21 -0.84 -2.47
CA GLY C 204 -35.29 0.19 -2.92
C GLY C 204 -34.85 1.08 -1.77
N HIS C 205 -33.96 2.02 -2.06
CA HIS C 205 -33.43 2.94 -1.05
C HIS C 205 -34.34 4.12 -0.73
N ARG C 206 -35.26 4.44 -1.64
CA ARG C 206 -36.16 5.57 -1.47
C ARG C 206 -37.34 5.33 -0.56
N HIS C 207 -37.64 4.06 -0.28
CA HIS C 207 -38.77 3.71 0.57
C HIS C 207 -38.39 3.21 1.94
N MET C 208 -37.34 3.77 2.50
CA MET C 208 -36.91 3.39 3.83
C MET C 208 -36.50 4.62 4.62
N ASN C 209 -36.59 4.50 5.94
CA ASN C 209 -36.22 5.59 6.82
C ASN C 209 -34.72 5.55 7.08
N GLY C 210 -34.23 6.62 7.68
CA GLY C 210 -32.83 6.70 8.02
C GLY C 210 -32.75 7.11 9.47
N TYR C 211 -31.76 6.57 10.18
CA TYR C 211 -31.58 6.90 11.59
C TYR C 211 -30.12 7.06 11.95
N GLY C 212 -29.85 7.98 12.88
CA GLY C 212 -28.50 8.18 13.34
C GLY C 212 -28.23 7.06 14.35
N SER C 213 -29.31 6.45 14.83
CA SER C 213 -29.28 5.36 15.80
C SER C 213 -28.71 5.73 17.15
N HIS C 214 -27.48 6.22 17.18
CA HIS C 214 -26.85 6.59 18.42
C HIS C 214 -27.49 7.81 19.02
N THR C 215 -27.15 8.03 20.27
CA THR C 215 -27.59 9.22 20.97
C THR C 215 -26.39 10.12 20.74
N PHE C 216 -26.65 11.37 20.43
CA PHE C 216 -25.59 12.34 20.20
C PHE C 216 -25.79 13.50 21.15
N LYS C 217 -24.84 14.42 21.17
CA LYS C 217 -24.94 15.58 22.04
C LYS C 217 -25.00 16.84 21.19
N LEU C 218 -25.88 17.76 21.55
CA LEU C 218 -26.02 19.03 20.82
C LEU C 218 -25.67 20.17 21.76
N VAL C 219 -24.88 21.12 21.26
CA VAL C 219 -24.48 22.26 22.07
C VAL C 219 -24.91 23.57 21.44
N ASN C 220 -25.53 24.44 22.23
CA ASN C 220 -25.95 25.72 21.72
C ASN C 220 -24.90 26.75 22.06
N ALA C 221 -25.04 27.95 21.51
CA ALA C 221 -24.11 29.04 21.74
C ALA C 221 -23.81 29.37 23.20
N ASN C 222 -24.77 29.11 24.10
CA ASN C 222 -24.56 29.37 25.52
C ASN C 222 -23.78 28.27 26.20
N GLY C 223 -23.38 27.26 25.43
CA GLY C 223 -22.64 26.15 26.02
C GLY C 223 -23.50 25.10 26.69
N GLU C 224 -24.81 25.24 26.57
CA GLU C 224 -25.74 24.28 27.18
C GLU C 224 -25.83 23.09 26.24
N ALA C 225 -25.79 21.88 26.82
CA ALA C 225 -25.87 20.67 26.02
C ALA C 225 -27.06 19.78 26.34
N VAL C 226 -27.53 19.06 25.32
CA VAL C 226 -28.63 18.12 25.44
C VAL C 226 -28.30 16.93 24.57
N TYR C 227 -28.91 15.79 24.84
CA TYR C 227 -28.68 14.60 24.04
C TYR C 227 -29.75 14.55 22.98
N CYS C 228 -29.48 13.86 21.88
CA CYS C 228 -30.47 13.79 20.81
C CYS C 228 -30.39 12.54 19.98
N LYS C 229 -31.41 12.38 19.15
CA LYS C 229 -31.52 11.27 18.23
C LYS C 229 -31.87 11.92 16.90
N PHE C 230 -31.27 11.43 15.81
CA PHE C 230 -31.55 11.94 14.47
C PHE C 230 -32.42 10.96 13.72
N HIS C 231 -33.47 11.46 13.09
CA HIS C 231 -34.38 10.61 12.32
C HIS C 231 -34.64 11.26 10.98
N TYR C 232 -34.65 10.46 9.92
CA TYR C 232 -34.98 10.98 8.61
C TYR C 232 -35.95 10.04 7.92
N LYS C 233 -37.22 10.44 7.98
CA LYS C 233 -38.35 9.69 7.43
C LYS C 233 -38.47 9.85 5.94
N THR C 234 -38.75 8.76 5.24
CA THR C 234 -38.90 8.82 3.79
C THR C 234 -40.17 9.49 3.35
N ASP C 235 -40.05 10.44 2.44
CA ASP C 235 -41.22 11.13 1.94
C ASP C 235 -41.92 10.32 0.86
N GLN C 236 -41.23 9.31 0.34
CA GLN C 236 -41.80 8.44 -0.69
C GLN C 236 -42.65 7.36 -0.05
N GLY C 237 -42.71 7.36 1.28
CA GLY C 237 -43.48 6.36 1.98
C GLY C 237 -42.71 5.05 2.11
N ILE C 238 -42.96 4.33 3.18
CA ILE C 238 -42.28 3.05 3.40
C ILE C 238 -42.94 1.94 2.58
N LYS C 239 -42.12 1.26 1.79
CA LYS C 239 -42.58 0.19 0.92
C LYS C 239 -41.54 -0.92 0.95
N ASN C 240 -41.97 -2.13 1.21
CA ASN C 240 -41.07 -3.27 1.29
C ASN C 240 -41.31 -4.26 0.18
N LEU C 241 -40.46 -5.27 0.12
CA LEU C 241 -40.56 -6.33 -0.88
C LEU C 241 -40.86 -7.63 -0.16
N SER C 242 -41.68 -8.46 -0.77
CA SER C 242 -42.01 -9.74 -0.18
C SER C 242 -40.79 -10.66 -0.29
N VAL C 243 -40.70 -11.62 0.61
CA VAL C 243 -39.60 -12.56 0.59
C VAL C 243 -39.51 -13.16 -0.80
N GLU C 244 -40.67 -13.48 -1.36
CA GLU C 244 -40.71 -14.07 -2.69
C GLU C 244 -40.20 -13.11 -3.79
N ASP C 245 -40.67 -11.88 -3.76
CA ASP C 245 -40.24 -10.90 -4.76
C ASP C 245 -38.75 -10.58 -4.62
N ALA C 246 -38.30 -10.32 -3.40
CA ALA C 246 -36.89 -10.00 -3.14
C ALA C 246 -35.98 -11.09 -3.68
N ALA C 247 -36.40 -12.33 -3.52
CA ALA C 247 -35.65 -13.48 -3.99
C ALA C 247 -35.60 -13.47 -5.51
N ARG C 248 -36.74 -13.25 -6.15
CA ARG C 248 -36.81 -13.23 -7.61
C ARG C 248 -35.93 -12.12 -8.19
N LEU C 249 -36.01 -10.94 -7.59
CA LEU C 249 -35.22 -9.79 -8.01
C LEU C 249 -33.73 -9.96 -7.78
N SER C 250 -33.36 -10.64 -6.68
CA SER C 250 -31.96 -10.86 -6.37
C SER C 250 -31.32 -11.65 -7.51
N GLN C 251 -32.17 -12.32 -8.29
CA GLN C 251 -31.73 -13.10 -9.43
C GLN C 251 -31.89 -12.26 -10.70
N GLU C 252 -33.07 -11.71 -10.91
CA GLU C 252 -33.33 -10.91 -12.10
C GLU C 252 -32.47 -9.64 -12.21
N ASP C 253 -32.34 -8.89 -11.13
CA ASP C 253 -31.53 -7.67 -11.12
C ASP C 253 -30.87 -7.44 -9.78
N PRO C 254 -29.67 -7.99 -9.57
CA PRO C 254 -28.92 -7.85 -8.33
C PRO C 254 -28.65 -6.39 -7.99
N ASP C 255 -28.79 -5.51 -8.99
CA ASP C 255 -28.54 -4.09 -8.79
C ASP C 255 -29.84 -3.29 -8.83
N TYR C 256 -30.89 -3.89 -8.29
CA TYR C 256 -32.21 -3.29 -8.22
C TYR C 256 -32.15 -1.91 -7.60
N GLY C 257 -31.58 -1.82 -6.40
CA GLY C 257 -31.48 -0.56 -5.70
C GLY C 257 -30.71 0.54 -6.43
N ILE C 258 -29.60 0.19 -7.05
CA ILE C 258 -28.80 1.16 -7.79
C ILE C 258 -29.61 1.71 -8.97
N ARG C 259 -30.18 0.80 -9.74
CA ARG C 259 -30.96 1.14 -10.93
C ARG C 259 -32.16 2.02 -10.59
N ASP C 260 -32.90 1.61 -9.56
CA ASP C 260 -34.08 2.33 -9.12
C ASP C 260 -33.75 3.77 -8.77
N LEU C 261 -32.71 3.94 -7.96
CA LEU C 261 -32.26 5.26 -7.53
C LEU C 261 -31.83 6.12 -8.70
N PHE C 262 -30.99 5.57 -9.59
CA PHE C 262 -30.51 6.31 -10.73
C PHE C 262 -31.68 6.82 -11.58
N ASN C 263 -32.57 5.92 -11.98
CA ASN C 263 -33.73 6.29 -12.79
C ASN C 263 -34.66 7.28 -12.13
N ALA C 264 -34.83 7.18 -10.82
CA ALA C 264 -35.71 8.10 -10.09
C ALA C 264 -35.19 9.52 -10.26
N ILE C 265 -33.90 9.69 -9.98
CA ILE C 265 -33.26 11.00 -10.10
C ILE C 265 -33.18 11.41 -11.56
N ALA C 266 -32.87 10.45 -12.41
CA ALA C 266 -32.73 10.71 -13.84
C ALA C 266 -34.02 11.22 -14.46
N THR C 267 -35.16 10.77 -13.94
CA THR C 267 -36.46 11.16 -14.48
C THR C 267 -37.16 12.28 -13.73
N GLY C 268 -36.46 12.90 -12.80
CA GLY C 268 -37.06 13.98 -12.04
C GLY C 268 -37.72 13.57 -10.74
N LYS C 269 -37.78 12.28 -10.43
CA LYS C 269 -38.38 11.83 -9.19
C LYS C 269 -37.36 11.86 -8.04
N TYR C 270 -36.96 13.07 -7.65
CA TYR C 270 -35.99 13.31 -6.58
C TYR C 270 -36.51 12.89 -5.21
N PRO C 271 -35.96 11.81 -4.65
CA PRO C 271 -36.41 11.34 -3.33
C PRO C 271 -36.01 12.28 -2.21
N SER C 272 -36.85 12.39 -1.20
CA SER C 272 -36.56 13.27 -0.07
C SER C 272 -36.99 12.64 1.25
N TRP C 273 -36.37 13.10 2.32
CA TRP C 273 -36.68 12.62 3.66
C TRP C 273 -36.88 13.83 4.55
N THR C 274 -37.77 13.68 5.54
CA THR C 274 -38.02 14.77 6.48
C THR C 274 -37.13 14.50 7.68
N PHE C 275 -36.28 15.48 7.97
CA PHE C 275 -35.31 15.40 9.05
C PHE C 275 -35.85 15.86 10.38
N TYR C 276 -35.70 15.00 11.39
CA TYR C 276 -36.15 15.27 12.76
C TYR C 276 -35.08 14.95 13.80
N ILE C 277 -35.35 15.36 15.04
CA ILE C 277 -34.47 15.05 16.16
C ILE C 277 -35.33 14.84 17.40
N GLN C 278 -34.89 13.97 18.28
CA GLN C 278 -35.58 13.74 19.55
C GLN C 278 -34.62 14.38 20.53
N VAL C 279 -35.15 15.03 21.55
CA VAL C 279 -34.28 15.67 22.53
C VAL C 279 -34.53 15.19 23.95
N MET C 280 -33.43 14.95 24.65
CA MET C 280 -33.46 14.50 26.04
C MET C 280 -32.41 15.30 26.82
N THR C 281 -32.87 16.07 27.80
CA THR C 281 -31.98 16.88 28.59
C THR C 281 -31.15 15.97 29.51
N PHE C 282 -30.05 16.50 30.02
CA PHE C 282 -29.17 15.74 30.91
C PHE C 282 -29.95 15.33 32.15
N ASN C 283 -30.91 16.18 32.50
CA ASN C 283 -31.77 15.95 33.65
C ASN C 283 -32.68 14.74 33.36
N GLN C 284 -33.22 14.66 32.15
CA GLN C 284 -34.10 13.55 31.73
C GLN C 284 -33.31 12.27 31.53
N ALA C 285 -32.03 12.41 31.21
CA ALA C 285 -31.16 11.25 30.99
C ALA C 285 -30.97 10.43 32.26
N GLU C 286 -31.22 11.06 33.41
CA GLU C 286 -31.08 10.39 34.70
C GLU C 286 -32.27 9.49 35.02
N THR C 287 -33.46 9.98 34.70
CA THR C 287 -34.70 9.29 34.98
C THR C 287 -35.12 8.22 33.98
N PHE C 288 -34.55 8.26 32.77
CA PHE C 288 -34.89 7.30 31.73
C PHE C 288 -34.81 5.86 32.23
N PRO C 289 -35.89 5.08 32.03
CA PRO C 289 -36.02 3.69 32.43
C PRO C 289 -34.94 2.76 31.89
N PHE C 290 -34.19 3.21 30.89
CA PHE C 290 -33.12 2.41 30.32
C PHE C 290 -31.88 3.26 30.23
N ASN C 291 -30.79 2.70 29.74
CA ASN C 291 -29.56 3.47 29.57
C ASN C 291 -29.76 4.24 28.27
N PRO C 292 -29.87 5.58 28.36
CA PRO C 292 -30.07 6.40 27.17
C PRO C 292 -28.98 6.28 26.11
N PHE C 293 -27.90 5.60 26.44
CA PHE C 293 -26.79 5.43 25.52
C PHE C 293 -26.64 4.00 25.03
N ASP C 294 -27.61 3.15 25.38
CA ASP C 294 -27.64 1.75 24.98
C ASP C 294 -28.18 1.72 23.56
N LEU C 295 -27.38 1.26 22.61
CA LEU C 295 -27.79 1.21 21.23
C LEU C 295 -28.89 0.20 20.92
N THR C 296 -29.22 -0.65 21.89
CA THR C 296 -30.29 -1.63 21.67
C THR C 296 -31.65 -1.10 22.15
N LYS C 297 -31.64 0.16 22.57
CA LYS C 297 -32.85 0.83 23.06
C LYS C 297 -33.20 2.03 22.19
N VAL C 298 -34.48 2.40 22.19
CA VAL C 298 -34.96 3.56 21.44
C VAL C 298 -35.60 4.46 22.47
N TRP C 299 -35.88 5.70 22.08
CA TRP C 299 -36.54 6.64 22.98
C TRP C 299 -37.98 6.68 22.49
N PRO C 300 -38.92 6.19 23.31
CA PRO C 300 -40.34 6.20 22.93
C PRO C 300 -40.84 7.58 22.51
N HIS C 301 -41.44 7.64 21.32
CA HIS C 301 -41.97 8.88 20.77
C HIS C 301 -42.93 9.59 21.73
N LYS C 302 -43.63 8.80 22.52
CA LYS C 302 -44.59 9.33 23.47
C LYS C 302 -43.90 10.30 24.42
N ASP C 303 -42.79 9.86 24.98
CA ASP C 303 -42.01 10.65 25.93
C ASP C 303 -41.03 11.63 25.28
N TYR C 304 -40.60 11.31 24.05
CA TYR C 304 -39.67 12.15 23.30
C TYR C 304 -40.17 12.30 21.88
N PRO C 305 -41.06 13.27 21.65
CA PRO C 305 -41.66 13.54 20.33
C PRO C 305 -40.64 13.95 19.29
N LEU C 306 -40.89 13.57 18.05
CA LEU C 306 -40.00 13.95 16.95
C LEU C 306 -40.18 15.45 16.74
N ILE C 307 -39.06 16.16 16.67
CA ILE C 307 -39.05 17.58 16.46
C ILE C 307 -38.52 17.79 15.05
N PRO C 308 -39.30 18.44 14.19
CA PRO C 308 -38.90 18.70 12.81
C PRO C 308 -37.72 19.67 12.68
N VAL C 309 -36.82 19.38 11.74
CA VAL C 309 -35.66 20.20 11.53
C VAL C 309 -35.51 20.63 10.07
N GLY C 310 -35.52 19.66 9.16
CA GLY C 310 -35.37 20.02 7.76
C GLY C 310 -35.68 18.93 6.77
N LYS C 311 -35.14 19.09 5.56
CA LYS C 311 -35.35 18.14 4.49
C LYS C 311 -34.06 17.66 3.88
N LEU C 312 -34.07 16.42 3.43
CA LEU C 312 -32.93 15.81 2.79
C LEU C 312 -33.39 15.57 1.36
N VAL C 313 -32.73 16.20 0.39
CA VAL C 313 -33.12 16.02 -1.00
C VAL C 313 -31.98 15.53 -1.90
N LEU C 314 -32.26 14.47 -2.64
CA LEU C 314 -31.31 13.87 -3.57
C LEU C 314 -31.75 14.15 -5.00
N ASN C 315 -30.99 15.02 -5.67
CA ASN C 315 -31.32 15.43 -7.03
C ASN C 315 -30.20 15.30 -8.04
N ARG C 316 -29.17 14.53 -7.74
CA ARG C 316 -28.07 14.40 -8.68
C ARG C 316 -27.40 13.05 -8.63
N ASN C 317 -27.34 12.39 -9.78
CA ASN C 317 -26.70 11.10 -9.88
C ASN C 317 -25.19 11.30 -9.99
N PRO C 318 -24.42 10.23 -9.72
CA PRO C 318 -22.97 10.30 -9.80
C PRO C 318 -22.62 10.33 -11.28
N VAL C 319 -21.52 11.00 -11.63
CA VAL C 319 -21.07 11.04 -13.02
C VAL C 319 -20.13 9.84 -13.20
N ASN C 320 -19.30 9.57 -12.19
CA ASN C 320 -18.41 8.42 -12.21
C ASN C 320 -18.58 7.70 -10.86
N TYR C 321 -19.10 6.48 -10.91
CA TYR C 321 -19.36 5.72 -9.70
C TYR C 321 -18.13 5.45 -8.82
N PHE C 322 -17.05 4.98 -9.42
CA PHE C 322 -15.83 4.70 -8.65
C PHE C 322 -15.36 5.94 -7.90
N ALA C 323 -15.13 7.01 -8.64
CA ALA C 323 -14.64 8.26 -8.08
C ALA C 323 -15.53 8.91 -7.02
N GLU C 324 -16.84 8.84 -7.20
CA GLU C 324 -17.79 9.47 -6.28
C GLU C 324 -18.52 8.59 -5.28
N VAL C 325 -18.65 7.29 -5.57
CA VAL C 325 -19.36 6.39 -4.67
C VAL C 325 -18.46 5.37 -3.99
N GLU C 326 -17.73 4.60 -4.78
CA GLU C 326 -16.85 3.61 -4.20
C GLU C 326 -15.80 4.27 -3.31
N GLN C 327 -15.29 5.42 -3.74
CA GLN C 327 -14.27 6.11 -2.98
C GLN C 327 -14.76 7.03 -1.87
N ILE C 328 -16.07 7.24 -1.78
CA ILE C 328 -16.56 8.12 -0.73
C ILE C 328 -16.28 7.50 0.63
N ALA C 329 -16.10 8.34 1.63
CA ALA C 329 -15.80 7.88 2.98
C ALA C 329 -16.50 8.72 4.04
N PHE C 330 -17.24 8.07 4.91
CA PHE C 330 -17.93 8.78 5.99
C PHE C 330 -17.32 8.38 7.35
N ASP C 331 -17.05 9.39 8.18
CA ASP C 331 -16.48 9.17 9.51
C ASP C 331 -17.40 9.78 10.55
N PRO C 332 -18.01 8.94 11.42
CA PRO C 332 -18.92 9.44 12.46
C PRO C 332 -18.26 10.52 13.30
N SER C 333 -16.93 10.49 13.34
CA SER C 333 -16.14 11.45 14.08
C SER C 333 -16.12 12.83 13.43
N ASN C 334 -16.60 12.92 12.20
CA ASN C 334 -16.66 14.20 11.49
C ASN C 334 -17.85 14.98 12.01
N MET C 335 -17.65 15.65 13.13
CA MET C 335 -18.70 16.45 13.75
C MET C 335 -18.20 17.88 13.96
N PRO C 336 -18.97 18.87 13.50
CA PRO C 336 -18.61 20.29 13.63
C PRO C 336 -19.07 20.83 14.97
N PRO C 337 -18.63 22.04 15.32
CA PRO C 337 -19.03 22.66 16.59
C PRO C 337 -20.55 22.69 16.67
N GLY C 338 -21.08 22.29 17.82
CA GLY C 338 -22.53 22.27 18.01
C GLY C 338 -23.08 20.86 18.03
N ILE C 339 -22.28 19.91 17.51
CA ILE C 339 -22.67 18.52 17.47
C ILE C 339 -21.52 17.70 18.01
N GLU C 340 -21.79 16.92 19.06
CA GLU C 340 -20.76 16.09 19.69
C GLU C 340 -21.22 14.67 19.96
N ALA C 341 -20.28 13.83 20.37
CA ALA C 341 -20.61 12.43 20.66
C ALA C 341 -21.11 12.22 22.08
N SER C 342 -21.83 11.13 22.27
CA SER C 342 -22.35 10.76 23.59
C SER C 342 -21.50 9.59 24.08
N PRO C 343 -21.62 9.22 25.36
CA PRO C 343 -20.84 8.10 25.89
C PRO C 343 -21.24 6.70 25.38
N ASP C 344 -22.08 6.64 24.35
CA ASP C 344 -22.49 5.35 23.78
C ASP C 344 -21.22 4.61 23.37
N LYS C 345 -20.93 3.51 24.05
CA LYS C 345 -19.74 2.72 23.77
C LYS C 345 -19.61 2.40 22.29
N MET C 346 -20.74 2.08 21.65
CA MET C 346 -20.73 1.76 20.23
C MET C 346 -20.26 2.94 19.38
N LEU C 347 -20.83 4.11 19.64
CA LEU C 347 -20.46 5.32 18.92
C LEU C 347 -18.99 5.62 19.16
N GLN C 348 -18.56 5.42 20.40
CA GLN C 348 -17.17 5.66 20.79
C GLN C 348 -16.18 4.80 20.00
N GLY C 349 -16.53 3.54 19.74
CA GLY C 349 -15.67 2.65 18.99
C GLY C 349 -15.59 3.10 17.56
N ARG C 350 -16.71 3.54 17.00
CA ARG C 350 -16.80 4.00 15.63
C ARG C 350 -15.99 5.28 15.44
N LEU C 351 -15.82 6.03 16.52
CA LEU C 351 -15.03 7.24 16.50
C LEU C 351 -13.64 6.92 15.96
N PHE C 352 -13.12 5.75 16.33
CA PHE C 352 -11.80 5.32 15.88
C PHE C 352 -11.84 4.53 14.57
N ALA C 353 -12.71 3.53 14.52
CA ALA C 353 -12.84 2.62 13.39
C ALA C 353 -12.92 3.19 11.97
N TYR C 354 -13.78 4.17 11.76
CA TYR C 354 -13.93 4.71 10.42
C TYR C 354 -12.69 5.36 9.78
N PRO C 355 -12.09 6.36 10.45
CA PRO C 355 -10.90 6.97 9.85
C PRO C 355 -9.79 5.95 9.70
N ASP C 356 -9.73 5.00 10.65
CA ASP C 356 -8.73 3.95 10.65
C ASP C 356 -8.84 3.11 9.38
N THR C 357 -10.04 2.58 9.13
CA THR C 357 -10.30 1.74 7.97
C THR C 357 -10.12 2.48 6.65
N HIS C 358 -10.39 3.79 6.65
CA HIS C 358 -10.26 4.61 5.45
C HIS C 358 -8.83 4.82 5.03
N ARG C 359 -7.94 4.95 6.00
CA ARG C 359 -6.53 5.13 5.72
C ARG C 359 -6.00 3.84 5.08
N HIS C 360 -6.68 2.72 5.31
CA HIS C 360 -6.29 1.44 4.74
C HIS C 360 -6.90 1.28 3.34
N ARG C 361 -8.24 1.27 3.30
CA ARG C 361 -9.02 1.10 2.06
C ARG C 361 -8.73 2.11 0.95
N LEU C 362 -8.62 3.38 1.31
CA LEU C 362 -8.37 4.43 0.35
C LEU C 362 -6.92 4.90 0.39
N GLY C 363 -6.44 5.26 1.56
CA GLY C 363 -5.06 5.73 1.69
C GLY C 363 -4.90 6.81 2.73
N PRO C 364 -3.69 7.08 3.22
CA PRO C 364 -3.41 8.11 4.23
C PRO C 364 -4.04 9.47 3.98
N ASN C 365 -4.09 9.88 2.71
CA ASN C 365 -4.65 11.17 2.35
C ASN C 365 -6.04 11.07 1.71
N TYR C 366 -6.84 10.11 2.16
CA TYR C 366 -8.16 9.91 1.59
C TYR C 366 -9.02 11.17 1.61
N LEU C 367 -8.80 12.05 2.59
CA LEU C 367 -9.58 13.28 2.66
C LEU C 367 -9.28 14.22 1.49
N HIS C 368 -8.23 13.90 0.72
CA HIS C 368 -7.84 14.69 -0.44
C HIS C 368 -8.72 14.33 -1.63
N ILE C 369 -9.30 13.12 -1.62
CA ILE C 369 -10.17 12.67 -2.70
C ILE C 369 -11.30 13.68 -2.78
N PRO C 370 -11.54 14.24 -3.97
CA PRO C 370 -12.58 15.24 -4.23
C PRO C 370 -13.90 15.07 -3.48
N VAL C 371 -14.50 13.89 -3.59
CA VAL C 371 -15.77 13.65 -2.93
C VAL C 371 -15.68 13.68 -1.42
N ASN C 372 -14.47 13.51 -0.88
CA ASN C 372 -14.26 13.52 0.56
C ASN C 372 -13.74 14.85 1.07
N CYS C 373 -13.35 15.74 0.16
N CYS C 373 -13.29 15.72 0.17
CA CYS C 373 -12.84 17.05 0.50
CA CYS C 373 -12.76 17.03 0.55
C CYS C 373 -13.89 17.95 1.15
C CYS C 373 -13.85 17.92 1.15
N PRO C 374 -13.54 18.61 2.26
CA PRO C 374 -14.51 19.51 2.93
C PRO C 374 -14.36 20.83 2.18
N TYR C 375 -14.75 20.79 0.91
CA TYR C 375 -14.63 21.91 -0.01
C TYR C 375 -15.37 23.19 0.33
N ARG C 376 -16.15 23.17 1.39
CA ARG C 376 -16.84 24.39 1.79
C ARG C 376 -16.18 24.98 3.03
N ALA C 377 -14.96 24.54 3.28
CA ALA C 377 -14.16 24.99 4.41
C ALA C 377 -12.71 25.06 3.95
N ARG C 378 -11.94 25.94 4.59
CA ARG C 378 -10.53 26.05 4.28
C ARG C 378 -9.78 25.18 5.25
N VAL C 379 -9.21 24.09 4.74
CA VAL C 379 -8.45 23.17 5.58
C VAL C 379 -7.12 23.83 5.85
N ALA C 380 -6.88 24.17 7.11
CA ALA C 380 -5.64 24.82 7.50
C ALA C 380 -5.14 24.21 8.79
N ASN C 381 -4.00 23.52 8.72
CA ASN C 381 -3.42 22.87 9.88
C ASN C 381 -1.91 22.61 9.77
N TYR C 382 -1.42 21.71 10.61
CA TYR C 382 0.01 21.38 10.64
C TYR C 382 0.30 19.95 10.22
N GLN C 383 -0.63 19.38 9.46
CA GLN C 383 -0.47 18.01 8.93
C GLN C 383 0.17 18.14 7.55
N ARG C 384 1.16 17.30 7.27
CA ARG C 384 1.87 17.36 5.99
C ARG C 384 2.23 15.99 5.41
N ASP C 385 2.58 16.00 4.13
CA ASP C 385 3.02 14.81 3.41
C ASP C 385 2.07 13.63 3.31
N GLY C 386 2.65 12.42 3.31
CA GLY C 386 1.87 11.21 3.22
C GLY C 386 1.72 10.79 1.77
N PRO C 387 1.45 9.49 1.52
CA PRO C 387 1.28 8.93 0.18
C PRO C 387 0.25 9.69 -0.63
N MET C 388 0.51 9.83 -1.93
CA MET C 388 -0.39 10.54 -2.83
C MET C 388 -0.84 11.88 -2.27
N CYS C 389 0.11 12.79 -2.10
CA CYS C 389 -0.19 14.11 -1.60
C CYS C 389 -0.60 14.91 -2.82
N MET C 390 -1.91 14.97 -3.05
CA MET C 390 -2.49 15.64 -4.22
C MET C 390 -2.78 17.13 -4.20
N GLN C 391 -2.66 17.77 -3.05
CA GLN C 391 -2.94 19.18 -3.00
C GLN C 391 -1.59 19.83 -2.85
N ASP C 392 -1.56 21.16 -2.75
CA ASP C 392 -0.30 21.88 -2.61
C ASP C 392 0.41 21.60 -1.27
N ASN C 393 -0.15 20.68 -0.48
CA ASN C 393 0.41 20.30 0.81
C ASN C 393 0.61 21.53 1.69
N GLN C 394 -0.31 22.49 1.55
CA GLN C 394 -0.29 23.74 2.31
C GLN C 394 0.97 24.57 2.10
N GLY C 395 1.58 24.41 0.94
CA GLY C 395 2.76 25.16 0.57
C GLY C 395 3.92 25.27 1.55
N GLY C 396 4.39 26.50 1.74
CA GLY C 396 5.51 26.74 2.63
C GLY C 396 5.15 27.25 4.01
N ALA C 397 3.88 27.12 4.38
CA ALA C 397 3.41 27.55 5.69
C ALA C 397 4.14 26.84 6.82
N PRO C 398 4.52 27.57 7.89
CA PRO C 398 5.22 26.97 9.03
C PRO C 398 4.46 25.72 9.47
N ASN C 399 5.17 24.62 9.65
CA ASN C 399 4.53 23.34 10.01
C ASN C 399 4.54 22.90 11.47
N TYR C 400 4.67 23.84 12.40
CA TYR C 400 4.66 23.49 13.82
C TYR C 400 3.83 24.49 14.61
N TYR C 401 3.11 23.99 15.61
CA TYR C 401 2.26 24.81 16.45
C TYR C 401 2.71 24.62 17.90
N PRO C 402 2.91 25.72 18.65
CA PRO C 402 2.75 27.11 18.27
C PRO C 402 3.93 27.65 17.48
N ASN C 403 3.73 28.83 16.88
CA ASN C 403 4.78 29.45 16.10
C ASN C 403 4.54 30.95 16.07
N SER C 404 5.61 31.68 15.78
CA SER C 404 5.55 33.13 15.73
C SER C 404 5.47 33.64 14.29
N PHE C 405 5.17 32.76 13.34
CA PHE C 405 5.12 33.16 11.94
C PHE C 405 3.78 33.28 11.25
N GLY C 406 2.70 33.33 12.03
CA GLY C 406 1.37 33.50 11.45
C GLY C 406 0.61 32.32 10.86
N ALA C 407 1.04 31.10 11.12
CA ALA C 407 0.34 29.91 10.60
C ALA C 407 -1.02 29.77 11.30
N PRO C 408 -1.87 28.81 10.88
CA PRO C 408 -3.19 28.62 11.48
C PRO C 408 -3.29 28.62 13.02
N GLU C 409 -4.29 29.32 13.53
CA GLU C 409 -4.52 29.41 14.97
C GLU C 409 -5.81 28.69 15.37
N GLN C 410 -5.83 28.13 16.58
CA GLN C 410 -7.01 27.45 17.09
C GLN C 410 -8.03 28.51 17.48
N GLN C 411 -9.33 28.22 17.31
CA GLN C 411 -10.36 29.17 17.71
C GLN C 411 -11.08 28.60 18.92
N PRO C 412 -10.81 29.16 20.10
CA PRO C 412 -11.38 28.76 21.39
C PRO C 412 -12.87 28.46 21.39
N SER C 413 -13.64 29.25 20.65
CA SER C 413 -15.10 29.07 20.59
C SER C 413 -15.52 27.65 20.21
N ALA C 414 -14.66 26.95 19.47
CA ALA C 414 -14.96 25.58 19.02
C ALA C 414 -14.67 24.49 20.06
N LEU C 415 -14.21 24.87 21.25
CA LEU C 415 -13.92 23.89 22.30
C LEU C 415 -15.12 23.00 22.56
N GLU C 416 -14.85 21.74 22.90
CA GLU C 416 -15.91 20.78 23.17
C GLU C 416 -16.50 20.94 24.56
N HIS C 417 -17.71 20.42 24.72
CA HIS C 417 -18.45 20.44 25.97
C HIS C 417 -17.87 19.42 26.96
N SER C 418 -17.48 19.89 28.14
CA SER C 418 -16.89 19.01 29.16
C SER C 418 -17.88 18.53 30.23
N ILE C 419 -17.86 17.23 30.50
CA ILE C 419 -18.75 16.64 31.49
C ILE C 419 -17.97 15.85 32.52
N GLN C 420 -18.50 15.80 33.75
CA GLN C 420 -17.86 15.06 34.83
C GLN C 420 -18.49 13.66 34.87
N TYR C 421 -17.65 12.64 34.76
CA TYR C 421 -18.11 11.25 34.81
C TYR C 421 -17.55 10.63 36.07
N SER C 422 -18.39 9.86 36.75
CA SER C 422 -17.94 9.21 37.95
C SER C 422 -18.00 7.70 37.83
N GLY C 423 -17.09 7.04 38.53
CA GLY C 423 -17.01 5.60 38.48
C GLY C 423 -15.59 5.21 38.17
N GLU C 424 -15.27 3.95 38.44
CA GLU C 424 -13.94 3.46 38.19
C GLU C 424 -13.72 3.27 36.71
N VAL C 425 -12.46 3.29 36.31
CA VAL C 425 -12.07 3.09 34.94
C VAL C 425 -11.81 1.60 34.79
N ARG C 426 -12.78 0.90 34.21
CA ARG C 426 -12.67 -0.53 34.01
C ARG C 426 -13.69 -0.99 32.98
N ARG C 427 -13.68 -2.30 32.71
CA ARG C 427 -14.61 -2.87 31.74
C ARG C 427 -15.90 -3.21 32.46
N PHE C 428 -16.96 -2.45 32.18
CA PHE C 428 -18.25 -2.70 32.80
C PHE C 428 -19.07 -3.61 31.90
N ASN C 429 -19.50 -4.76 32.45
CA ASN C 429 -20.30 -5.70 31.68
C ASN C 429 -21.67 -5.11 31.41
N THR C 430 -22.15 -5.29 30.18
CA THR C 430 -23.46 -4.77 29.81
C THR C 430 -24.29 -5.81 29.08
N ALA C 431 -23.85 -7.06 29.14
CA ALA C 431 -24.54 -8.16 28.48
C ALA C 431 -25.92 -8.43 29.04
N ASN C 432 -26.13 -8.09 30.30
CA ASN C 432 -27.41 -8.34 30.95
C ASN C 432 -28.38 -7.17 31.04
N ASP C 433 -28.07 -6.06 30.37
CA ASP C 433 -28.96 -4.91 30.38
C ASP C 433 -30.27 -5.40 29.77
N ASP C 434 -31.38 -4.80 30.16
CA ASP C 434 -32.67 -5.26 29.65
C ASP C 434 -32.67 -5.61 28.17
N ASN C 435 -32.69 -6.90 27.86
CA ASN C 435 -32.67 -7.35 26.48
C ASN C 435 -34.03 -7.72 25.93
N VAL C 436 -35.10 -7.51 26.69
CA VAL C 436 -36.43 -7.90 26.21
C VAL C 436 -37.57 -6.89 26.25
N THR C 437 -37.63 -6.07 27.30
CA THR C 437 -38.70 -5.10 27.46
C THR C 437 -39.14 -4.43 26.17
N GLN C 438 -38.23 -3.71 25.53
CA GLN C 438 -38.56 -3.02 24.29
C GLN C 438 -38.87 -3.98 23.16
N VAL C 439 -38.22 -5.13 23.17
CA VAL C 439 -38.46 -6.11 22.14
C VAL C 439 -39.91 -6.58 22.26
N ARG C 440 -40.37 -6.80 23.48
CA ARG C 440 -41.74 -7.25 23.71
C ARG C 440 -42.77 -6.21 23.25
N ALA C 441 -42.51 -4.94 23.54
CA ALA C 441 -43.42 -3.87 23.15
C ALA C 441 -43.59 -3.88 21.63
N PHE C 442 -42.48 -4.02 20.93
CA PHE C 442 -42.47 -4.06 19.48
C PHE C 442 -43.34 -5.20 18.96
N TYR C 443 -43.14 -6.39 19.51
CA TYR C 443 -43.89 -7.56 19.10
C TYR C 443 -45.38 -7.42 19.40
N VAL C 444 -45.69 -6.99 20.61
CA VAL C 444 -47.07 -6.85 21.02
C VAL C 444 -47.79 -5.57 20.57
N ASN C 445 -47.14 -4.42 20.73
CA ASN C 445 -47.78 -3.16 20.36
C ASN C 445 -47.57 -2.58 18.97
N VAL C 446 -46.41 -2.82 18.36
CA VAL C 446 -46.15 -2.26 17.04
C VAL C 446 -46.72 -3.09 15.88
N LEU C 447 -46.51 -4.40 15.94
CA LEU C 447 -46.97 -5.29 14.88
C LEU C 447 -48.34 -5.86 15.12
N ASN C 448 -49.01 -6.21 14.03
CA ASN C 448 -50.34 -6.84 14.08
C ASN C 448 -50.11 -8.34 13.88
N GLU C 449 -51.19 -9.12 13.91
CA GLU C 449 -51.07 -10.56 13.77
C GLU C 449 -50.38 -11.08 12.52
N GLU C 450 -50.78 -10.57 11.37
CA GLU C 450 -50.16 -11.03 10.14
C GLU C 450 -48.69 -10.66 10.08
N GLN C 451 -48.31 -9.56 10.74
CA GLN C 451 -46.91 -9.15 10.75
C GLN C 451 -46.11 -10.07 11.67
N ARG C 452 -46.71 -10.45 12.80
CA ARG C 452 -46.04 -11.35 13.74
C ARG C 452 -45.82 -12.69 13.06
N LYS C 453 -46.82 -13.13 12.30
CA LYS C 453 -46.74 -14.40 11.59
C LYS C 453 -45.54 -14.40 10.63
N ARG C 454 -45.41 -13.36 9.83
CA ARG C 454 -44.29 -13.24 8.88
C ARG C 454 -42.95 -13.18 9.61
N LEU C 455 -42.88 -12.40 10.69
CA LEU C 455 -41.65 -12.29 11.46
C LEU C 455 -41.15 -13.67 11.84
N CYS C 456 -42.04 -14.46 12.43
CA CYS C 456 -41.70 -15.81 12.85
C CYS C 456 -41.30 -16.68 11.67
N GLU C 457 -42.10 -16.65 10.60
CA GLU C 457 -41.82 -17.44 9.41
C GLU C 457 -40.45 -17.11 8.85
N ASN C 458 -40.10 -15.82 8.85
CA ASN C 458 -38.81 -15.37 8.34
C ASN C 458 -37.68 -15.86 9.23
N ILE C 459 -37.88 -15.75 10.55
CA ILE C 459 -36.87 -16.19 11.49
C ILE C 459 -36.68 -17.68 11.37
N ALA C 460 -37.76 -18.43 11.49
CA ALA C 460 -37.70 -19.88 11.40
C ALA C 460 -37.13 -20.39 10.08
N GLY C 461 -37.49 -19.71 8.99
CA GLY C 461 -37.01 -20.11 7.68
C GLY C 461 -35.48 -20.12 7.58
N HIS C 462 -34.84 -19.26 8.35
CA HIS C 462 -33.39 -19.18 8.33
C HIS C 462 -32.77 -19.97 9.47
N LEU C 463 -33.38 -19.89 10.65
CA LEU C 463 -32.91 -20.58 11.84
C LEU C 463 -32.95 -22.11 11.72
N LYS C 464 -33.88 -22.62 10.92
CA LYS C 464 -34.04 -24.06 10.74
C LYS C 464 -32.79 -24.79 10.25
N ASP C 465 -31.83 -24.03 9.74
CA ASP C 465 -30.60 -24.62 9.23
C ASP C 465 -29.48 -24.67 10.26
N ALA C 466 -29.74 -24.12 11.45
CA ALA C 466 -28.76 -24.14 12.52
C ALA C 466 -28.98 -25.43 13.32
N GLN C 467 -27.97 -25.86 14.06
CA GLN C 467 -28.09 -27.07 14.85
C GLN C 467 -29.21 -26.94 15.87
N ILE C 468 -29.77 -28.08 16.25
CA ILE C 468 -30.87 -28.12 17.21
C ILE C 468 -30.56 -27.39 18.52
N PHE C 469 -29.37 -27.61 19.06
CA PHE C 469 -29.01 -26.96 20.32
C PHE C 469 -28.98 -25.45 20.19
N ILE C 470 -28.65 -24.96 19.00
CA ILE C 470 -28.63 -23.54 18.74
C ILE C 470 -30.07 -23.06 18.62
N GLN C 471 -30.91 -23.85 17.94
CA GLN C 471 -32.33 -23.52 17.78
C GLN C 471 -32.98 -23.37 19.14
N LYS C 472 -32.66 -24.27 20.06
CA LYS C 472 -33.22 -24.23 21.41
C LYS C 472 -32.86 -22.95 22.16
N LYS C 473 -31.57 -22.63 22.23
CA LYS C 473 -31.13 -21.42 22.93
C LYS C 473 -31.79 -20.20 22.28
N ALA C 474 -31.87 -20.20 20.96
CA ALA C 474 -32.47 -19.10 20.21
C ALA C 474 -33.95 -18.97 20.60
N VAL C 475 -34.65 -20.10 20.63
CA VAL C 475 -36.06 -20.11 20.99
C VAL C 475 -36.23 -19.73 22.46
N LYS C 476 -35.29 -20.11 23.31
CA LYS C 476 -35.36 -19.78 24.72
C LYS C 476 -35.33 -18.27 24.90
N ASN C 477 -34.50 -17.60 24.09
CA ASN C 477 -34.36 -16.15 24.14
C ASN C 477 -35.63 -15.46 23.67
N PHE C 478 -36.18 -15.92 22.55
CA PHE C 478 -37.41 -15.34 22.01
C PHE C 478 -38.56 -15.54 22.97
N THR C 479 -38.61 -16.71 23.59
CA THR C 479 -39.66 -17.02 24.55
C THR C 479 -39.60 -16.04 25.72
N GLU C 480 -38.40 -15.62 26.09
CA GLU C 480 -38.23 -14.67 27.19
C GLU C 480 -38.72 -13.29 26.81
N VAL C 481 -38.73 -13.01 25.51
CA VAL C 481 -39.24 -11.73 25.00
C VAL C 481 -40.76 -11.80 25.14
N HIS C 482 -41.33 -12.92 24.69
CA HIS C 482 -42.76 -13.17 24.79
C HIS C 482 -43.01 -14.65 24.52
N PRO C 483 -43.68 -15.35 25.46
CA PRO C 483 -44.00 -16.77 25.33
C PRO C 483 -44.65 -17.22 24.02
N ASP C 484 -45.45 -16.35 23.41
CA ASP C 484 -46.12 -16.67 22.14
C ASP C 484 -45.22 -16.46 20.93
N TYR C 485 -44.17 -15.66 21.15
CA TYR C 485 -43.17 -15.37 20.12
C TYR C 485 -42.32 -16.64 19.97
N GLY C 486 -41.75 -17.10 21.07
CA GLY C 486 -40.92 -18.31 21.04
C GLY C 486 -41.64 -19.57 20.58
N SER C 487 -42.86 -19.79 21.07
CA SER C 487 -43.64 -20.96 20.71
C SER C 487 -44.00 -21.01 19.23
N HIS C 488 -44.37 -19.86 18.68
CA HIS C 488 -44.74 -19.75 17.27
C HIS C 488 -43.56 -20.12 16.38
N ILE C 489 -42.38 -19.64 16.73
CA ILE C 489 -41.16 -19.95 15.98
C ILE C 489 -40.85 -21.45 16.10
N GLN C 490 -40.93 -21.96 17.32
CA GLN C 490 -40.66 -23.37 17.60
C GLN C 490 -41.59 -24.26 16.80
N ALA C 491 -42.83 -23.83 16.66
CA ALA C 491 -43.82 -24.59 15.90
C ALA C 491 -43.37 -24.69 14.44
N LEU C 492 -42.94 -23.57 13.87
CA LEU C 492 -42.48 -23.53 12.50
C LEU C 492 -41.20 -24.34 12.34
N LEU C 493 -40.30 -24.21 13.32
CA LEU C 493 -39.04 -24.94 13.29
C LEU C 493 -39.34 -26.42 13.23
N ASP C 494 -40.35 -26.83 13.99
CA ASP C 494 -40.76 -28.22 14.07
C ASP C 494 -41.12 -28.85 12.72
N LYS C 495 -41.89 -28.14 11.90
CA LYS C 495 -42.27 -28.72 10.62
C LYS C 495 -41.14 -28.67 9.57
N TYR C 496 -40.38 -27.57 9.53
CA TYR C 496 -39.28 -27.47 8.58
C TYR C 496 -38.34 -28.63 8.85
N ASN C 497 -38.24 -29.01 10.12
CA ASN C 497 -37.42 -30.14 10.53
C ASN C 497 -38.26 -31.42 10.32
N ARG D 1 19.97 37.10 6.70
CA ARG D 1 20.81 35.95 6.19
C ARG D 1 20.42 35.63 4.75
N ASP D 2 20.76 34.43 4.29
CA ASP D 2 20.42 34.00 2.93
C ASP D 2 18.91 33.78 2.84
N PRO D 3 18.36 33.76 1.62
CA PRO D 3 16.93 33.57 1.43
C PRO D 3 16.43 32.27 2.05
N ALA D 4 17.17 31.19 1.85
CA ALA D 4 16.79 29.90 2.40
C ALA D 4 16.50 29.99 3.90
N SER D 5 17.42 30.58 4.65
CA SER D 5 17.24 30.73 6.10
C SER D 5 16.03 31.56 6.46
N ASP D 6 15.70 32.53 5.62
CA ASP D 6 14.57 33.42 5.87
C ASP D 6 13.24 32.97 5.27
N GLN D 7 13.11 31.67 4.99
CA GLN D 7 11.89 31.11 4.40
C GLN D 7 10.63 31.48 5.17
N MET D 8 10.59 31.13 6.45
CA MET D 8 9.42 31.42 7.28
C MET D 8 9.17 32.90 7.42
N GLN D 9 10.25 33.66 7.62
CA GLN D 9 10.14 35.09 7.78
C GLN D 9 9.40 35.75 6.63
N HIS D 10 9.84 35.47 5.41
CA HIS D 10 9.22 36.03 4.21
C HIS D 10 7.77 35.59 4.09
N TRP D 11 7.51 34.33 4.35
CA TRP D 11 6.15 33.80 4.26
C TRP D 11 5.25 34.62 5.18
N LYS D 12 5.75 34.91 6.37
CA LYS D 12 5.02 35.69 7.36
C LYS D 12 4.78 37.10 6.84
N GLU D 13 5.83 37.72 6.33
CA GLU D 13 5.76 39.07 5.78
C GLU D 13 4.78 39.14 4.61
N GLN D 14 4.74 38.06 3.82
CA GLN D 14 3.85 37.99 2.67
C GLN D 14 2.39 37.82 3.06
N ARG D 15 2.10 38.05 4.34
CA ARG D 15 0.75 37.96 4.87
C ARG D 15 0.55 39.15 5.79
N ALA D 16 1.01 40.31 5.31
CA ALA D 16 0.94 41.60 6.01
C ALA D 16 0.11 41.63 7.29
N ALA D 17 -1.03 42.33 7.26
CA ALA D 17 -1.93 42.43 8.41
C ALA D 17 -2.81 41.18 8.46
N GLN D 18 -3.04 40.59 7.28
CA GLN D 18 -3.88 39.41 7.10
C GLN D 18 -3.93 38.50 8.31
N LYS D 19 -5.15 38.25 8.78
CA LYS D 19 -5.40 37.42 9.94
C LYS D 19 -5.07 35.96 9.66
N ALA D 20 -4.68 35.24 10.71
CA ALA D 20 -4.33 33.83 10.57
C ALA D 20 -5.57 32.99 10.31
N ASP D 21 -5.40 31.94 9.50
CA ASP D 21 -6.50 31.05 9.19
C ASP D 21 -6.86 30.26 10.43
N VAL D 22 -8.05 29.65 10.41
CA VAL D 22 -8.52 28.86 11.52
C VAL D 22 -7.94 27.45 11.42
N LEU D 23 -7.36 26.99 12.52
CA LEU D 23 -6.78 25.67 12.59
C LEU D 23 -7.93 24.68 12.61
N THR D 24 -7.97 23.81 11.60
CA THR D 24 -9.02 22.81 11.47
C THR D 24 -8.43 21.41 11.38
N THR D 25 -9.30 20.41 11.52
CA THR D 25 -8.90 19.02 11.41
C THR D 25 -8.78 18.76 9.91
N GLY D 26 -8.47 17.50 9.56
CA GLY D 26 -8.34 17.15 8.16
C GLY D 26 -9.68 17.34 7.47
N ALA D 27 -10.77 17.03 8.17
CA ALA D 27 -12.11 17.17 7.62
C ALA D 27 -12.62 18.60 7.63
N GLY D 28 -11.75 19.53 8.05
CA GLY D 28 -12.13 20.93 8.07
C GLY D 28 -12.90 21.45 9.27
N ASN D 29 -12.97 20.67 10.35
CA ASN D 29 -13.68 21.11 11.55
C ASN D 29 -12.73 22.00 12.36
N PRO D 30 -13.22 23.16 12.82
CA PRO D 30 -12.37 24.07 13.61
C PRO D 30 -11.90 23.40 14.90
N VAL D 31 -10.72 23.78 15.38
CA VAL D 31 -10.16 23.22 16.61
C VAL D 31 -10.08 24.30 17.69
N GLY D 32 -10.62 23.99 18.87
CA GLY D 32 -10.61 24.96 19.96
C GLY D 32 -9.32 25.02 20.76
N ASP D 33 -8.60 23.91 20.82
CA ASP D 33 -7.35 23.80 21.57
C ASP D 33 -6.59 22.61 21.00
N LYS D 34 -5.55 22.87 20.24
CA LYS D 34 -4.77 21.79 19.68
C LYS D 34 -3.47 21.68 20.47
N LEU D 35 -3.51 22.18 21.70
CA LEU D 35 -2.34 22.17 22.57
C LEU D 35 -2.45 21.25 23.79
N ASN D 36 -3.63 20.66 24.00
CA ASN D 36 -3.83 19.75 25.13
C ASN D 36 -4.83 18.67 24.74
N VAL D 37 -4.62 17.45 25.22
CA VAL D 37 -5.53 16.35 24.93
C VAL D 37 -6.67 16.29 25.93
N ILE D 38 -7.65 15.45 25.64
CA ILE D 38 -8.81 15.27 26.50
C ILE D 38 -8.51 14.10 27.44
N THR D 39 -8.54 14.37 28.74
CA THR D 39 -8.28 13.36 29.77
C THR D 39 -9.39 13.39 30.82
N VAL D 40 -9.56 12.30 31.56
CA VAL D 40 -10.57 12.28 32.61
C VAL D 40 -9.89 12.80 33.88
N GLY D 41 -10.06 14.09 34.13
CA GLY D 41 -9.44 14.70 35.29
C GLY D 41 -8.08 15.20 34.86
N PRO D 42 -7.47 16.10 35.64
CA PRO D 42 -6.15 16.70 35.38
C PRO D 42 -5.01 15.68 35.23
N ARG D 43 -5.12 14.55 35.91
CA ARG D 43 -4.09 13.51 35.84
C ARG D 43 -4.68 12.16 35.48
N GLY D 44 -5.74 12.18 34.65
CA GLY D 44 -6.38 10.95 34.23
C GLY D 44 -5.98 10.50 32.83
N PRO D 45 -6.49 9.35 32.38
CA PRO D 45 -6.23 8.76 31.05
C PRO D 45 -6.79 9.53 29.86
N LEU D 46 -6.22 9.22 28.70
CA LEU D 46 -6.60 9.84 27.44
C LEU D 46 -7.89 9.23 26.92
N LEU D 47 -8.71 10.05 26.27
CA LEU D 47 -9.96 9.58 25.72
C LEU D 47 -9.95 9.38 24.21
N VAL D 48 -10.73 8.41 23.76
CA VAL D 48 -10.84 8.11 22.35
C VAL D 48 -11.62 9.22 21.65
N GLN D 49 -12.56 9.84 22.37
CA GLN D 49 -13.35 10.91 21.75
C GLN D 49 -12.55 12.16 21.39
N ASP D 50 -11.25 12.15 21.68
CA ASP D 50 -10.41 13.28 21.31
C ASP D 50 -9.93 12.94 19.91
N VAL D 51 -10.79 13.20 18.92
CA VAL D 51 -10.46 12.91 17.53
C VAL D 51 -9.53 13.96 16.95
N VAL D 52 -9.43 15.11 17.61
CA VAL D 52 -8.53 16.16 17.12
C VAL D 52 -7.14 15.54 17.20
N PHE D 53 -6.86 14.92 18.34
CA PHE D 53 -5.56 14.31 18.56
C PHE D 53 -5.26 13.17 17.58
N THR D 54 -6.11 12.17 17.52
CA THR D 54 -5.83 11.04 16.64
C THR D 54 -5.86 11.40 15.17
N ASP D 55 -6.67 12.40 14.81
CA ASP D 55 -6.73 12.85 13.43
C ASP D 55 -5.35 13.38 13.03
N GLU D 56 -4.75 14.20 13.88
CA GLU D 56 -3.42 14.75 13.61
C GLU D 56 -2.31 13.71 13.77
N MET D 57 -2.41 12.88 14.80
CA MET D 57 -1.41 11.86 15.06
C MET D 57 -1.36 10.81 13.96
N ALA D 58 -2.53 10.33 13.53
CA ALA D 58 -2.62 9.32 12.49
C ALA D 58 -1.93 9.79 11.21
N HIS D 59 -2.09 11.07 10.89
CA HIS D 59 -1.47 11.60 9.68
C HIS D 59 0.03 11.69 9.85
N PHE D 60 0.47 12.11 11.04
CA PHE D 60 1.89 12.23 11.32
C PHE D 60 2.53 10.86 11.15
N ASP D 61 1.81 9.82 11.56
CA ASP D 61 2.27 8.44 11.48
C ASP D 61 2.41 7.93 10.05
N ARG D 62 1.80 8.64 9.11
CA ARG D 62 1.82 8.25 7.70
C ARG D 62 2.49 9.26 6.79
N GLU D 63 3.31 10.13 7.35
CA GLU D 63 3.99 11.13 6.53
C GLU D 63 5.00 10.57 5.55
N ARG D 64 5.70 9.51 5.94
CA ARG D 64 6.74 8.93 5.09
C ARG D 64 6.31 7.96 4.01
N ILE D 65 6.99 8.04 2.87
CA ILE D 65 6.76 7.16 1.74
C ILE D 65 8.16 6.63 1.41
N PRO D 66 8.25 5.50 0.69
CA PRO D 66 9.57 4.98 0.37
C PRO D 66 10.38 5.97 -0.43
N GLU D 67 11.67 6.09 -0.10
CA GLU D 67 12.55 6.98 -0.84
C GLU D 67 12.85 6.27 -2.15
N ARG D 68 13.45 6.98 -3.10
CA ARG D 68 13.80 6.38 -4.40
C ARG D 68 14.81 5.26 -4.17
N VAL D 69 14.63 4.13 -4.85
CA VAL D 69 15.53 3.00 -4.68
C VAL D 69 16.99 3.43 -4.94
N VAL D 70 17.16 4.43 -5.83
CA VAL D 70 18.47 5.05 -6.13
C VAL D 70 18.21 6.53 -6.33
N HIS D 71 19.24 7.36 -6.14
CA HIS D 71 19.12 8.81 -6.29
C HIS D 71 18.14 9.37 -5.26
N ALA D 72 18.15 8.80 -4.07
CA ALA D 72 17.25 9.24 -3.01
C ALA D 72 17.48 10.67 -2.52
N LYS D 73 18.74 11.11 -2.50
CA LYS D 73 19.08 12.44 -2.02
C LYS D 73 19.21 13.45 -3.15
N GLY D 74 18.33 14.44 -3.16
CA GLY D 74 18.38 15.43 -4.23
C GLY D 74 17.72 16.78 -4.00
N ALA D 75 17.76 17.61 -5.03
CA ALA D 75 17.18 18.95 -5.00
C ALA D 75 16.38 19.18 -6.28
N GLY D 76 15.38 20.05 -6.19
CA GLY D 76 14.54 20.32 -7.35
C GLY D 76 14.28 21.79 -7.61
N ALA D 77 14.06 22.11 -8.88
CA ALA D 77 13.79 23.48 -9.31
C ALA D 77 13.00 23.43 -10.60
N PHE D 78 12.42 24.57 -10.98
CA PHE D 78 11.61 24.65 -12.18
C PHE D 78 12.02 25.81 -13.07
N GLY D 79 11.48 25.81 -14.29
CA GLY D 79 11.81 26.85 -15.23
C GLY D 79 11.21 26.56 -16.60
N TYR D 80 12.05 26.62 -17.62
CA TYR D 80 11.58 26.38 -18.98
C TYR D 80 12.69 26.00 -19.93
N PHE D 81 12.28 25.56 -21.11
CA PHE D 81 13.19 25.19 -22.18
C PHE D 81 12.82 26.06 -23.35
N GLU D 82 13.81 26.71 -23.94
CA GLU D 82 13.57 27.56 -25.09
C GLU D 82 14.39 27.14 -26.31
N VAL D 83 13.70 27.02 -27.44
CA VAL D 83 14.34 26.63 -28.70
C VAL D 83 15.09 27.81 -29.31
N THR D 84 16.39 27.63 -29.58
CA THR D 84 17.19 28.69 -30.19
C THR D 84 17.53 28.38 -31.63
N HIS D 85 17.60 27.10 -31.97
CA HIS D 85 17.92 26.67 -33.33
C HIS D 85 16.86 25.75 -33.91
N ASP D 86 16.92 25.54 -35.22
CA ASP D 86 15.96 24.71 -35.93
C ASP D 86 16.50 23.31 -36.24
N ILE D 87 15.97 22.31 -35.55
CA ILE D 87 16.37 20.92 -35.77
C ILE D 87 15.18 20.10 -36.27
N THR D 88 14.21 20.78 -36.88
CA THR D 88 13.02 20.11 -37.40
C THR D 88 13.31 19.14 -38.54
N LYS D 89 14.51 19.23 -39.11
CA LYS D 89 14.88 18.31 -40.18
C LYS D 89 15.26 16.96 -39.55
N TYR D 90 15.43 16.96 -38.24
CA TYR D 90 15.79 15.76 -37.50
C TYR D 90 14.62 15.21 -36.68
N SER D 91 13.90 16.10 -36.00
CA SER D 91 12.78 15.67 -35.18
C SER D 91 11.55 16.56 -35.32
N LYS D 92 10.39 15.92 -35.42
CA LYS D 92 9.13 16.61 -35.55
C LYS D 92 8.51 16.92 -34.20
N ALA D 93 9.16 16.51 -33.11
CA ALA D 93 8.64 16.73 -31.77
C ALA D 93 8.24 18.18 -31.54
N LYS D 94 7.00 18.39 -31.10
CA LYS D 94 6.46 19.73 -30.87
C LYS D 94 7.34 20.63 -30.01
N VAL D 95 8.04 20.02 -29.05
CA VAL D 95 8.90 20.78 -28.16
C VAL D 95 9.99 21.54 -28.94
N PHE D 96 10.25 21.13 -30.18
CA PHE D 96 11.26 21.79 -31.01
C PHE D 96 10.63 22.50 -32.21
N GLU D 97 9.31 22.40 -32.35
CA GLU D 97 8.62 22.95 -33.52
C GLU D 97 8.99 24.32 -34.08
N HIS D 98 9.37 25.27 -33.24
CA HIS D 98 9.75 26.57 -33.77
C HIS D 98 10.66 27.35 -32.84
N ILE D 99 11.60 28.06 -33.44
CA ILE D 99 12.56 28.86 -32.71
C ILE D 99 11.83 29.88 -31.85
N GLY D 100 12.24 29.97 -30.58
CA GLY D 100 11.63 30.91 -29.65
C GLY D 100 10.57 30.28 -28.76
N LYS D 101 10.15 29.07 -29.09
CA LYS D 101 9.13 28.38 -28.31
C LYS D 101 9.62 27.93 -26.94
N LYS D 102 8.84 28.25 -25.91
CA LYS D 102 9.18 27.89 -24.55
C LYS D 102 8.26 26.79 -24.01
N THR D 103 8.86 25.85 -23.30
CA THR D 103 8.12 24.75 -22.72
C THR D 103 8.50 24.71 -21.24
N PRO D 104 7.50 24.63 -20.35
CA PRO D 104 7.74 24.58 -18.91
C PRO D 104 8.51 23.32 -18.57
N ILE D 105 9.46 23.41 -17.65
CA ILE D 105 10.23 22.24 -17.26
C ILE D 105 10.33 22.11 -15.74
N ALA D 106 10.63 20.89 -15.32
CA ALA D 106 10.81 20.55 -13.91
C ALA D 106 12.10 19.74 -13.89
N VAL D 107 12.96 20.04 -12.92
CA VAL D 107 14.24 19.36 -12.82
C VAL D 107 14.52 18.89 -11.40
N ARG D 108 15.31 17.81 -11.29
CA ARG D 108 15.72 17.28 -10.00
C ARG D 108 17.12 16.73 -10.14
N PHE D 109 18.02 17.23 -9.30
CA PHE D 109 19.42 16.81 -9.29
C PHE D 109 19.56 15.89 -8.11
N SER D 110 20.53 14.99 -8.15
CA SER D 110 20.71 14.06 -7.05
C SER D 110 22.01 13.31 -7.08
N THR D 111 22.32 12.64 -5.98
CA THR D 111 23.50 11.80 -5.91
C THR D 111 22.92 10.43 -6.31
N VAL D 112 23.58 9.33 -5.97
CA VAL D 112 23.06 8.05 -6.37
C VAL D 112 22.87 6.99 -5.28
N ALA D 113 23.95 6.61 -4.63
CA ALA D 113 23.91 5.57 -3.61
C ALA D 113 23.39 5.96 -2.23
N GLY D 114 23.66 7.17 -1.78
CA GLY D 114 23.22 7.59 -0.47
C GLY D 114 21.71 7.67 -0.29
N GLU D 115 21.26 7.36 0.92
CA GLU D 115 19.83 7.43 1.24
C GLU D 115 19.47 8.89 1.55
N SER D 116 18.19 9.12 1.86
N SER D 116 18.20 9.12 1.89
CA SER D 116 17.67 10.45 2.14
CA SER D 116 17.77 10.45 2.26
C SER D 116 18.42 11.39 3.08
C SER D 116 18.53 10.72 3.55
N GLY D 117 19.15 10.84 4.05
N GLY D 117 19.12 11.89 3.65
CA GLY D 117 19.86 11.71 4.98
CA GLY D 117 19.88 12.22 4.84
C GLY D 117 21.36 11.80 4.78
C GLY D 117 21.37 12.25 4.58
N SER D 118 21.83 11.49 3.58
CA SER D 118 23.25 11.50 3.27
C SER D 118 23.68 12.88 2.77
N ALA D 119 24.99 13.09 2.65
CA ALA D 119 25.55 14.36 2.21
C ALA D 119 25.56 14.54 0.69
N ASP D 120 25.39 15.78 0.25
CA ASP D 120 25.38 16.13 -1.16
C ASP D 120 26.75 16.05 -1.81
N THR D 121 27.75 16.57 -1.10
CA THR D 121 29.11 16.60 -1.62
C THR D 121 29.91 15.32 -1.41
N VAL D 122 29.54 14.27 -2.13
CA VAL D 122 30.23 12.99 -2.04
C VAL D 122 30.55 12.52 -3.45
N ARG D 123 31.54 11.65 -3.59
CA ARG D 123 31.89 11.13 -4.91
C ARG D 123 30.73 10.23 -5.32
N ASP D 124 30.10 10.57 -6.43
CA ASP D 124 28.97 9.80 -6.91
C ASP D 124 28.52 10.48 -8.18
N PRO D 125 27.97 9.72 -9.12
CA PRO D 125 27.54 10.44 -10.32
C PRO D 125 26.37 11.34 -9.89
N ARG D 126 25.95 12.25 -10.75
CA ARG D 126 24.84 13.14 -10.39
C ARG D 126 23.67 13.01 -11.33
N GLY D 127 22.49 12.85 -10.74
CA GLY D 127 21.28 12.76 -11.54
C GLY D 127 20.93 14.16 -12.00
N PHE D 128 20.37 14.26 -13.20
CA PHE D 128 19.97 15.54 -13.79
C PHE D 128 18.78 15.23 -14.70
N ALA D 129 17.63 15.02 -14.08
CA ALA D 129 16.41 14.69 -14.82
C ALA D 129 15.63 15.92 -15.20
N VAL D 130 15.16 15.96 -16.44
CA VAL D 130 14.39 17.10 -16.93
C VAL D 130 13.04 16.64 -17.45
N LYS D 131 11.98 17.27 -16.96
CA LYS D 131 10.63 16.96 -17.38
C LYS D 131 10.08 18.13 -18.17
N PHE D 132 9.74 17.87 -19.43
CA PHE D 132 9.19 18.89 -20.32
C PHE D 132 7.69 18.66 -20.43
N TYR D 133 6.89 19.66 -20.07
CA TYR D 133 5.44 19.54 -20.16
C TYR D 133 5.02 20.07 -21.54
N THR D 134 5.04 19.20 -22.54
CA THR D 134 4.68 19.58 -23.90
C THR D 134 3.21 19.30 -24.20
N GLU D 135 2.74 19.77 -25.35
CA GLU D 135 1.36 19.57 -25.75
C GLU D 135 1.13 18.14 -26.17
N ASP D 136 2.21 17.43 -26.50
CA ASP D 136 2.13 16.02 -26.86
C ASP D 136 2.49 15.15 -25.66
N GLY D 137 2.10 15.62 -24.48
CA GLY D 137 2.39 14.88 -23.26
C GLY D 137 3.74 15.27 -22.69
N ASN D 138 4.09 14.69 -21.55
CA ASN D 138 5.37 14.97 -20.89
C ASN D 138 6.53 14.24 -21.54
N TRP D 139 7.66 14.93 -21.66
CA TRP D 139 8.87 14.35 -22.21
C TRP D 139 9.87 14.35 -21.09
N ASP D 140 10.17 13.17 -20.55
CA ASP D 140 11.13 13.04 -19.47
C ASP D 140 12.50 12.67 -20.00
N LEU D 141 13.45 13.57 -19.84
CA LEU D 141 14.80 13.31 -20.25
C LEU D 141 15.53 13.06 -18.94
N VAL D 142 15.56 11.79 -18.53
CA VAL D 142 16.20 11.42 -17.28
C VAL D 142 17.70 11.22 -17.47
N GLY D 143 18.45 12.32 -17.42
CA GLY D 143 19.87 12.22 -17.62
C GLY D 143 20.74 12.23 -16.39
N ASN D 144 22.05 12.14 -16.62
CA ASN D 144 23.07 12.15 -15.56
C ASN D 144 24.12 13.20 -15.94
N ASN D 145 25.06 13.46 -15.04
CA ASN D 145 26.13 14.42 -15.29
C ASN D 145 27.32 13.75 -16.01
N THR D 146 27.05 12.60 -16.63
CA THR D 146 28.06 11.86 -17.39
C THR D 146 27.41 11.31 -18.65
N PRO D 147 28.15 11.26 -19.76
CA PRO D 147 27.60 10.75 -21.02
C PRO D 147 27.57 9.23 -21.09
N ILE D 148 28.20 8.57 -20.13
CA ILE D 148 28.26 7.10 -20.12
C ILE D 148 27.81 6.48 -18.79
N PHE D 149 28.01 5.18 -18.63
CA PHE D 149 27.63 4.49 -17.39
C PHE D 149 28.57 3.32 -17.15
N PHE D 150 28.48 2.74 -15.96
CA PHE D 150 29.33 1.62 -15.53
C PHE D 150 29.09 0.28 -16.22
N ILE D 151 27.86 0.03 -16.66
CA ILE D 151 27.53 -1.25 -17.31
C ILE D 151 26.77 -1.05 -18.61
N ARG D 152 26.65 -2.12 -19.40
CA ARG D 152 25.96 -2.04 -20.67
C ARG D 152 24.77 -2.98 -20.80
N ASP D 153 24.42 -3.67 -19.72
CA ASP D 153 23.25 -4.54 -19.75
C ASP D 153 22.43 -4.31 -18.50
N PRO D 154 21.13 -4.01 -18.66
CA PRO D 154 20.22 -3.74 -17.55
C PRO D 154 20.05 -4.83 -16.52
N ILE D 155 20.32 -6.08 -16.88
CA ILE D 155 20.18 -7.17 -15.92
C ILE D 155 21.26 -7.16 -14.85
N LEU D 156 22.22 -6.26 -14.99
CA LEU D 156 23.31 -6.15 -14.01
C LEU D 156 23.14 -4.92 -13.13
N PHE D 157 22.15 -4.10 -13.46
CA PHE D 157 21.91 -2.88 -12.70
C PHE D 157 21.62 -3.16 -11.22
N PRO D 158 20.62 -4.01 -10.91
CA PRO D 158 20.31 -4.29 -9.50
C PRO D 158 21.55 -4.73 -8.74
N SER D 159 22.32 -5.64 -9.34
CA SER D 159 23.55 -6.11 -8.70
C SER D 159 24.53 -4.97 -8.49
N PHE D 160 24.69 -4.12 -9.51
CA PHE D 160 25.60 -3.00 -9.41
C PHE D 160 25.20 -2.10 -8.25
N ILE D 161 23.94 -1.69 -8.24
CA ILE D 161 23.45 -0.81 -7.18
C ILE D 161 23.65 -1.44 -5.80
N HIS D 162 23.41 -2.75 -5.71
CA HIS D 162 23.58 -3.44 -4.43
C HIS D 162 25.03 -3.27 -3.99
N SER D 163 25.95 -3.46 -4.92
CA SER D 163 27.37 -3.35 -4.61
C SER D 163 27.76 -1.94 -4.24
N GLN D 164 26.94 -0.96 -4.62
CA GLN D 164 27.24 0.43 -4.29
C GLN D 164 26.64 0.84 -2.95
N LYS D 165 25.66 0.07 -2.50
CA LYS D 165 25.00 0.37 -1.24
C LYS D 165 25.55 -0.39 -0.05
N ARG D 166 24.70 -0.62 0.96
CA ARG D 166 25.13 -1.29 2.19
C ARG D 166 25.20 -2.82 2.19
N ASN D 167 26.15 -3.33 2.96
CA ASN D 167 26.35 -4.76 3.11
C ASN D 167 25.04 -5.25 3.72
N PRO D 168 24.49 -6.35 3.20
CA PRO D 168 23.24 -6.94 3.66
C PRO D 168 23.19 -7.27 5.15
N GLN D 169 24.34 -7.65 5.73
CA GLN D 169 24.37 -7.98 7.15
C GLN D 169 24.74 -6.83 8.08
N THR D 170 25.82 -6.13 7.75
CA THR D 170 26.32 -5.04 8.58
C THR D 170 25.64 -3.70 8.40
N HIS D 171 25.10 -3.49 7.21
CA HIS D 171 24.43 -2.23 6.85
C HIS D 171 25.46 -1.13 6.73
N LEU D 172 26.67 -1.53 6.35
CA LEU D 172 27.78 -0.61 6.19
C LEU D 172 28.25 -0.61 4.75
N LYS D 173 28.92 0.46 4.36
CA LYS D 173 29.47 0.57 3.01
C LYS D 173 30.53 -0.53 2.96
N ASP D 174 30.61 -1.24 1.83
CA ASP D 174 31.53 -2.36 1.73
C ASP D 174 32.41 -2.26 0.49
N PRO D 175 33.68 -1.88 0.67
CA PRO D 175 34.61 -1.76 -0.46
C PRO D 175 34.89 -3.09 -1.19
N ASP D 176 34.71 -4.21 -0.51
CA ASP D 176 34.89 -5.52 -1.15
C ASP D 176 33.76 -5.69 -2.15
N MET D 177 32.58 -5.20 -1.81
CA MET D 177 31.43 -5.28 -2.69
C MET D 177 31.65 -4.40 -3.92
N VAL D 178 32.04 -3.15 -3.68
CA VAL D 178 32.27 -2.19 -4.76
C VAL D 178 33.29 -2.67 -5.79
N TRP D 179 34.49 -3.00 -5.33
CA TRP D 179 35.55 -3.42 -6.22
C TRP D 179 35.50 -4.84 -6.76
N ASP D 180 34.81 -5.72 -6.05
CA ASP D 180 34.69 -7.09 -6.53
C ASP D 180 33.86 -7.05 -7.79
N PHE D 181 32.82 -6.22 -7.76
CA PHE D 181 31.92 -6.08 -8.90
C PHE D 181 32.60 -5.38 -10.08
N TRP D 182 33.19 -4.22 -9.82
CA TRP D 182 33.85 -3.47 -10.87
C TRP D 182 35.01 -4.26 -11.47
N SER D 183 35.81 -4.90 -10.62
CA SER D 183 36.93 -5.69 -11.10
C SER D 183 36.45 -6.88 -11.92
N LEU D 184 35.31 -7.43 -11.53
CA LEU D 184 34.72 -8.57 -12.24
C LEU D 184 34.04 -8.13 -13.53
N ARG D 185 33.62 -6.87 -13.57
CA ARG D 185 32.95 -6.29 -14.74
C ARG D 185 33.72 -5.08 -15.25
N PRO D 186 34.83 -5.33 -15.96
CA PRO D 186 35.70 -4.30 -16.54
C PRO D 186 35.09 -3.29 -17.53
N GLU D 187 33.85 -3.51 -17.95
CA GLU D 187 33.22 -2.55 -18.86
C GLU D 187 33.02 -1.24 -18.11
N SER D 188 33.09 -1.34 -16.78
CA SER D 188 32.91 -0.18 -15.90
C SER D 188 34.06 0.80 -15.92
N LEU D 189 35.21 0.38 -16.43
CA LEU D 189 36.41 1.22 -16.49
C LEU D 189 36.19 2.65 -16.98
N HIS D 190 35.45 2.81 -18.08
CA HIS D 190 35.22 4.13 -18.62
C HIS D 190 34.57 5.09 -17.63
N GLN D 191 33.41 4.73 -17.11
CA GLN D 191 32.71 5.58 -16.15
C GLN D 191 33.39 5.63 -14.77
N VAL D 192 34.09 4.56 -14.41
CA VAL D 192 34.79 4.54 -13.12
C VAL D 192 35.86 5.61 -13.18
N SER D 193 36.52 5.70 -14.32
CA SER D 193 37.58 6.68 -14.53
C SER D 193 37.03 8.10 -14.43
N PHE D 194 35.86 8.33 -15.01
CA PHE D 194 35.23 9.63 -14.96
C PHE D 194 34.85 9.95 -13.52
N LEU D 195 34.29 8.94 -12.84
CA LEU D 195 33.85 9.10 -11.46
C LEU D 195 34.97 9.50 -10.51
N PHE D 196 36.11 8.84 -10.61
CA PHE D 196 37.21 9.16 -9.73
C PHE D 196 38.10 10.32 -10.17
N SER D 197 37.63 11.08 -11.17
CA SER D 197 38.36 12.24 -11.64
C SER D 197 37.78 13.47 -10.92
N ASP D 198 38.24 14.65 -11.29
CA ASP D 198 37.76 15.88 -10.67
C ASP D 198 36.26 16.04 -10.82
N ARG D 199 35.72 15.56 -11.93
CA ARG D 199 34.28 15.65 -12.23
C ARG D 199 33.37 14.86 -11.27
N GLY D 200 33.96 13.97 -10.48
CA GLY D 200 33.20 13.15 -9.55
C GLY D 200 32.46 13.89 -8.43
N ILE D 201 32.95 15.05 -8.03
CA ILE D 201 32.33 15.84 -6.97
C ILE D 201 32.13 17.27 -7.44
N PRO D 202 31.04 17.53 -8.16
CA PRO D 202 30.71 18.86 -8.69
C PRO D 202 30.49 19.86 -7.57
N ASP D 203 30.80 21.13 -7.83
CA ASP D 203 30.58 22.18 -6.85
C ASP D 203 29.11 22.58 -7.00
N GLY D 204 28.22 21.75 -6.45
CA GLY D 204 26.81 22.03 -6.53
C GLY D 204 26.24 21.53 -7.84
N HIS D 205 24.94 21.74 -8.04
CA HIS D 205 24.26 21.28 -9.25
C HIS D 205 24.41 22.21 -10.45
N ARG D 206 24.73 23.47 -10.19
CA ARG D 206 24.85 24.46 -11.25
C ARG D 206 26.16 24.43 -12.03
N HIS D 207 27.15 23.73 -11.49
CA HIS D 207 28.45 23.68 -12.14
C HIS D 207 28.81 22.33 -12.76
N MET D 208 27.81 21.68 -13.33
CA MET D 208 27.97 20.39 -13.98
C MET D 208 27.10 20.33 -15.25
N ASN D 209 27.47 19.45 -16.17
CA ASN D 209 26.72 19.28 -17.40
C ASN D 209 25.66 18.21 -17.19
N GLY D 210 24.87 17.98 -18.22
CA GLY D 210 23.84 16.95 -18.17
C GLY D 210 23.88 16.19 -19.47
N TYR D 211 23.54 14.90 -19.44
CA TYR D 211 23.56 14.09 -20.65
C TYR D 211 22.44 13.07 -20.64
N GLY D 212 21.92 12.77 -21.82
CA GLY D 212 20.89 11.76 -21.89
C GLY D 212 21.62 10.43 -21.82
N SER D 213 22.93 10.49 -22.07
CA SER D 213 23.81 9.34 -22.05
C SER D 213 23.50 8.37 -23.17
N HIS D 214 22.30 7.78 -23.13
CA HIS D 214 21.86 6.82 -24.12
C HIS D 214 21.79 7.43 -25.51
N THR D 215 21.72 6.54 -26.49
CA THR D 215 21.56 6.95 -27.88
C THR D 215 20.05 6.87 -28.05
N PHE D 216 19.43 7.93 -28.52
CA PHE D 216 18.00 7.92 -28.74
C PHE D 216 17.75 7.99 -30.23
N LYS D 217 16.49 8.14 -30.63
CA LYS D 217 16.14 8.22 -32.04
C LYS D 217 15.20 9.39 -32.28
N LEU D 218 15.45 10.14 -33.34
CA LEU D 218 14.61 11.28 -33.70
C LEU D 218 13.95 11.00 -35.04
N VAL D 219 12.68 11.39 -35.17
CA VAL D 219 11.91 11.18 -36.40
C VAL D 219 11.34 12.50 -36.91
N ASN D 220 11.63 12.85 -38.17
CA ASN D 220 11.11 14.10 -38.72
C ASN D 220 9.72 13.95 -39.32
N ALA D 221 9.21 15.02 -39.91
CA ALA D 221 7.88 15.06 -40.52
C ALA D 221 7.71 14.14 -41.72
N ASN D 222 8.81 13.76 -42.35
CA ASN D 222 8.76 12.87 -43.51
C ASN D 222 8.86 11.38 -43.13
N GLY D 223 9.08 11.11 -41.86
CA GLY D 223 9.19 9.73 -41.40
C GLY D 223 10.60 9.20 -41.42
N GLU D 224 11.57 10.06 -41.66
CA GLU D 224 12.96 9.67 -41.69
C GLU D 224 13.49 9.81 -40.28
N ALA D 225 14.39 8.91 -39.90
CA ALA D 225 14.94 8.95 -38.55
C ALA D 225 16.44 8.87 -38.49
N VAL D 226 16.98 9.37 -37.39
CA VAL D 226 18.41 9.38 -37.12
C VAL D 226 18.59 9.11 -35.63
N TYR D 227 19.79 8.69 -35.25
CA TYR D 227 20.10 8.43 -33.85
C TYR D 227 20.76 9.65 -33.27
N CYS D 228 20.57 9.90 -31.99
CA CYS D 228 21.15 11.07 -31.38
C CYS D 228 21.56 10.90 -29.93
N LYS D 229 22.21 11.95 -29.44
CA LYS D 229 22.67 12.04 -28.07
C LYS D 229 22.22 13.41 -27.63
N PHE D 230 21.79 13.52 -26.38
CA PHE D 230 21.37 14.81 -25.85
C PHE D 230 22.46 15.31 -24.93
N HIS D 231 22.73 16.61 -24.98
CA HIS D 231 23.75 17.22 -24.14
C HIS D 231 23.25 18.56 -23.67
N TYR D 232 23.54 18.89 -22.42
CA TYR D 232 23.17 20.20 -21.89
C TYR D 232 24.31 20.73 -21.04
N LYS D 233 25.13 21.56 -21.68
CA LYS D 233 26.31 22.18 -21.08
C LYS D 233 25.94 23.29 -20.13
N THR D 234 26.62 23.35 -18.97
CA THR D 234 26.37 24.38 -17.98
C THR D 234 26.89 25.73 -18.44
N ASP D 235 26.06 26.75 -18.34
CA ASP D 235 26.45 28.10 -18.74
C ASP D 235 27.18 28.79 -17.60
N GLN D 236 27.21 28.13 -16.44
CA GLN D 236 27.87 28.66 -15.25
C GLN D 236 29.29 28.13 -15.18
N GLY D 237 29.68 27.35 -16.18
CA GLY D 237 31.02 26.78 -16.24
C GLY D 237 31.28 25.61 -15.31
N ILE D 238 32.06 24.65 -15.76
CA ILE D 238 32.41 23.47 -14.96
C ILE D 238 33.27 23.86 -13.76
N LYS D 239 32.82 23.45 -12.57
CA LYS D 239 33.55 23.73 -11.34
C LYS D 239 33.35 22.55 -10.41
N ASN D 240 34.45 22.06 -9.84
CA ASN D 240 34.42 20.92 -8.93
C ASN D 240 34.90 21.28 -7.53
N LEU D 241 34.76 20.32 -6.62
CA LEU D 241 35.18 20.47 -5.24
C LEU D 241 36.33 19.51 -4.99
N SER D 242 37.30 19.94 -4.19
CA SER D 242 38.43 19.10 -3.86
C SER D 242 38.00 18.08 -2.81
N VAL D 243 38.67 16.94 -2.76
CA VAL D 243 38.36 15.91 -1.79
C VAL D 243 38.27 16.46 -0.37
N GLU D 244 39.17 17.36 -0.01
CA GLU D 244 39.18 17.93 1.35
C GLU D 244 37.95 18.79 1.57
N ASP D 245 37.70 19.71 0.63
CA ASP D 245 36.55 20.60 0.69
C ASP D 245 35.25 19.82 0.74
N ALA D 246 35.11 18.85 -0.17
CA ALA D 246 33.91 18.02 -0.23
C ALA D 246 33.68 17.28 1.09
N ALA D 247 34.76 16.76 1.68
CA ALA D 247 34.69 16.04 2.95
C ALA D 247 34.28 16.98 4.07
N ARG D 248 34.84 18.18 4.07
CA ARG D 248 34.52 19.17 5.09
C ARG D 248 33.03 19.55 5.04
N LEU D 249 32.57 19.92 3.86
CA LEU D 249 31.18 20.33 3.63
C LEU D 249 30.18 19.22 3.95
N SER D 250 30.57 17.98 3.72
CA SER D 250 29.69 16.85 3.97
C SER D 250 29.33 16.81 5.44
N GLN D 251 30.17 17.41 6.27
CA GLN D 251 29.94 17.46 7.70
C GLN D 251 29.34 18.82 8.08
N GLU D 252 29.89 19.89 7.51
CA GLU D 252 29.39 21.24 7.80
C GLU D 252 28.00 21.49 7.25
N ASP D 253 27.76 21.08 6.01
CA ASP D 253 26.47 21.27 5.38
C ASP D 253 26.11 20.12 4.45
N PRO D 254 25.50 19.06 5.00
CA PRO D 254 25.11 17.89 4.22
C PRO D 254 24.13 18.22 3.08
N ASP D 255 23.53 19.40 3.14
CA ASP D 255 22.56 19.81 2.12
C ASP D 255 23.09 20.97 1.29
N TYR D 256 24.38 20.93 1.00
CA TYR D 256 25.07 21.96 0.22
C TYR D 256 24.44 22.25 -1.14
N GLY D 257 24.06 21.18 -1.86
CA GLY D 257 23.45 21.30 -3.18
C GLY D 257 22.08 21.94 -3.13
N ILE D 258 21.23 21.50 -2.21
CA ILE D 258 19.89 22.04 -2.04
C ILE D 258 19.97 23.53 -1.74
N ARG D 259 20.82 23.88 -0.78
CA ARG D 259 21.01 25.27 -0.38
C ARG D 259 21.49 26.14 -1.53
N ASP D 260 22.64 25.77 -2.09
CA ASP D 260 23.24 26.50 -3.19
C ASP D 260 22.23 26.81 -4.30
N LEU D 261 21.50 25.78 -4.72
CA LEU D 261 20.52 25.92 -5.78
C LEU D 261 19.38 26.84 -5.39
N PHE D 262 18.83 26.61 -4.21
CA PHE D 262 17.72 27.42 -3.75
C PHE D 262 18.14 28.88 -3.72
N ASN D 263 19.29 29.16 -3.10
CA ASN D 263 19.79 30.52 -2.98
C ASN D 263 20.12 31.20 -4.31
N ALA D 264 20.75 30.47 -5.22
CA ALA D 264 21.08 31.02 -6.52
C ALA D 264 19.80 31.55 -7.17
N ILE D 265 18.77 30.70 -7.20
CA ILE D 265 17.49 31.05 -7.79
C ILE D 265 16.76 32.13 -6.99
N ALA D 266 16.79 32.03 -5.67
CA ALA D 266 16.12 33.02 -4.82
C ALA D 266 16.73 34.41 -4.91
N THR D 267 17.98 34.48 -5.35
CA THR D 267 18.66 35.77 -5.48
C THR D 267 18.67 36.26 -6.94
N GLY D 268 17.91 35.57 -7.80
CA GLY D 268 17.83 35.95 -9.20
C GLY D 268 18.90 35.39 -10.14
N LYS D 269 19.90 34.69 -9.61
CA LYS D 269 20.96 34.11 -10.45
C LYS D 269 20.51 32.78 -11.03
N TYR D 270 19.58 32.85 -11.98
CA TYR D 270 19.02 31.65 -12.61
C TYR D 270 20.03 30.89 -13.46
N PRO D 271 20.31 29.64 -13.08
CA PRO D 271 21.26 28.80 -13.81
C PRO D 271 20.67 28.31 -15.13
N SER D 272 21.51 28.22 -16.16
CA SER D 272 21.06 27.77 -17.47
C SER D 272 22.06 26.84 -18.11
N TRP D 273 21.55 25.98 -18.99
CA TRP D 273 22.38 25.02 -19.71
C TRP D 273 22.05 25.15 -21.16
N THR D 274 23.07 25.05 -22.01
CA THR D 274 22.85 25.13 -23.44
C THR D 274 22.61 23.71 -23.92
N PHE D 275 21.47 23.51 -24.57
CA PHE D 275 21.05 22.22 -25.07
C PHE D 275 21.54 21.90 -26.48
N TYR D 276 22.27 20.79 -26.62
CA TYR D 276 22.80 20.35 -27.91
C TYR D 276 22.40 18.90 -28.19
N ILE D 277 22.59 18.47 -29.44
CA ILE D 277 22.34 17.10 -29.83
C ILE D 277 23.43 16.68 -30.80
N GLN D 278 23.77 15.40 -30.77
CA GLN D 278 24.74 14.84 -31.69
C GLN D 278 23.89 13.98 -32.62
N VAL D 279 24.20 13.98 -33.90
CA VAL D 279 23.45 13.21 -34.85
C VAL D 279 24.29 12.17 -35.59
N MET D 280 23.76 10.96 -35.66
CA MET D 280 24.42 9.86 -36.33
C MET D 280 23.38 9.19 -37.23
N THR D 281 23.62 9.23 -38.53
CA THR D 281 22.71 8.62 -39.49
C THR D 281 22.79 7.10 -39.36
N PHE D 282 21.70 6.43 -39.71
CA PHE D 282 21.65 4.97 -39.64
C PHE D 282 22.83 4.37 -40.38
N ASN D 283 23.26 5.09 -41.41
CA ASN D 283 24.38 4.66 -42.21
C ASN D 283 25.67 4.72 -41.41
N GLN D 284 25.86 5.83 -40.68
CA GLN D 284 27.04 6.02 -39.85
C GLN D 284 27.07 4.98 -38.74
N ALA D 285 25.88 4.63 -38.25
CA ALA D 285 25.76 3.63 -37.19
C ALA D 285 26.33 2.30 -37.67
N GLU D 286 26.24 2.05 -38.98
CA GLU D 286 26.75 0.82 -39.59
C GLU D 286 28.27 0.74 -39.49
N THR D 287 28.92 1.89 -39.62
CA THR D 287 30.37 1.95 -39.62
C THR D 287 31.08 2.28 -38.31
N PHE D 288 30.36 2.86 -37.36
CA PHE D 288 30.93 3.23 -36.05
C PHE D 288 31.76 2.07 -35.48
N PRO D 289 33.00 2.35 -35.05
CA PRO D 289 33.94 1.39 -34.48
C PRO D 289 33.45 0.49 -33.34
N PHE D 290 32.43 0.95 -32.61
CA PHE D 290 31.90 0.18 -31.49
C PHE D 290 30.40 0.10 -31.66
N ASN D 291 29.72 -0.40 -30.64
CA ASN D 291 28.27 -0.47 -30.66
C ASN D 291 27.79 0.93 -30.32
N PRO D 292 27.18 1.64 -31.28
CA PRO D 292 26.72 2.99 -30.97
C PRO D 292 25.68 3.02 -29.85
N PHE D 293 25.20 1.84 -29.49
CA PHE D 293 24.18 1.69 -28.44
C PHE D 293 24.78 1.17 -27.15
N ASP D 294 26.11 1.05 -27.13
CA ASP D 294 26.84 0.59 -25.96
C ASP D 294 26.94 1.82 -25.06
N LEU D 295 26.29 1.77 -23.90
CA LEU D 295 26.30 2.91 -22.99
C LEU D 295 27.66 3.28 -22.38
N THR D 296 28.66 2.42 -22.57
CA THR D 296 30.00 2.67 -22.03
C THR D 296 30.85 3.43 -23.05
N LYS D 297 30.25 3.78 -24.18
CA LYS D 297 30.98 4.48 -25.22
C LYS D 297 30.38 5.86 -25.43
N VAL D 298 31.18 6.76 -26.01
CA VAL D 298 30.72 8.10 -26.32
C VAL D 298 30.89 8.26 -27.83
N TRP D 299 30.24 9.27 -28.40
CA TRP D 299 30.37 9.56 -29.82
C TRP D 299 31.35 10.73 -29.84
N PRO D 300 32.60 10.48 -30.23
CA PRO D 300 33.64 11.51 -30.30
C PRO D 300 33.19 12.77 -31.01
N HIS D 301 33.25 13.89 -30.30
CA HIS D 301 32.85 15.20 -30.83
C HIS D 301 33.52 15.50 -32.17
N LYS D 302 34.76 15.04 -32.32
CA LYS D 302 35.52 15.23 -33.54
C LYS D 302 34.72 14.72 -34.74
N ASP D 303 34.11 13.56 -34.57
CA ASP D 303 33.35 12.94 -35.63
C ASP D 303 31.85 13.26 -35.60
N TYR D 304 31.35 13.64 -34.42
CA TYR D 304 29.94 13.99 -34.25
C TYR D 304 29.79 15.28 -33.45
N PRO D 305 29.87 16.44 -34.13
CA PRO D 305 29.77 17.79 -33.57
C PRO D 305 28.45 18.09 -32.88
N LEU D 306 28.52 18.88 -31.82
CA LEU D 306 27.33 19.26 -31.10
C LEU D 306 26.55 20.28 -31.90
N ILE D 307 25.28 20.00 -32.08
CA ILE D 307 24.38 20.87 -32.82
C ILE D 307 23.54 21.61 -31.79
N PRO D 308 23.69 22.94 -31.72
CA PRO D 308 22.92 23.75 -30.77
C PRO D 308 21.43 23.61 -31.01
N VAL D 309 20.65 23.54 -29.94
CA VAL D 309 19.22 23.39 -30.08
C VAL D 309 18.45 24.40 -29.25
N GLY D 310 18.86 24.61 -28.01
CA GLY D 310 18.16 25.56 -27.17
C GLY D 310 18.77 25.79 -25.81
N LYS D 311 17.94 26.20 -24.86
CA LYS D 311 18.40 26.49 -23.50
C LYS D 311 17.47 25.98 -22.41
N LEU D 312 18.08 25.54 -21.31
CA LEU D 312 17.36 25.08 -20.14
C LEU D 312 17.59 26.18 -19.10
N VAL D 313 16.51 26.72 -18.57
CA VAL D 313 16.60 27.80 -17.58
C VAL D 313 15.78 27.48 -16.33
N LEU D 314 16.41 27.60 -15.17
CA LEU D 314 15.76 27.34 -13.88
C LEU D 314 15.56 28.64 -13.13
N ASN D 315 14.33 29.13 -13.15
CA ASN D 315 14.01 30.39 -12.50
C ASN D 315 12.94 30.32 -11.43
N ARG D 316 12.68 29.12 -10.90
CA ARG D 316 11.67 28.99 -9.86
C ARG D 316 11.93 27.88 -8.87
N ASN D 317 11.91 28.24 -7.59
CA ASN D 317 12.13 27.29 -6.51
C ASN D 317 10.84 26.59 -6.19
N PRO D 318 10.91 25.34 -5.69
CA PRO D 318 9.68 24.65 -5.35
C PRO D 318 9.08 25.32 -4.11
N VAL D 319 7.77 25.26 -3.96
CA VAL D 319 7.12 25.87 -2.80
C VAL D 319 6.99 24.86 -1.68
N ASN D 320 6.73 23.60 -2.03
CA ASN D 320 6.64 22.54 -1.02
C ASN D 320 7.46 21.39 -1.56
N TYR D 321 8.62 21.18 -0.95
CA TYR D 321 9.56 20.15 -1.37
C TYR D 321 8.98 18.76 -1.52
N PHE D 322 8.19 18.31 -0.55
CA PHE D 322 7.61 16.98 -0.61
C PHE D 322 6.70 16.80 -1.81
N ALA D 323 5.77 17.74 -1.99
CA ALA D 323 4.81 17.68 -3.08
C ALA D 323 5.42 17.86 -4.45
N GLU D 324 6.38 18.79 -4.54
CA GLU D 324 7.01 19.12 -5.82
C GLU D 324 8.34 18.47 -6.15
N VAL D 325 9.04 17.95 -5.16
CA VAL D 325 10.34 17.33 -5.41
C VAL D 325 10.39 15.88 -5.00
N GLU D 326 10.02 15.59 -3.77
CA GLU D 326 10.07 14.22 -3.29
C GLU D 326 9.13 13.35 -4.11
N GLN D 327 7.96 13.91 -4.44
CA GLN D 327 6.97 13.18 -5.21
C GLN D 327 7.13 13.21 -6.71
N ILE D 328 8.05 13.99 -7.24
CA ILE D 328 8.21 14.06 -8.68
C ILE D 328 8.68 12.73 -9.25
N ALA D 329 8.21 12.40 -10.45
CA ALA D 329 8.53 11.14 -11.11
C ALA D 329 8.87 11.31 -12.58
N PHE D 330 10.04 10.81 -12.97
CA PHE D 330 10.49 10.89 -14.35
C PHE D 330 10.55 9.48 -14.93
N ASP D 331 9.96 9.31 -16.12
CA ASP D 331 9.96 8.00 -16.81
C ASP D 331 10.64 8.17 -18.18
N PRO D 332 11.79 7.50 -18.41
CA PRO D 332 12.47 7.63 -19.69
C PRO D 332 11.52 7.26 -20.83
N SER D 333 10.55 6.41 -20.50
CA SER D 333 9.53 5.95 -21.44
C SER D 333 8.60 7.08 -21.87
N ASN D 334 8.62 8.20 -21.17
CA ASN D 334 7.78 9.33 -21.53
C ASN D 334 8.43 10.12 -22.66
N MET D 335 8.06 9.79 -23.89
CA MET D 335 8.59 10.44 -25.07
C MET D 335 7.45 10.70 -26.05
N PRO D 336 7.30 11.94 -26.51
CA PRO D 336 6.25 12.32 -27.46
C PRO D 336 6.67 11.99 -28.91
N PRO D 337 5.73 12.08 -29.86
CA PRO D 337 6.07 11.78 -31.25
C PRO D 337 7.30 12.60 -31.69
N GLY D 338 8.20 11.97 -32.42
CA GLY D 338 9.39 12.66 -32.88
C GLY D 338 10.62 12.30 -32.06
N ILE D 339 10.40 11.63 -30.93
CA ILE D 339 11.49 11.21 -30.05
C ILE D 339 11.21 9.77 -29.66
N GLU D 340 12.13 8.86 -29.97
CA GLU D 340 11.93 7.45 -29.67
C GLU D 340 13.15 6.78 -29.07
N ALA D 341 12.97 5.56 -28.57
CA ALA D 341 14.05 4.80 -27.98
C ALA D 341 14.96 4.20 -29.05
N SER D 342 16.15 3.78 -28.64
CA SER D 342 17.11 3.15 -29.54
C SER D 342 17.27 1.76 -28.95
N PRO D 343 17.92 0.83 -29.68
CA PRO D 343 18.07 -0.49 -29.09
C PRO D 343 19.09 -0.64 -27.94
N ASP D 344 19.54 0.47 -27.36
CA ASP D 344 20.48 0.45 -26.23
C ASP D 344 19.84 -0.41 -25.14
N LYS D 345 20.48 -1.53 -24.82
CA LYS D 345 19.95 -2.47 -23.82
C LYS D 345 19.60 -1.82 -22.50
N MET D 346 20.44 -0.89 -22.07
CA MET D 346 20.22 -0.18 -20.81
C MET D 346 18.97 0.69 -20.87
N LEU D 347 18.77 1.40 -21.99
CA LEU D 347 17.60 2.26 -22.15
C LEU D 347 16.35 1.40 -22.17
N GLN D 348 16.45 0.28 -22.86
CA GLN D 348 15.34 -0.65 -22.98
C GLN D 348 14.85 -1.05 -21.59
N GLY D 349 15.80 -1.41 -20.71
CA GLY D 349 15.44 -1.81 -19.36
C GLY D 349 14.81 -0.71 -18.56
N ARG D 350 15.24 0.52 -18.80
CA ARG D 350 14.70 1.68 -18.09
C ARG D 350 13.28 2.01 -18.53
N LEU D 351 12.92 1.53 -19.71
CA LEU D 351 11.57 1.77 -20.21
C LEU D 351 10.58 1.11 -19.28
N PHE D 352 11.03 0.06 -18.59
CA PHE D 352 10.18 -0.67 -17.66
C PHE D 352 10.33 -0.23 -16.21
N ALA D 353 11.57 -0.23 -15.74
CA ALA D 353 11.88 0.10 -14.35
C ALA D 353 11.23 1.33 -13.76
N TYR D 354 11.28 2.45 -14.47
CA TYR D 354 10.75 3.69 -13.92
C TYR D 354 9.28 3.76 -13.53
N PRO D 355 8.36 3.63 -14.51
CA PRO D 355 6.96 3.70 -14.07
C PRO D 355 6.61 2.56 -13.12
N ASP D 356 7.33 1.45 -13.26
CA ASP D 356 7.11 0.29 -12.42
C ASP D 356 7.43 0.65 -10.96
N THR D 357 8.60 1.22 -10.74
CA THR D 357 9.00 1.59 -9.39
C THR D 357 8.13 2.74 -8.90
N HIS D 358 7.67 3.58 -9.81
CA HIS D 358 6.83 4.70 -9.46
C HIS D 358 5.46 4.26 -8.96
N ARG D 359 4.91 3.21 -9.56
CA ARG D 359 3.61 2.71 -9.15
C ARG D 359 3.70 2.16 -7.73
N HIS D 360 4.92 1.84 -7.32
CA HIS D 360 5.22 1.31 -5.99
C HIS D 360 5.54 2.44 -5.02
N ARG D 361 6.47 3.32 -5.41
CA ARG D 361 6.88 4.42 -4.56
C ARG D 361 5.79 5.46 -4.30
N LEU D 362 5.13 5.90 -5.36
CA LEU D 362 4.08 6.90 -5.24
C LEU D 362 2.68 6.28 -5.25
N GLY D 363 2.45 5.32 -6.12
CA GLY D 363 1.14 4.68 -6.18
C GLY D 363 0.65 4.51 -7.58
N PRO D 364 -0.36 3.67 -7.80
CA PRO D 364 -0.94 3.40 -9.12
C PRO D 364 -1.23 4.66 -9.92
N ASN D 365 -1.84 5.65 -9.29
CA ASN D 365 -2.18 6.89 -9.96
C ASN D 365 -1.16 8.00 -9.74
N TYR D 366 0.13 7.66 -9.75
CA TYR D 366 1.17 8.66 -9.53
C TYR D 366 1.15 9.78 -10.56
N LEU D 367 0.65 9.50 -11.75
CA LEU D 367 0.59 10.52 -12.81
C LEU D 367 -0.49 11.57 -12.51
N HIS D 368 -1.23 11.37 -11.44
CA HIS D 368 -2.27 12.32 -11.04
C HIS D 368 -1.69 13.40 -10.14
N ILE D 369 -0.55 13.11 -9.51
CA ILE D 369 0.09 14.08 -8.64
C ILE D 369 0.42 15.30 -9.50
N PRO D 370 -0.05 16.48 -9.09
CA PRO D 370 0.17 17.73 -9.80
C PRO D 370 1.50 17.86 -10.54
N VAL D 371 2.62 17.74 -9.84
CA VAL D 371 3.93 17.87 -10.46
C VAL D 371 4.20 16.84 -11.58
N ASN D 372 3.49 15.72 -11.55
CA ASN D 372 3.68 14.69 -12.58
C ASN D 372 2.63 14.73 -13.69
N CYS D 373 1.60 15.55 -13.49
N CYS D 373 1.56 15.48 -13.47
CA CYS D 373 0.51 15.71 -14.46
CA CYS D 373 0.47 15.60 -14.46
C CYS D 373 0.98 16.34 -15.77
C CYS D 373 0.98 16.28 -15.73
N PRO D 374 0.56 15.77 -16.90
CA PRO D 374 0.97 16.35 -18.19
C PRO D 374 -0.06 17.47 -18.46
N TYR D 375 -0.01 18.52 -17.64
CA TYR D 375 -0.97 19.63 -17.72
C TYR D 375 -1.08 20.39 -19.03
N ARG D 376 -0.05 20.34 -19.87
CA ARG D 376 -0.11 21.04 -21.15
C ARG D 376 -0.73 20.12 -22.21
N ALA D 377 -1.30 19.02 -21.75
CA ALA D 377 -1.93 18.04 -22.62
C ALA D 377 -3.24 17.54 -22.04
N ARG D 378 -4.09 17.06 -22.93
CA ARG D 378 -5.39 16.51 -22.59
C ARG D 378 -5.30 14.97 -22.46
N VAL D 379 -5.32 14.47 -21.23
CA VAL D 379 -5.23 13.04 -21.02
C VAL D 379 -6.61 12.43 -21.25
N ALA D 380 -6.71 11.63 -22.30
CA ALA D 380 -7.96 10.98 -22.67
C ALA D 380 -7.66 9.58 -23.15
N ASN D 381 -8.19 8.61 -22.42
CA ASN D 381 -7.98 7.20 -22.72
C ASN D 381 -9.06 6.30 -22.12
N TYR D 382 -8.75 5.03 -22.01
CA TYR D 382 -9.69 4.05 -21.48
C TYR D 382 -9.22 3.46 -20.17
N GLN D 383 -8.32 4.18 -19.51
CA GLN D 383 -7.78 3.75 -18.22
C GLN D 383 -8.70 4.32 -17.15
N ARG D 384 -9.03 3.52 -16.15
CA ARG D 384 -9.93 3.98 -15.10
C ARG D 384 -9.56 3.48 -13.72
N ASP D 385 -10.17 4.11 -12.73
CA ASP D 385 -10.01 3.73 -11.33
C ASP D 385 -8.62 3.77 -10.75
N GLY D 386 -8.32 2.77 -9.92
CA GLY D 386 -7.02 2.71 -9.28
C GLY D 386 -7.06 3.49 -7.97
N PRO D 387 -6.24 3.09 -6.98
CA PRO D 387 -6.16 3.74 -5.65
C PRO D 387 -5.94 5.24 -5.74
N MET D 388 -6.54 5.97 -4.80
CA MET D 388 -6.39 7.42 -4.75
C MET D 388 -6.67 8.09 -6.09
N CYS D 389 -7.80 7.76 -6.69
CA CYS D 389 -8.16 8.33 -7.97
C CYS D 389 -8.66 9.77 -7.81
N MET D 390 -7.73 10.72 -7.82
CA MET D 390 -8.05 12.15 -7.67
C MET D 390 -8.38 12.86 -8.95
N GLN D 391 -9.59 12.71 -9.42
CA GLN D 391 -9.99 13.37 -10.64
C GLN D 391 -11.41 12.93 -10.89
N ASP D 392 -11.97 13.30 -12.04
CA ASP D 392 -13.31 12.87 -12.34
C ASP D 392 -13.28 11.45 -12.90
N ASN D 393 -12.07 10.88 -13.01
CA ASN D 393 -11.88 9.52 -13.52
C ASN D 393 -12.46 9.47 -14.93
N GLN D 394 -12.37 10.61 -15.63
CA GLN D 394 -12.88 10.76 -16.98
C GLN D 394 -14.40 10.62 -17.12
N GLY D 395 -15.11 10.91 -16.03
CA GLY D 395 -16.57 10.87 -16.03
C GLY D 395 -17.29 9.62 -16.47
N GLY D 396 -18.36 9.83 -17.25
CA GLY D 396 -19.15 8.71 -17.73
C GLY D 396 -18.83 8.33 -19.16
N ALA D 397 -17.65 8.73 -19.63
CA ALA D 397 -17.21 8.43 -20.98
C ALA D 397 -17.00 6.93 -21.18
N PRO D 398 -17.43 6.40 -22.34
CA PRO D 398 -17.30 4.97 -22.67
C PRO D 398 -15.87 4.53 -22.37
N ASN D 399 -15.74 3.44 -21.63
CA ASN D 399 -14.44 2.94 -21.20
C ASN D 399 -13.84 1.80 -21.99
N TYR D 400 -14.32 1.55 -23.20
CA TYR D 400 -13.78 0.46 -23.99
C TYR D 400 -13.45 0.95 -25.39
N TYR D 401 -12.49 0.29 -26.02
CA TYR D 401 -12.04 0.65 -27.36
C TYR D 401 -11.86 -0.63 -28.15
N PRO D 402 -12.40 -0.67 -29.37
CA PRO D 402 -13.15 0.40 -30.02
C PRO D 402 -14.58 0.54 -29.49
N ASN D 403 -15.21 1.65 -29.83
CA ASN D 403 -16.58 1.90 -29.39
C ASN D 403 -17.31 2.80 -30.38
N SER D 404 -18.63 2.74 -30.36
CA SER D 404 -19.47 3.54 -31.25
C SER D 404 -20.09 4.72 -30.52
N PHE D 405 -19.43 5.20 -29.47
CA PHE D 405 -20.00 6.30 -28.69
C PHE D 405 -19.20 7.57 -28.54
N GLY D 406 -18.30 7.82 -29.48
CA GLY D 406 -17.50 9.05 -29.47
C GLY D 406 -16.34 9.21 -28.51
N ALA D 407 -15.94 8.13 -27.84
CA ALA D 407 -14.82 8.20 -26.89
C ALA D 407 -13.51 8.50 -27.64
N PRO D 408 -12.38 8.68 -26.93
CA PRO D 408 -11.10 8.98 -27.59
C PRO D 408 -10.66 8.04 -28.71
N GLU D 409 -9.99 8.63 -29.70
CA GLU D 409 -9.51 7.88 -30.85
C GLU D 409 -8.01 8.01 -31.06
N GLN D 410 -7.40 6.92 -31.51
CA GLN D 410 -5.98 6.87 -31.80
C GLN D 410 -5.72 7.70 -33.02
N GLN D 411 -4.58 8.36 -33.06
CA GLN D 411 -4.20 9.22 -34.17
C GLN D 411 -3.04 8.66 -34.99
N PRO D 412 -3.28 8.35 -36.29
CA PRO D 412 -2.29 7.80 -37.21
C PRO D 412 -0.95 8.54 -37.27
N SER D 413 -0.99 9.85 -37.04
CA SER D 413 0.22 10.69 -37.06
C SER D 413 1.13 10.38 -35.87
N ALA D 414 0.56 9.73 -34.85
CA ALA D 414 1.31 9.39 -33.65
C ALA D 414 2.02 8.04 -33.78
N LEU D 415 1.76 7.33 -34.87
CA LEU D 415 2.39 6.03 -35.09
C LEU D 415 3.90 6.15 -34.97
N GLU D 416 4.52 5.13 -34.40
CA GLU D 416 5.97 5.12 -34.19
C GLU D 416 6.72 4.70 -35.46
N HIS D 417 8.00 5.07 -35.52
CA HIS D 417 8.87 4.74 -36.64
C HIS D 417 9.32 3.29 -36.56
N SER D 418 9.31 2.60 -37.70
CA SER D 418 9.69 1.19 -37.74
C SER D 418 11.11 0.95 -38.23
N ILE D 419 11.79 0.03 -37.57
CA ILE D 419 13.16 -0.35 -37.94
C ILE D 419 13.15 -1.86 -38.13
N GLN D 420 13.83 -2.34 -39.16
CA GLN D 420 13.91 -3.76 -39.45
C GLN D 420 15.01 -4.42 -38.63
N TYR D 421 14.67 -5.52 -37.97
CA TYR D 421 15.60 -6.31 -37.15
C TYR D 421 15.53 -7.76 -37.57
N SER D 422 16.65 -8.46 -37.44
CA SER D 422 16.71 -9.88 -37.79
C SER D 422 17.78 -10.60 -36.98
N GLY D 423 17.59 -11.90 -36.81
CA GLY D 423 18.54 -12.68 -36.06
C GLY D 423 17.84 -13.58 -35.06
N GLU D 424 18.62 -14.17 -34.17
CA GLU D 424 18.08 -15.04 -33.16
C GLU D 424 17.61 -14.24 -31.97
N VAL D 425 16.55 -14.72 -31.35
CA VAL D 425 16.02 -14.10 -30.14
C VAL D 425 16.71 -14.86 -29.01
N ARG D 426 17.71 -14.23 -28.40
CA ARG D 426 18.45 -14.86 -27.32
C ARG D 426 19.28 -13.83 -26.57
N ARG D 427 19.97 -14.32 -25.54
CA ARG D 427 20.82 -13.48 -24.72
C ARG D 427 22.19 -13.44 -25.36
N PHE D 428 22.55 -12.28 -25.90
CA PHE D 428 23.84 -12.09 -26.54
C PHE D 428 24.81 -11.49 -25.55
N ASN D 429 25.96 -12.13 -25.40
CA ASN D 429 26.98 -11.67 -24.46
C ASN D 429 27.64 -10.37 -24.91
N THR D 430 27.69 -9.38 -24.04
CA THR D 430 28.34 -8.12 -24.37
C THR D 430 29.42 -7.77 -23.34
N ALA D 431 29.71 -8.71 -22.44
CA ALA D 431 30.72 -8.50 -21.43
C ALA D 431 32.09 -8.35 -22.04
N ASN D 432 32.28 -8.93 -23.22
CA ASN D 432 33.56 -8.88 -23.90
C ASN D 432 33.71 -7.81 -24.96
N ASP D 433 32.80 -6.85 -25.00
CA ASP D 433 32.92 -5.75 -25.96
C ASP D 433 34.14 -4.96 -25.55
N ASP D 434 34.50 -3.93 -26.31
CA ASP D 434 35.66 -3.13 -25.98
C ASP D 434 35.45 -2.43 -24.65
N ASN D 435 36.36 -2.65 -23.71
CA ASN D 435 36.27 -2.05 -22.39
C ASN D 435 37.41 -1.10 -22.05
N VAL D 436 38.40 -0.99 -22.94
CA VAL D 436 39.56 -0.17 -22.66
C VAL D 436 39.92 0.98 -23.59
N THR D 437 39.66 0.83 -24.88
CA THR D 437 40.02 1.84 -25.85
C THR D 437 39.60 3.26 -25.53
N GLN D 438 38.30 3.52 -25.42
CA GLN D 438 37.86 4.88 -25.13
C GLN D 438 38.36 5.36 -23.78
N VAL D 439 38.53 4.43 -22.85
CA VAL D 439 39.00 4.76 -21.52
C VAL D 439 40.43 5.31 -21.62
N ARG D 440 41.25 4.66 -22.43
CA ARG D 440 42.64 5.06 -22.60
C ARG D 440 42.74 6.47 -23.16
N ALA D 441 41.87 6.82 -24.09
CA ALA D 441 41.85 8.15 -24.70
C ALA D 441 41.55 9.20 -23.65
N PHE D 442 40.72 8.83 -22.68
CA PHE D 442 40.35 9.75 -21.61
C PHE D 442 41.54 9.93 -20.66
N TYR D 443 42.18 8.82 -20.30
CA TYR D 443 43.32 8.86 -19.39
C TYR D 443 44.51 9.60 -20.00
N VAL D 444 44.81 9.29 -21.26
CA VAL D 444 45.94 9.88 -21.97
C VAL D 444 45.78 11.32 -22.46
N ASN D 445 44.66 11.62 -23.11
CA ASN D 445 44.44 12.96 -23.66
C ASN D 445 43.50 13.91 -22.95
N VAL D 446 42.35 13.42 -22.49
CA VAL D 446 41.41 14.31 -21.83
C VAL D 446 41.97 14.79 -20.49
N LEU D 447 42.79 13.97 -19.85
CA LEU D 447 43.40 14.31 -18.57
C LEU D 447 44.89 14.61 -18.71
N ASN D 448 45.39 15.50 -17.85
CA ASN D 448 46.82 15.84 -17.86
C ASN D 448 47.51 15.10 -16.73
N GLU D 449 48.80 15.33 -16.56
CA GLU D 449 49.58 14.65 -15.52
C GLU D 449 49.03 14.90 -14.11
N GLU D 450 48.71 16.16 -13.83
CA GLU D 450 48.19 16.57 -12.53
C GLU D 450 46.87 15.86 -12.18
N GLN D 451 45.98 15.77 -13.17
CA GLN D 451 44.68 15.13 -12.99
C GLN D 451 44.80 13.60 -12.85
N ARG D 452 45.65 13.00 -13.66
CA ARG D 452 45.87 11.55 -13.59
C ARG D 452 46.35 11.17 -12.19
N LYS D 453 47.21 12.01 -11.62
CA LYS D 453 47.74 11.77 -10.28
C LYS D 453 46.59 11.73 -9.28
N ARG D 454 45.70 12.71 -9.34
CA ARG D 454 44.57 12.74 -8.42
C ARG D 454 43.64 11.53 -8.66
N LEU D 455 43.37 11.25 -9.92
CA LEU D 455 42.52 10.12 -10.30
C LEU D 455 43.00 8.86 -9.60
N CYS D 456 44.29 8.59 -9.70
CA CYS D 456 44.87 7.40 -9.10
C CYS D 456 44.84 7.39 -7.58
N GLU D 457 45.10 8.53 -6.94
CA GLU D 457 45.05 8.55 -5.48
C GLU D 457 43.63 8.53 -4.97
N ASN D 458 42.69 8.91 -5.84
CA ASN D 458 41.29 8.86 -5.47
C ASN D 458 40.87 7.40 -5.53
N ILE D 459 41.23 6.71 -6.62
CA ILE D 459 40.90 5.29 -6.74
C ILE D 459 41.59 4.48 -5.65
N ALA D 460 42.90 4.63 -5.55
CA ALA D 460 43.70 3.92 -4.55
C ALA D 460 43.22 4.18 -3.12
N GLY D 461 42.79 5.41 -2.85
CA GLY D 461 42.30 5.76 -1.53
C GLY D 461 41.09 4.94 -1.09
N HIS D 462 40.23 4.59 -2.03
CA HIS D 462 39.05 3.79 -1.72
C HIS D 462 39.35 2.32 -1.88
N LEU D 463 40.00 1.97 -2.98
CA LEU D 463 40.36 0.60 -3.28
C LEU D 463 41.21 -0.10 -2.23
N LYS D 464 42.04 0.67 -1.52
CA LYS D 464 42.92 0.12 -0.50
C LYS D 464 42.22 -0.64 0.63
N ASP D 465 40.95 -0.34 0.86
CA ASP D 465 40.20 -1.04 1.90
C ASP D 465 39.61 -2.34 1.41
N ALA D 466 39.85 -2.65 0.13
CA ALA D 466 39.35 -3.90 -0.44
C ALA D 466 40.45 -4.93 -0.25
N GLN D 467 40.06 -6.22 -0.26
CA GLN D 467 41.02 -7.31 -0.11
C GLN D 467 42.08 -7.27 -1.19
N ILE D 468 43.24 -7.83 -0.90
CA ILE D 468 44.35 -7.84 -1.86
C ILE D 468 44.00 -8.48 -3.20
N PHE D 469 43.34 -9.63 -3.18
CA PHE D 469 42.99 -10.29 -4.44
C PHE D 469 42.12 -9.42 -5.33
N ILE D 470 41.27 -8.61 -4.70
CA ILE D 470 40.38 -7.73 -5.43
C ILE D 470 41.22 -6.57 -5.95
N GLN D 471 42.16 -6.11 -5.14
CA GLN D 471 43.03 -5.01 -5.54
C GLN D 471 43.77 -5.42 -6.81
N LYS D 472 44.38 -6.60 -6.77
CA LYS D 472 45.13 -7.11 -7.93
C LYS D 472 44.26 -7.24 -9.17
N LYS D 473 43.05 -7.76 -9.01
CA LYS D 473 42.14 -7.92 -10.13
C LYS D 473 41.80 -6.54 -10.71
N ALA D 474 41.64 -5.55 -9.84
CA ALA D 474 41.35 -4.20 -10.25
C ALA D 474 42.52 -3.59 -11.03
N VAL D 475 43.72 -3.70 -10.47
CA VAL D 475 44.92 -3.16 -11.10
C VAL D 475 45.17 -3.75 -12.48
N LYS D 476 44.89 -5.05 -12.63
CA LYS D 476 45.09 -5.70 -13.92
C LYS D 476 44.25 -5.00 -14.98
N ASN D 477 43.01 -4.66 -14.61
CA ASN D 477 42.10 -3.99 -15.53
C ASN D 477 42.66 -2.63 -15.91
N PHE D 478 43.15 -1.90 -14.90
CA PHE D 478 43.73 -0.58 -15.10
C PHE D 478 45.01 -0.66 -15.95
N THR D 479 45.81 -1.70 -15.73
CA THR D 479 47.04 -1.90 -16.47
C THR D 479 46.70 -2.10 -17.95
N GLU D 480 45.58 -2.76 -18.22
CA GLU D 480 45.13 -2.99 -19.59
C GLU D 480 44.72 -1.71 -20.29
N VAL D 481 44.29 -0.73 -19.51
CA VAL D 481 43.90 0.55 -20.09
C VAL D 481 45.19 1.27 -20.41
N HIS D 482 46.14 1.19 -19.48
CA HIS D 482 47.45 1.80 -19.64
C HIS D 482 48.34 1.37 -18.49
N PRO D 483 49.55 0.87 -18.82
CA PRO D 483 50.53 0.41 -17.84
C PRO D 483 50.75 1.42 -16.72
N ASP D 484 50.80 2.69 -17.10
CA ASP D 484 50.99 3.77 -16.15
C ASP D 484 49.80 3.87 -15.20
N TYR D 485 48.60 3.66 -15.72
CA TYR D 485 47.38 3.71 -14.92
C TYR D 485 47.46 2.68 -13.81
N GLY D 486 47.68 1.42 -14.18
CA GLY D 486 47.78 0.35 -13.20
C GLY D 486 48.93 0.52 -12.24
N SER D 487 50.13 0.74 -12.76
CA SER D 487 51.34 0.89 -11.94
C SER D 487 51.31 2.05 -10.96
N HIS D 488 50.64 3.15 -11.33
CA HIS D 488 50.56 4.30 -10.45
C HIS D 488 49.63 3.97 -9.28
N ILE D 489 48.53 3.28 -9.58
CA ILE D 489 47.57 2.89 -8.56
C ILE D 489 48.19 1.86 -7.63
N GLN D 490 48.88 0.88 -8.20
CA GLN D 490 49.51 -0.16 -7.40
C GLN D 490 50.54 0.44 -6.45
N ALA D 491 51.26 1.46 -6.94
CA ALA D 491 52.28 2.15 -6.15
C ALA D 491 51.67 2.81 -4.92
N LEU D 492 50.51 3.43 -5.10
CA LEU D 492 49.81 4.09 -4.00
C LEU D 492 49.21 3.08 -3.03
N LEU D 493 48.73 1.97 -3.58
CA LEU D 493 48.16 0.90 -2.76
C LEU D 493 49.24 0.32 -1.87
N ASP D 494 50.41 0.05 -2.46
CA ASP D 494 51.54 -0.53 -1.73
C ASP D 494 51.87 0.24 -0.45
N LYS D 495 51.93 1.56 -0.54
CA LYS D 495 52.25 2.37 0.62
C LYS D 495 51.08 2.41 1.60
N TYR D 496 49.86 2.25 1.08
CA TYR D 496 48.66 2.25 1.93
C TYR D 496 48.64 1.01 2.80
N ASN D 497 48.99 -0.13 2.19
CA ASN D 497 49.02 -1.40 2.89
C ASN D 497 50.14 -1.51 3.94
C CYN E . -7.65 -13.42 -17.53
N CYN E . -8.67 -13.17 -17.08
CHA HEM F . -6.76 -13.91 -13.94
CHB HEM F . -5.03 -10.85 -17.18
CHC HEM F . -6.27 -13.90 -20.72
CHD HEM F . -7.21 -17.26 -17.41
C1A HEM F . -6.27 -12.75 -14.49
C2A HEM F . -5.78 -11.58 -13.77
C3A HEM F . -5.28 -10.72 -14.68
C4A HEM F . -5.45 -11.35 -15.97
CMA HEM F . -4.59 -9.38 -14.46
CAA HEM F . -5.87 -11.38 -12.24
CBA HEM F . -4.74 -12.07 -11.49
CGA HEM F . -4.87 -11.98 -9.98
O1A HEM F . -4.57 -12.98 -9.30
O2A HEM F . -5.25 -10.91 -9.47
C1B HEM F . -5.21 -11.46 -18.39
C2B HEM F . -4.84 -10.82 -19.63
C3B HEM F . -5.27 -11.60 -20.64
C4B HEM F . -5.88 -12.77 -20.03
CMB HEM F . -4.12 -9.48 -19.66
CAB HEM F . -5.16 -11.35 -22.11
CBB HEM F . -4.06 -11.16 -22.75
C1C HEM F . -6.58 -15.12 -20.16
C2C HEM F . -6.70 -16.39 -20.86
C3C HEM F . -6.90 -17.34 -19.94
C4C HEM F . -6.94 -16.67 -18.64
CMC HEM F . -6.51 -16.59 -22.36
CAC HEM F . -6.97 -18.81 -20.14
CBC HEM F . -6.16 -19.57 -20.80
C1D HEM F . -7.23 -16.61 -16.19
C2D HEM F . -7.54 -17.23 -14.93
C3D HEM F . -7.45 -16.30 -13.99
C4D HEM F . -7.06 -15.06 -14.62
CMD HEM F . -7.82 -18.70 -14.72
CAD HEM F . -7.75 -16.52 -12.51
CBD HEM F . -6.57 -17.06 -11.76
CGD HEM F . -6.90 -17.44 -10.34
O1D HEM F . -7.71 -18.38 -10.16
O2D HEM F . -6.36 -16.82 -9.40
NA HEM F . -6.05 -12.58 -15.85
NB HEM F . -5.82 -12.67 -18.63
NC HEM F . -6.67 -15.32 -18.79
ND HEM F . -6.93 -15.25 -15.98
FE HEM F . -6.18 -13.91 -17.35
PA NDP G . -14.01 -32.64 -33.02
O1A NDP G . -15.42 -33.05 -33.26
O2A NDP G . -12.92 -33.67 -32.98
O5B NDP G . -13.96 -31.82 -31.62
C5B NDP G . -15.13 -31.21 -31.08
C4B NDP G . -14.85 -30.67 -29.69
O4B NDP G . -15.86 -29.71 -29.31
C3B NDP G . -14.84 -31.74 -28.61
O3B NDP G . -13.51 -31.99 -28.17
C2B NDP G . -15.78 -31.22 -27.51
O2B NDP G . -15.22 -31.40 -26.19
C1B NDP G . -16.03 -29.76 -27.88
N9A NDP G . -17.40 -29.20 -27.63
C8A NDP G . -18.58 -29.82 -27.84
N7A NDP G . -19.61 -29.00 -27.58
C5A NDP G . -19.02 -27.87 -27.20
C6A NDP G . -19.70 -26.73 -26.77
N6A NDP G . -21.04 -26.69 -26.64
N1A NDP G . -18.91 -25.69 -26.41
C2A NDP G . -17.57 -25.77 -26.49
N3A NDP G . -16.92 -26.87 -26.89
C4A NDP G . -17.65 -27.95 -27.25
O3 NDP G . -13.62 -31.54 -34.13
PN NDP G . -12.31 -30.72 -34.56
O1N NDP G . -11.22 -31.12 -33.64
O2N NDP G . -12.13 -30.80 -36.02
O5D NDP G . -12.78 -29.22 -34.25
C5D NDP G . -13.84 -28.62 -35.01
C4D NDP G . -14.48 -27.57 -34.14
O4D NDP G . -14.71 -28.08 -32.81
C3D NDP G . -13.61 -26.35 -33.99
O3D NDP G . -13.85 -25.43 -35.07
C2D NDP G . -14.01 -25.81 -32.62
O2D NDP G . -14.99 -24.78 -32.71
C1D NDP G . -14.59 -27.00 -31.87
N1N NDP G . -13.75 -27.44 -30.73
C2N NDP G . -12.48 -28.01 -30.99
C3N NDP G . -11.57 -28.25 -29.97
C7N NDP G . -10.11 -28.62 -30.30
O7N NDP G . -9.23 -28.57 -29.45
N7N NDP G . -9.86 -28.94 -31.57
C4N NDP G . -11.98 -27.99 -28.65
C5N NDP G . -13.25 -27.45 -28.37
C6N NDP G . -14.13 -27.16 -29.41
P2B NDP G . -15.21 -32.83 -25.41
O1X NDP G . -14.68 -32.47 -24.08
O2X NDP G . -14.27 -33.69 -26.19
O3X NDP G . -16.60 -33.30 -25.43
C CYN H . 9.56 8.78 19.39
N CYN H . 10.39 9.50 19.04
CHA HEM I . 9.88 5.80 17.45
CHB HEM I . 5.93 8.34 18.32
CHC HEM I . 7.80 9.90 22.45
CHD HEM I . 11.18 6.54 22.01
C1A HEM I . 8.71 6.45 17.24
C2A HEM I . 7.84 6.22 16.10
C3A HEM I . 6.71 6.92 16.38
C4A HEM I . 6.87 7.57 17.67
CMA HEM I . 5.48 7.05 15.51
CAA HEM I . 8.24 5.37 14.85
CBA HEM I . 7.96 3.88 15.08
CGA HEM I . 8.39 3.01 13.90
O1A HEM I . 8.83 1.87 14.15
O2A HEM I . 8.26 3.44 12.73
C1B HEM I . 6.08 8.93 19.56
C2B HEM I . 5.10 9.78 20.19
C3B HEM I . 5.65 10.31 21.28
C4B HEM I . 6.98 9.74 21.37
CMB HEM I . 3.72 10.02 19.62
CAB HEM I . 5.09 11.39 22.18
CBB HEM I . 3.85 11.51 22.54
C1C HEM I . 8.90 9.10 22.70
C2C HEM I . 9.53 8.99 24.01
C3C HEM I . 10.37 7.96 23.94
C4C HEM I . 10.32 7.45 22.57
CMC HEM I . 9.17 9.82 25.21
CAC HEM I . 11.19 7.37 25.03
CBC HEM I . 10.83 7.00 26.21
C1D HEM I . 11.15 6.12 20.71
C2D HEM I . 12.06 5.13 20.15
C3D HEM I . 11.71 4.93 18.86
C4D HEM I . 10.58 5.80 18.61
CMD HEM I . 13.17 4.45 20.91
CAD HEM I . 12.40 4.00 17.85
CBD HEM I . 12.00 2.55 17.91
CGD HEM I . 12.82 1.71 16.96
O1D HEM I . 14.05 1.59 17.19
O2D HEM I . 12.27 1.15 15.99
NA HEM I . 8.11 7.25 18.20
NB HEM I . 7.22 8.88 20.33
NC HEM I . 9.37 8.12 21.84
ND HEM I . 10.24 6.52 19.74
FE HEM I . 8.71 7.57 19.97
C CYN J . -20.98 -0.56 10.14
N CYN J . -21.23 -1.66 9.96
CHA HEM K . -19.45 1.01 7.39
CHB HEM K . -17.32 -0.19 11.47
CHC HEM K . -21.60 0.25 13.63
CHD HEM K . -23.41 2.30 9.76
C1A HEM K . -18.52 0.54 8.27
C2A HEM K . -17.14 0.23 7.96
C3A HEM K . -16.54 -0.06 9.11
C4A HEM K . -17.53 0.06 10.14
CMA HEM K . -15.09 -0.36 9.44
CAA HEM K . -16.53 0.41 6.57
CBA HEM K . -16.19 1.88 6.37
CGA HEM K . -15.63 2.18 5.00
O1A HEM K . -16.07 3.16 4.37
O2A HEM K . -14.72 1.44 4.54
C1B HEM K . -18.33 -0.14 12.41
C2B HEM K . -18.12 -0.43 13.80
C3B HEM K . -19.31 -0.39 14.42
C4B HEM K . -20.28 0.00 13.39
CMB HEM K . -16.77 -0.74 14.39
CAB HEM K . -19.64 -0.77 15.84
CBB HEM K . -19.21 -0.25 16.96
C1C HEM K . -22.46 0.77 12.74
C2C HEM K . -23.74 1.32 13.13
C3C HEM K . -24.19 2.02 12.09
C4C HEM K . -23.25 1.83 11.03
CMC HEM K . -24.35 1.12 14.51
CAC HEM K . -25.35 2.98 12.02
CBC HEM K . -25.77 3.84 12.93
C1D HEM K . -22.48 2.11 8.79
C2D HEM K . -22.68 2.48 7.43
C3D HEM K . -21.57 2.15 6.75
C4D HEM K . -20.69 1.50 7.71
CMD HEM K . -23.95 3.12 6.86
CAD HEM K . -21.32 2.37 5.24
CBD HEM K . -20.73 3.71 4.83
CGD HEM K . -20.60 3.86 3.31
O1D HEM K . -21.63 3.77 2.61
O2D HEM K . -19.46 4.07 2.83
NA HEM K . -18.75 0.43 9.61
NB HEM K . -19.66 0.16 12.15
NC HEM K . -22.16 1.10 11.44
ND HEM K . -21.25 1.50 8.97
FE HEM K . -20.50 0.92 10.51
PA NDP L . -44.58 4.16 18.25
O1A NDP L . -45.85 3.41 18.02
O2A NDP L . -44.60 5.63 18.49
O5B NDP L . -43.63 3.91 16.98
C5B NDP L . -43.73 2.75 16.17
C4B NDP L . -42.54 2.90 15.25
O4B NDP L . -42.15 1.65 14.70
C3B NDP L . -42.83 3.87 14.13
O3B NDP L . -42.02 5.06 14.27
C2B NDP L . -42.55 3.08 12.86
O2B NDP L . -41.83 3.89 11.92
C1B NDP L . -41.74 1.87 13.34
N9A NDP L . -41.97 0.56 12.67
C8A NDP L . -43.16 0.05 12.27
N7A NDP L . -43.01 -1.20 11.79
C5A NDP L . -41.71 -1.43 11.92
C6A NDP L . -41.04 -2.58 11.49
N6A NDP L . -41.69 -3.56 10.83
N1A NDP L . -39.70 -2.60 11.67
C2A NDP L . -39.04 -1.57 12.25
N3A NDP L . -39.69 -0.47 12.65
C4A NDP L . -41.03 -0.36 12.49
O3 NDP L . -43.76 3.46 19.46
PN NDP L . -42.76 3.97 20.62
O1N NDP L . -43.54 4.32 21.83
O2N NDP L . -41.90 5.02 20.01
O5D NDP L . -41.86 2.64 20.88
C5D NDP L . -42.40 1.30 20.81
C4D NDP L . -41.55 0.31 20.00
O4D NDP L . -41.54 0.61 18.58
C3D NDP L . -40.08 0.20 20.41
O3D NDP L . -39.86 -0.68 21.54
C2D NDP L . -39.40 -0.26 19.11
O2D NDP L . -39.27 -1.67 19.01
C1D NDP L . -40.26 0.27 17.95
N1N NDP L . -39.69 1.42 17.15
C2N NDP L . -39.56 2.69 17.76
C3N NDP L . -39.02 3.78 17.06
C7N NDP L . -38.66 5.07 17.83
O7N NDP L . -37.66 5.74 17.52
N7N NDP L . -39.38 5.33 18.91
C4N NDP L . -38.67 3.60 15.71
C5N NDP L . -38.80 2.35 15.09
C6N NDP L . -39.29 1.25 15.81
P2B NDP L . -42.58 5.01 11.02
O1X NDP L . -41.48 5.50 10.20
O2X NDP L . -43.10 6.02 11.97
O3X NDP L . -43.63 4.27 10.29
C CYN M . 19.29 5.19 -12.14
N CYN M . 20.01 5.19 -11.25
CHA HEM N . 16.35 6.88 -10.70
CHB HEM N . 16.47 2.45 -12.50
CHC HEM N . 20.10 3.78 -15.30
CHD HEM N . 19.35 8.32 -14.19
C1A HEM N . 16.10 5.54 -10.90
C2A HEM N . 15.09 4.74 -10.22
C3A HEM N . 15.15 3.50 -10.72
C4A HEM N . 16.17 3.51 -11.71
CMA HEM N . 14.32 2.28 -10.43
CAA HEM N . 14.11 5.25 -9.15
CBA HEM N . 13.07 6.15 -9.78
CGA HEM N . 12.11 6.75 -8.76
O1A HEM N . 11.69 7.90 -8.96
O2A HEM N . 11.77 6.07 -7.77
C1B HEM N . 17.42 2.48 -13.45
C2B HEM N . 17.77 1.35 -14.25
C3B HEM N . 18.86 1.68 -14.94
C4B HEM N . 19.16 3.05 -14.62
CMB HEM N . 16.95 0.08 -14.28
CAB HEM N . 19.68 0.85 -15.87
CBB HEM N . 19.27 0.21 -16.94
C1C HEM N . 20.21 5.12 -15.29
C2C HEM N . 20.94 5.88 -16.26
C3C HEM N . 20.65 7.18 -16.05
C4C HEM N . 19.75 7.21 -14.89
CMC HEM N . 21.84 5.29 -17.33
CAC HEM N . 21.06 8.40 -16.85
CBC HEM N . 21.05 8.59 -18.16
C1D HEM N . 18.54 8.29 -13.09
C2D HEM N . 18.06 9.44 -12.41
C3D HEM N . 17.21 9.08 -11.44
C4D HEM N . 17.18 7.65 -11.48
CMD HEM N . 18.57 10.81 -12.79
CAD HEM N . 16.49 9.99 -10.45
CBD HEM N . 15.34 10.82 -11.00
CGD HEM N . 14.76 11.80 -9.98
O1D HEM N . 15.43 12.80 -9.67
O2D HEM N . 13.63 11.55 -9.48
NA HEM N . 16.75 4.76 -11.83
NB HEM N . 18.26 3.54 -13.70
NC HEM N . 19.45 5.93 -14.49
ND HEM N . 17.97 7.17 -12.51
FE HEM N . 18.09 5.43 -13.23
#